data_3F79
#
_entry.id   3F79
#
_cell.length_a   124.872
_cell.length_b   124.872
_cell.length_c   92.900
_cell.angle_alpha   90.000
_cell.angle_beta   90.000
_cell.angle_gamma   120.000
#
_symmetry.space_group_name_H-M   'P 31'
#
loop_
_entity.id
_entity.type
_entity.pdbx_description
1 polymer 'Probable two-component response regulator'
2 non-polymer 'MAGNESIUM ION'
#
_entity_poly.entity_id   1
_entity_poly.type   'polypeptide(L)'
_entity_poly.pdbx_seq_one_letter_code
;AANRELQASLNLLQEDQNAGRQVQ(MSE)N(MSE)LPVTPWSIEGLEFSHRIIPSLYLSGDFVDYFRVDERRVAFYLADV
SGHGASSAFVTVLLKF(MSE)TTRLLYESRRNGTLPEFKPSEVLAHINRGLINTKLGKHVT(MSE)LGGVIDLEKNSLTY
SIGGHLPLPVLFVEGQAGYLEGRGLPVGLFDDATYDDRV(MSE)ELPPSFSLSLFSDGILDVLPGATLKEKEASLPEQVA
AAGGTLDGLRQVFGLANLAE(MSE)PDDIALLVLSRNLA
;
_entity_poly.pdbx_strand_id   A,B,C,D,E,F
#
loop_
_chem_comp.id
_chem_comp.type
_chem_comp.name
_chem_comp.formula
MG non-polymer 'MAGNESIUM ION' 'Mg 2'
#
# COMPACT_ATOMS: atom_id res chain seq x y z
N SER A 9 -26.16 -42.18 -7.65
CA SER A 9 -27.19 -41.54 -8.46
C SER A 9 -27.46 -40.11 -8.00
N LEU A 10 -28.08 -39.96 -6.83
CA LEU A 10 -28.42 -38.66 -6.30
C LEU A 10 -27.19 -37.87 -5.88
N ASN A 11 -26.23 -38.56 -5.26
CA ASN A 11 -25.02 -37.93 -4.77
C ASN A 11 -24.19 -37.35 -5.92
N LEU A 12 -24.21 -38.04 -7.05
CA LEU A 12 -23.52 -37.59 -8.25
C LEU A 12 -24.15 -36.32 -8.81
N LEU A 13 -25.48 -36.32 -8.89
CA LEU A 13 -26.22 -35.16 -9.38
C LEU A 13 -26.06 -33.99 -8.41
N GLN A 14 -25.97 -34.31 -7.12
CA GLN A 14 -25.77 -33.28 -6.10
C GLN A 14 -24.41 -32.60 -6.33
N GLU A 15 -23.41 -33.41 -6.66
CA GLU A 15 -22.06 -32.89 -6.90
C GLU A 15 -22.00 -32.08 -8.19
N ASP A 16 -22.91 -32.36 -9.12
CA ASP A 16 -22.99 -31.62 -10.37
C ASP A 16 -23.74 -30.30 -10.16
N GLN A 17 -24.73 -30.34 -9.28
CA GLN A 17 -25.52 -29.16 -8.96
C GLN A 17 -24.69 -28.16 -8.15
N ASN A 18 -23.83 -28.68 -7.29
CA ASN A 18 -22.97 -27.84 -6.47
C ASN A 18 -21.91 -27.14 -7.30
N ALA A 19 -21.57 -27.74 -8.44
CA ALA A 19 -20.59 -27.14 -9.35
C ALA A 19 -21.15 -25.89 -10.00
N GLY A 20 -22.42 -25.94 -10.39
CA GLY A 20 -23.09 -24.79 -10.97
C GLY A 20 -23.36 -23.71 -9.95
N ARG A 21 -23.35 -24.08 -8.67
CA ARG A 21 -23.55 -23.12 -7.59
C ARG A 21 -22.27 -22.34 -7.32
N GLN A 22 -21.14 -23.06 -7.30
CA GLN A 22 -19.85 -22.45 -7.03
C GLN A 22 -19.41 -21.54 -8.16
N VAL A 23 -19.87 -21.83 -9.37
CA VAL A 23 -19.50 -21.03 -10.53
C VAL A 23 -20.21 -19.69 -10.51
N GLN A 24 -21.39 -19.65 -9.90
CA GLN A 24 -22.16 -18.42 -9.78
C GLN A 24 -21.77 -17.65 -8.53
N MSE A 25 -21.14 -18.34 -7.58
CA MSE A 25 -20.67 -17.69 -6.36
C MSE A 25 -19.59 -16.68 -6.69
O MSE A 25 -19.53 -15.61 -6.08
CB MSE A 25 -20.13 -18.73 -5.37
CG MSE A 25 -21.15 -19.74 -4.87
SE MSE A 25 -22.64 -18.96 -3.88
CE MSE A 25 -23.83 -18.55 -5.37
N ASN A 26 -18.73 -17.01 -7.65
CA ASN A 26 -17.67 -16.12 -8.07
C ASN A 26 -18.15 -15.15 -9.15
N MSE A 27 -19.21 -15.55 -9.84
CA MSE A 27 -19.78 -14.75 -10.92
C MSE A 27 -20.29 -13.40 -10.40
O MSE A 27 -20.24 -12.39 -11.11
CB MSE A 27 -20.91 -15.51 -11.62
CG MSE A 27 -21.55 -14.76 -12.76
SE MSE A 27 -23.09 -15.71 -13.48
CE MSE A 27 -24.13 -15.87 -11.84
N LEU A 28 -20.78 -13.39 -9.16
CA LEU A 28 -21.29 -12.17 -8.56
C LEU A 28 -20.22 -11.44 -7.76
N PRO A 29 -20.32 -10.10 -7.69
CA PRO A 29 -19.37 -9.26 -6.95
C PRO A 29 -19.33 -9.60 -5.47
N VAL A 30 -18.40 -8.99 -4.73
CA VAL A 30 -18.28 -9.22 -3.30
C VAL A 30 -19.10 -8.22 -2.49
N THR A 31 -19.48 -8.62 -1.28
CA THR A 31 -20.27 -7.75 -0.40
C THR A 31 -19.73 -7.77 1.03
N PRO A 32 -19.81 -6.64 1.72
CA PRO A 32 -20.32 -5.37 1.18
C PRO A 32 -19.22 -4.60 0.46
N TRP A 33 -19.55 -3.98 -0.66
CA TRP A 33 -18.57 -3.19 -1.40
C TRP A 33 -19.01 -1.73 -1.53
N SER A 34 -18.22 -0.83 -0.94
CA SER A 34 -18.56 0.59 -0.92
C SER A 34 -17.62 1.44 -1.77
N ILE A 35 -18.19 2.42 -2.45
CA ILE A 35 -17.42 3.36 -3.24
C ILE A 35 -18.04 4.76 -3.17
N GLU A 36 -17.18 5.77 -3.01
CA GLU A 36 -17.63 7.17 -2.93
C GLU A 36 -18.83 7.36 -2.00
N GLY A 37 -18.87 6.59 -0.92
CA GLY A 37 -19.93 6.73 0.06
C GLY A 37 -21.09 5.78 -0.17
N LEU A 38 -21.11 5.14 -1.33
CA LEU A 38 -22.18 4.23 -1.69
C LEU A 38 -21.80 2.78 -1.39
N GLU A 39 -22.62 2.11 -0.59
CA GLU A 39 -22.34 0.73 -0.21
C GLU A 39 -23.29 -0.25 -0.90
N PHE A 40 -22.72 -1.12 -1.73
CA PHE A 40 -23.49 -2.12 -2.47
C PHE A 40 -23.40 -3.48 -1.78
N SER A 41 -24.56 -4.01 -1.39
CA SER A 41 -24.62 -5.32 -0.74
C SER A 41 -25.82 -6.12 -1.21
N HIS A 42 -25.60 -7.37 -1.59
CA HIS A 42 -26.66 -8.23 -2.08
C HIS A 42 -26.71 -9.54 -1.31
N ARG A 43 -27.85 -10.21 -1.36
CA ARG A 43 -28.03 -11.49 -0.69
C ARG A 43 -28.95 -12.41 -1.47
N ILE A 44 -28.35 -13.30 -2.26
CA ILE A 44 -29.13 -14.22 -3.10
C ILE A 44 -29.26 -15.59 -2.44
N ILE A 45 -30.50 -15.99 -2.15
CA ILE A 45 -30.76 -17.27 -1.52
C ILE A 45 -31.45 -18.23 -2.48
N PRO A 46 -30.67 -19.10 -3.13
CA PRO A 46 -31.19 -20.10 -4.08
C PRO A 46 -32.05 -21.15 -3.38
N SER A 47 -32.99 -21.73 -4.13
CA SER A 47 -33.87 -22.75 -3.59
C SER A 47 -33.38 -24.15 -3.96
N LEU A 48 -32.99 -24.30 -5.23
CA LEU A 48 -32.48 -25.57 -5.73
C LEU A 48 -31.05 -25.44 -6.23
N TYR A 49 -30.19 -24.85 -5.41
CA TYR A 49 -28.78 -24.66 -5.77
C TYR A 49 -28.63 -23.63 -6.89
N LEU A 50 -29.07 -23.98 -8.09
CA LEU A 50 -29.03 -23.06 -9.22
C LEU A 50 -30.21 -22.10 -9.15
N SER A 51 -29.92 -20.81 -9.19
CA SER A 51 -30.96 -19.79 -9.05
C SER A 51 -31.14 -18.95 -10.31
N GLY A 52 -32.36 -18.47 -10.51
CA GLY A 52 -32.66 -17.61 -11.64
C GLY A 52 -32.51 -16.14 -11.29
N ASP A 53 -32.26 -15.86 -10.02
CA ASP A 53 -32.07 -14.49 -9.55
C ASP A 53 -30.60 -14.12 -9.52
N PHE A 54 -30.23 -13.10 -10.29
CA PHE A 54 -28.84 -12.67 -10.37
C PHE A 54 -28.71 -11.15 -10.23
N VAL A 55 -27.81 -10.73 -9.36
CA VAL A 55 -27.56 -9.30 -9.14
C VAL A 55 -26.12 -8.97 -9.51
N ASP A 56 -25.92 -7.79 -10.08
CA ASP A 56 -24.58 -7.34 -10.46
C ASP A 56 -24.46 -5.82 -10.45
N TYR A 57 -23.29 -5.34 -10.07
CA TYR A 57 -23.00 -3.91 -10.09
C TYR A 57 -21.51 -3.68 -10.32
N PHE A 58 -21.20 -2.77 -11.23
CA PHE A 58 -19.82 -2.52 -11.63
C PHE A 58 -19.51 -1.04 -11.79
N ARG A 59 -18.23 -0.70 -11.75
CA ARG A 59 -17.77 0.67 -11.91
C ARG A 59 -17.77 1.10 -13.37
N VAL A 60 -18.04 2.38 -13.61
CA VAL A 60 -17.98 2.94 -14.96
C VAL A 60 -17.28 4.29 -14.93
N ASP A 61 -16.02 4.30 -15.37
CA ASP A 61 -15.18 5.50 -15.39
C ASP A 61 -15.20 6.30 -14.09
N GLU A 62 -15.56 5.65 -12.99
CA GLU A 62 -15.55 6.26 -11.67
C GLU A 62 -16.43 7.51 -11.55
N ARG A 63 -17.25 7.74 -12.57
CA ARG A 63 -18.19 8.86 -12.55
C ARG A 63 -19.61 8.32 -12.44
N ARG A 64 -19.87 7.21 -13.13
CA ARG A 64 -21.20 6.61 -13.16
C ARG A 64 -21.15 5.16 -12.69
N VAL A 65 -22.17 4.73 -11.96
CA VAL A 65 -22.24 3.36 -11.47
C VAL A 65 -23.53 2.68 -11.93
N ALA A 66 -23.40 1.44 -12.40
CA ALA A 66 -24.55 0.69 -12.88
C ALA A 66 -24.82 -0.50 -11.97
N PHE A 67 -26.10 -0.80 -11.77
CA PHE A 67 -26.52 -1.93 -10.96
C PHE A 67 -27.84 -2.47 -11.46
N TYR A 68 -28.12 -3.75 -11.18
CA TYR A 68 -29.40 -4.34 -11.57
C TYR A 68 -29.73 -5.59 -10.76
N LEU A 69 -31.01 -5.91 -10.69
CA LEU A 69 -31.47 -7.12 -10.04
C LEU A 69 -32.37 -7.90 -11.00
N ALA A 70 -31.92 -9.08 -11.39
CA ALA A 70 -32.62 -9.86 -12.42
C ALA A 70 -33.31 -11.11 -11.85
N ASP A 71 -34.45 -11.44 -12.42
CA ASP A 71 -35.16 -12.68 -12.10
C ASP A 71 -35.67 -13.36 -13.36
N VAL A 72 -34.94 -14.37 -13.81
CA VAL A 72 -35.33 -15.13 -15.00
C VAL A 72 -36.57 -15.99 -14.68
N SER A 73 -37.37 -16.27 -15.70
CA SER A 73 -38.61 -17.01 -15.53
C SER A 73 -38.39 -18.36 -14.84
N GLY A 74 -39.13 -18.58 -13.76
CA GLY A 74 -39.03 -19.82 -13.01
C GLY A 74 -37.78 -19.88 -12.15
N HIS A 75 -37.20 -21.06 -12.04
CA HIS A 75 -35.97 -21.24 -11.28
C HIS A 75 -35.25 -22.54 -11.65
N GLY A 76 -34.08 -22.75 -11.05
CA GLY A 76 -33.31 -23.95 -11.28
C GLY A 76 -32.29 -23.81 -12.40
N ALA A 77 -31.83 -24.94 -12.91
CA ALA A 77 -30.84 -24.97 -13.98
C ALA A 77 -31.31 -24.20 -15.20
N SER A 78 -32.51 -24.53 -15.68
CA SER A 78 -33.07 -23.92 -16.89
C SER A 78 -32.90 -22.41 -16.92
N SER A 79 -33.22 -21.75 -15.81
CA SER A 79 -33.15 -20.29 -15.74
C SER A 79 -31.75 -19.83 -15.35
N ALA A 80 -30.97 -20.74 -14.79
CA ALA A 80 -29.63 -20.41 -14.35
C ALA A 80 -28.77 -20.06 -15.56
N PHE A 81 -29.10 -20.63 -16.71
CA PHE A 81 -28.33 -20.42 -17.94
C PHE A 81 -28.40 -19.00 -18.45
N VAL A 82 -29.55 -18.36 -18.24
CA VAL A 82 -29.78 -17.01 -18.73
C VAL A 82 -28.97 -15.98 -17.95
N THR A 83 -28.74 -16.26 -16.66
CA THR A 83 -28.00 -15.34 -15.81
C THR A 83 -26.55 -15.20 -16.29
N VAL A 84 -25.96 -16.30 -16.73
CA VAL A 84 -24.62 -16.25 -17.29
C VAL A 84 -24.62 -15.36 -18.52
N LEU A 85 -25.73 -15.43 -19.26
CA LEU A 85 -25.89 -14.64 -20.47
C LEU A 85 -25.92 -13.15 -20.15
N LEU A 86 -26.71 -12.78 -19.14
CA LEU A 86 -26.81 -11.38 -18.70
C LEU A 86 -25.46 -10.85 -18.24
N LYS A 87 -24.76 -11.66 -17.45
CA LYS A 87 -23.45 -11.29 -16.93
C LYS A 87 -22.48 -10.94 -18.06
N PHE A 88 -22.52 -11.73 -19.13
CA PHE A 88 -21.62 -11.51 -20.26
C PHE A 88 -21.97 -10.25 -21.03
N MSE A 89 -23.24 -10.12 -21.42
CA MSE A 89 -23.68 -8.98 -22.20
C MSE A 89 -23.30 -7.65 -21.54
O MSE A 89 -22.80 -6.75 -22.22
CB MSE A 89 -25.20 -9.02 -22.41
CG MSE A 89 -25.71 -10.28 -23.09
SE MSE A 89 -27.60 -10.16 -23.56
CE MSE A 89 -27.46 -8.97 -25.09
N THR A 90 -23.51 -7.54 -20.24
CA THR A 90 -23.26 -6.30 -19.52
C THR A 90 -21.80 -5.88 -19.56
N THR A 91 -20.92 -6.75 -19.06
CA THR A 91 -19.50 -6.45 -19.00
C THR A 91 -18.89 -6.29 -20.38
N ARG A 92 -19.53 -6.91 -21.37
CA ARG A 92 -19.08 -6.81 -22.76
C ARG A 92 -19.43 -5.46 -23.36
N LEU A 93 -20.65 -4.99 -23.09
CA LEU A 93 -21.11 -3.70 -23.61
C LEU A 93 -20.21 -2.56 -23.16
N LEU A 94 -19.71 -2.64 -21.94
CA LEU A 94 -18.82 -1.60 -21.41
C LEU A 94 -17.50 -1.60 -22.17
N TYR A 95 -17.04 -2.78 -22.58
CA TYR A 95 -15.85 -2.90 -23.40
C TYR A 95 -16.13 -2.40 -24.82
N GLU A 96 -17.37 -2.55 -25.24
CA GLU A 96 -17.82 -2.08 -26.56
C GLU A 96 -17.94 -0.57 -26.61
N SER A 97 -18.56 0.00 -25.57
CA SER A 97 -18.86 1.42 -25.51
C SER A 97 -17.62 2.29 -25.66
N ARG A 98 -16.62 2.03 -24.81
CA ARG A 98 -15.38 2.79 -24.81
C ARG A 98 -15.57 4.21 -24.30
N ARG A 99 -15.22 5.20 -25.14
CA ARG A 99 -15.23 6.59 -24.72
C ARG A 99 -16.60 7.27 -24.78
N ASN A 100 -17.35 7.02 -25.85
CA ASN A 100 -18.60 7.74 -26.10
C ASN A 100 -19.70 7.54 -25.06
N GLY A 101 -19.77 6.36 -24.46
CA GLY A 101 -20.85 6.07 -23.54
C GLY A 101 -22.15 6.19 -24.31
N THR A 102 -23.12 6.92 -23.76
CA THR A 102 -24.41 7.20 -24.41
C THR A 102 -25.59 6.85 -23.51
N LYS A 107 -27.87 5.23 -21.08
CA LYS A 107 -29.30 5.03 -20.89
C LYS A 107 -29.62 3.58 -20.50
N PRO A 108 -30.12 3.39 -19.28
CA PRO A 108 -30.48 2.07 -18.76
C PRO A 108 -31.53 1.39 -19.63
N SER A 109 -32.36 2.19 -20.29
CA SER A 109 -33.40 1.66 -21.17
C SER A 109 -32.78 1.13 -22.46
N GLU A 110 -31.73 1.80 -22.93
CA GLU A 110 -31.04 1.40 -24.15
C GLU A 110 -30.27 0.10 -23.94
N VAL A 111 -29.81 -0.12 -22.72
CA VAL A 111 -29.11 -1.35 -22.39
C VAL A 111 -30.11 -2.47 -22.10
N LEU A 112 -31.23 -2.10 -21.48
CA LEU A 112 -32.32 -3.03 -21.27
C LEU A 112 -32.83 -3.54 -22.61
N ALA A 113 -32.57 -2.77 -23.66
CA ALA A 113 -32.98 -3.14 -25.01
C ALA A 113 -31.96 -4.05 -25.69
N HIS A 114 -30.68 -3.81 -25.43
CA HIS A 114 -29.62 -4.66 -25.95
C HIS A 114 -29.77 -6.07 -25.36
N ILE A 115 -30.03 -6.12 -24.06
CA ILE A 115 -30.31 -7.38 -23.39
C ILE A 115 -31.56 -8.03 -23.97
N ASN A 116 -32.56 -7.21 -24.25
CA ASN A 116 -33.83 -7.69 -24.81
C ASN A 116 -33.63 -8.40 -26.15
N ARG A 117 -32.92 -7.76 -27.06
CA ARG A 117 -32.74 -8.29 -28.41
C ARG A 117 -31.96 -9.61 -28.43
N GLY A 118 -31.03 -9.77 -27.49
CA GLY A 118 -30.22 -10.97 -27.41
C GLY A 118 -31.00 -12.18 -26.94
N LEU A 119 -31.92 -11.97 -26.00
CA LEU A 119 -32.68 -13.06 -25.40
C LEU A 119 -33.78 -13.59 -26.32
N ILE A 120 -34.63 -12.70 -26.82
CA ILE A 120 -35.70 -13.10 -27.72
C ILE A 120 -35.12 -13.61 -29.04
N ASN A 121 -35.73 -14.66 -29.59
CA ASN A 121 -35.31 -15.25 -30.86
C ASN A 121 -34.19 -16.29 -30.71
N THR A 122 -33.34 -16.12 -29.70
CA THR A 122 -32.27 -17.07 -29.44
C THR A 122 -32.65 -17.97 -28.26
N LYS A 123 -33.83 -17.72 -27.70
CA LYS A 123 -34.27 -18.44 -26.51
C LYS A 123 -35.78 -18.57 -26.46
N LEU A 124 -36.27 -19.66 -25.85
CA LEU A 124 -37.70 -19.89 -25.73
C LEU A 124 -38.15 -20.05 -24.27
N GLY A 125 -39.08 -19.20 -23.85
CA GLY A 125 -39.72 -19.34 -22.55
C GLY A 125 -38.87 -18.92 -21.35
N LYS A 126 -37.81 -18.16 -21.59
CA LYS A 126 -36.95 -17.71 -20.51
C LYS A 126 -36.65 -16.20 -20.59
N HIS A 127 -37.68 -15.39 -20.37
CA HIS A 127 -37.55 -13.94 -20.36
C HIS A 127 -37.00 -13.47 -19.01
N VAL A 128 -36.42 -12.28 -19.00
CA VAL A 128 -35.81 -11.75 -17.78
C VAL A 128 -36.60 -10.59 -17.17
N THR A 129 -36.71 -10.62 -15.84
CA THR A 129 -37.35 -9.55 -15.07
C THR A 129 -36.28 -8.76 -14.32
N MSE A 130 -36.12 -7.48 -14.65
CA MSE A 130 -35.00 -6.71 -14.12
C MSE A 130 -35.34 -5.33 -13.55
O MSE A 130 -36.32 -4.70 -13.96
CB MSE A 130 -33.91 -6.56 -15.19
CG MSE A 130 -33.12 -7.82 -15.45
SE MSE A 130 -31.92 -7.67 -16.99
CE MSE A 130 -33.26 -7.54 -18.39
N LEU A 131 -34.51 -4.88 -12.62
CA LEU A 131 -34.56 -3.51 -12.11
C LEU A 131 -33.22 -2.83 -12.39
N GLY A 132 -33.17 -2.02 -13.43
CA GLY A 132 -31.95 -1.37 -13.83
C GLY A 132 -31.77 0.00 -13.20
N GLY A 133 -30.52 0.37 -12.91
CA GLY A 133 -30.22 1.66 -12.33
C GLY A 133 -28.79 2.11 -12.57
N VAL A 134 -28.64 3.35 -13.03
CA VAL A 134 -27.32 3.95 -13.18
C VAL A 134 -27.24 5.26 -12.42
N ILE A 135 -26.31 5.34 -11.47
CA ILE A 135 -26.17 6.52 -10.63
C ILE A 135 -24.90 7.31 -10.96
N ASP A 136 -25.07 8.62 -11.15
CA ASP A 136 -23.94 9.50 -11.40
C ASP A 136 -23.39 10.03 -10.08
N LEU A 137 -22.22 9.53 -9.69
CA LEU A 137 -21.62 9.88 -8.40
C LEU A 137 -21.43 11.38 -8.24
N GLU A 138 -21.08 12.05 -9.34
CA GLU A 138 -20.70 13.45 -9.30
C GLU A 138 -21.87 14.38 -9.02
N LYS A 139 -23.02 14.10 -9.63
CA LYS A 139 -24.18 14.98 -9.46
C LYS A 139 -25.29 14.35 -8.62
N ASN A 140 -24.97 13.26 -7.93
CA ASN A 140 -25.91 12.61 -7.02
C ASN A 140 -27.24 12.24 -7.69
N SER A 141 -27.17 11.78 -8.93
CA SER A 141 -28.38 11.44 -9.68
C SER A 141 -28.46 9.94 -9.97
N LEU A 142 -29.64 9.36 -9.73
CA LEU A 142 -29.86 7.95 -9.99
C LEU A 142 -30.91 7.75 -11.09
N THR A 143 -30.48 7.15 -12.19
CA THR A 143 -31.36 6.90 -13.32
C THR A 143 -31.83 5.44 -13.34
N TYR A 144 -33.09 5.23 -12.97
CA TYR A 144 -33.65 3.88 -12.87
C TYR A 144 -34.45 3.49 -14.09
N SER A 145 -34.43 2.20 -14.43
CA SER A 145 -35.20 1.69 -15.56
C SER A 145 -35.72 0.29 -15.26
N ILE A 146 -37.02 0.16 -15.07
CA ILE A 146 -37.60 -1.15 -14.78
C ILE A 146 -38.32 -1.74 -15.99
N GLY A 147 -38.06 -3.02 -16.25
CA GLY A 147 -38.64 -3.69 -17.40
C GLY A 147 -39.54 -4.84 -17.02
N GLY A 148 -39.38 -5.34 -15.80
CA GLY A 148 -40.20 -6.44 -15.31
C GLY A 148 -41.32 -5.96 -14.39
N HIS A 149 -42.25 -6.86 -14.07
CA HIS A 149 -43.36 -6.51 -13.20
C HIS A 149 -43.04 -6.84 -11.75
N LEU A 150 -41.80 -7.20 -11.49
CA LEU A 150 -41.35 -7.57 -10.15
C LEU A 150 -41.50 -6.39 -9.18
N PRO A 151 -41.51 -6.68 -7.87
CA PRO A 151 -41.68 -5.68 -6.80
C PRO A 151 -40.76 -4.46 -6.97
N LEU A 152 -41.37 -3.28 -7.08
CA LEU A 152 -40.63 -2.03 -7.22
C LEU A 152 -39.57 -1.88 -6.12
N PRO A 153 -38.53 -1.08 -6.40
CA PRO A 153 -37.49 -0.79 -5.40
C PRO A 153 -38.07 0.00 -4.23
N VAL A 154 -37.62 -0.33 -3.01
CA VAL A 154 -38.09 0.37 -1.81
C VAL A 154 -37.08 1.43 -1.36
N LEU A 155 -37.43 2.68 -1.58
CA LEU A 155 -36.62 3.81 -1.14
C LEU A 155 -36.61 3.88 0.39
N PHE A 156 -35.58 4.50 0.95
CA PHE A 156 -35.45 4.60 2.41
C PHE A 156 -35.04 6.00 2.84
N VAL A 157 -35.75 6.55 3.83
CA VAL A 157 -35.43 7.89 4.34
C VAL A 157 -36.14 8.15 5.67
N GLN A 160 -39.77 6.25 6.97
CA GLN A 160 -40.57 6.50 5.77
C GLN A 160 -39.92 5.90 4.53
N ALA A 161 -40.70 5.11 3.79
CA ALA A 161 -40.23 4.48 2.57
C ALA A 161 -41.29 4.63 1.47
N GLY A 162 -40.96 4.19 0.25
CA GLY A 162 -41.89 4.29 -0.85
C GLY A 162 -41.40 3.70 -2.16
N TYR A 163 -42.35 3.29 -3.00
CA TYR A 163 -42.04 2.76 -4.31
C TYR A 163 -41.55 3.86 -5.23
N LEU A 164 -40.85 3.49 -6.30
CA LEU A 164 -40.52 4.42 -7.36
C LEU A 164 -41.48 4.21 -8.53
N GLU A 165 -42.04 5.30 -9.04
CA GLU A 165 -42.98 5.22 -10.16
C GLU A 165 -42.34 4.55 -11.37
N GLY A 166 -43.02 3.57 -11.93
CA GLY A 166 -42.53 2.84 -13.09
C GLY A 166 -43.32 1.58 -13.33
N GLY A 172 -39.00 -8.57 -20.54
CA GLY A 172 -39.42 -8.18 -21.87
C GLY A 172 -39.20 -9.29 -22.89
N LEU A 173 -40.26 -10.03 -23.18
CA LEU A 173 -40.19 -11.16 -24.11
C LEU A 173 -40.68 -10.78 -25.50
N PHE A 174 -41.37 -9.64 -25.59
CA PHE A 174 -41.94 -9.19 -26.86
C PHE A 174 -40.92 -8.47 -27.73
N ASP A 175 -41.24 -8.36 -29.02
CA ASP A 175 -40.36 -7.71 -29.97
C ASP A 175 -40.36 -6.19 -29.76
N ASP A 176 -41.39 -5.68 -29.10
CA ASP A 176 -41.50 -4.26 -28.80
C ASP A 176 -40.32 -3.79 -27.97
N ALA A 177 -40.01 -2.50 -28.06
CA ALA A 177 -38.94 -1.91 -27.25
C ALA A 177 -39.47 -0.69 -26.51
N THR A 178 -40.33 -0.93 -25.53
CA THR A 178 -40.98 0.16 -24.80
C THR A 178 -40.33 0.39 -23.44
N TYR A 179 -39.14 -0.16 -23.25
CA TYR A 179 -38.42 0.01 -21.99
C TYR A 179 -38.09 1.47 -21.73
N ASP A 180 -38.29 1.90 -20.49
CA ASP A 180 -37.93 3.26 -20.08
C ASP A 180 -37.03 3.22 -18.85
N MSE A 184 -32.86 10.58 -11.38
CA MSE A 184 -33.59 11.27 -10.32
C MSE A 184 -32.67 11.78 -9.22
O MSE A 184 -31.63 11.18 -8.94
CB MSE A 184 -34.64 10.36 -9.70
CG MSE A 184 -35.19 10.89 -8.40
SE MSE A 184 -36.05 9.53 -7.31
CE MSE A 184 -34.49 8.50 -6.80
N GLU A 185 -33.07 12.88 -8.59
CA GLU A 185 -32.32 13.47 -7.49
C GLU A 185 -32.39 12.58 -6.25
N LEU A 186 -31.28 12.51 -5.53
CA LEU A 186 -31.22 11.65 -4.35
C LEU A 186 -30.77 12.42 -3.11
N PRO A 187 -31.34 12.05 -1.95
CA PRO A 187 -31.02 12.70 -0.67
C PRO A 187 -29.60 12.41 -0.20
N PRO A 188 -29.09 13.26 0.71
CA PRO A 188 -27.76 13.11 1.31
C PRO A 188 -27.60 11.77 2.01
N SER A 189 -28.63 11.34 2.72
CA SER A 189 -28.66 10.02 3.32
C SER A 189 -29.83 9.24 2.73
N PHE A 190 -29.53 8.08 2.15
CA PHE A 190 -30.56 7.28 1.48
C PHE A 190 -30.16 5.82 1.37
N SER A 191 -31.15 4.96 1.10
CA SER A 191 -30.92 3.52 1.02
C SER A 191 -31.96 2.81 0.17
N LEU A 192 -31.68 2.68 -1.12
CA LEU A 192 -32.58 2.00 -2.05
C LEU A 192 -32.39 0.48 -2.01
N SER A 193 -33.48 -0.25 -2.12
CA SER A 193 -33.43 -1.72 -2.02
C SER A 193 -34.27 -2.41 -3.08
N LEU A 194 -33.64 -3.31 -3.82
CA LEU A 194 -34.31 -4.09 -4.85
C LEU A 194 -34.66 -5.47 -4.31
N PHE A 195 -35.79 -6.01 -4.73
CA PHE A 195 -36.22 -7.33 -4.25
C PHE A 195 -36.71 -8.25 -5.36
N SER A 196 -36.70 -9.55 -5.08
CA SER A 196 -37.16 -10.55 -6.03
C SER A 196 -38.67 -10.70 -5.99
N ASP A 197 -39.19 -11.69 -6.74
CA ASP A 197 -40.62 -11.94 -6.77
C ASP A 197 -41.10 -12.70 -5.54
N GLY A 198 -40.18 -13.36 -4.84
CA GLY A 198 -40.53 -14.13 -3.66
C GLY A 198 -40.70 -13.28 -2.42
N ILE A 199 -41.76 -13.53 -1.66
CA ILE A 199 -42.02 -12.79 -0.42
C ILE A 199 -42.58 -13.68 0.69
N LEU A 200 -41.87 -13.74 1.81
CA LEU A 200 -42.31 -14.50 2.98
C LEU A 200 -42.47 -13.58 4.18
N ASP A 201 -43.72 -13.26 4.53
CA ASP A 201 -44.01 -12.30 5.59
C ASP A 201 -44.37 -12.96 6.91
N VAL A 202 -44.36 -14.29 6.93
CA VAL A 202 -44.82 -15.06 8.09
C VAL A 202 -46.11 -14.47 8.65
N LEU A 203 -46.94 -13.94 7.76
CA LEU A 203 -48.19 -13.30 8.13
C LEU A 203 -49.38 -14.01 7.48
N PRO A 204 -50.59 -13.79 8.02
CA PRO A 204 -51.79 -14.44 7.49
C PRO A 204 -52.23 -13.85 6.15
N GLY A 205 -52.03 -12.55 5.97
CA GLY A 205 -52.43 -11.87 4.75
C GLY A 205 -52.12 -12.63 3.49
N LYS A 209 -52.28 -10.38 -2.80
CA LYS A 209 -51.18 -9.93 -3.64
C LYS A 209 -50.92 -8.43 -3.46
N GLU A 210 -51.99 -7.65 -3.38
CA GLU A 210 -51.89 -6.20 -3.26
C GLU A 210 -51.44 -5.79 -1.87
N LYS A 211 -51.90 -6.52 -0.85
CA LYS A 211 -51.55 -6.23 0.53
C LYS A 211 -50.11 -6.63 0.80
N GLU A 212 -49.61 -7.60 0.03
CA GLU A 212 -48.24 -8.07 0.17
C GLU A 212 -47.29 -7.21 -0.63
N ALA A 213 -47.84 -6.27 -1.41
CA ALA A 213 -47.02 -5.33 -2.18
C ALA A 213 -46.91 -3.99 -1.47
N SER A 214 -47.81 -3.74 -0.54
CA SER A 214 -47.79 -2.52 0.26
C SER A 214 -47.07 -2.76 1.58
N LEU A 215 -46.71 -4.02 1.82
CA LEU A 215 -46.02 -4.39 3.05
C LEU A 215 -44.50 -4.21 2.99
N PRO A 216 -43.87 -4.59 1.86
CA PRO A 216 -42.42 -4.46 1.74
C PRO A 216 -41.94 -3.06 2.09
N GLU A 217 -42.65 -2.05 1.62
CA GLU A 217 -42.29 -0.66 1.91
C GLU A 217 -42.40 -0.38 3.40
N GLN A 218 -43.34 -1.05 4.06
CA GLN A 218 -43.58 -0.87 5.48
C GLN A 218 -42.57 -1.64 6.33
N VAL A 219 -42.40 -2.92 6.01
CA VAL A 219 -41.46 -3.78 6.75
C VAL A 219 -40.02 -3.30 6.60
N ALA A 220 -39.70 -2.78 5.42
CA ALA A 220 -38.35 -2.30 5.13
C ALA A 220 -38.01 -1.06 5.95
N ALA A 221 -39.00 -0.21 6.17
CA ALA A 221 -38.80 0.99 6.97
C ALA A 221 -38.57 0.66 8.43
N ALA A 222 -39.59 0.07 9.07
CA ALA A 222 -39.52 -0.28 10.48
C ALA A 222 -38.33 -1.18 10.78
N GLY A 223 -37.85 -1.90 9.77
CA GLY A 223 -36.71 -2.77 9.91
C GLY A 223 -35.42 -2.11 9.49
N GLY A 224 -34.29 -2.65 9.95
CA GLY A 224 -32.99 -2.11 9.61
C GLY A 224 -32.75 -2.12 8.11
N THR A 225 -32.48 -0.95 7.55
CA THR A 225 -32.32 -0.79 6.11
C THR A 225 -31.16 -1.62 5.54
N LEU A 226 -30.21 -1.98 6.41
CA LEU A 226 -29.00 -2.65 5.94
C LEU A 226 -29.20 -4.14 5.64
N ASP A 227 -28.30 -4.69 4.84
CA ASP A 227 -28.25 -6.10 4.57
C ASP A 227 -28.16 -6.88 5.87
N GLY A 228 -27.62 -6.24 6.91
CA GLY A 228 -27.49 -6.85 8.22
C GLY A 228 -28.76 -7.58 8.65
N LEU A 229 -29.90 -6.96 8.40
CA LEU A 229 -31.19 -7.57 8.74
C LEU A 229 -31.60 -8.62 7.72
N ARG A 230 -31.22 -8.41 6.46
CA ARG A 230 -31.50 -9.38 5.40
C ARG A 230 -30.69 -10.65 5.61
N GLN A 231 -29.55 -10.49 6.26
CA GLN A 231 -28.65 -11.61 6.53
C GLN A 231 -29.26 -12.56 7.55
N VAL A 232 -29.98 -12.00 8.51
CA VAL A 232 -30.56 -12.80 9.60
C VAL A 232 -31.64 -13.76 9.09
N PHE A 233 -32.52 -13.26 8.24
CA PHE A 233 -33.62 -14.07 7.72
C PHE A 233 -33.47 -14.38 6.23
N ALA A 239 -37.88 -19.39 2.71
CA ALA A 239 -36.95 -20.50 2.64
C ALA A 239 -37.29 -21.43 1.47
N GLU A 240 -36.25 -21.95 0.82
CA GLU A 240 -36.44 -22.87 -0.31
C GLU A 240 -37.26 -22.22 -1.41
N MSE A 241 -38.24 -22.97 -1.90
CA MSE A 241 -39.18 -22.48 -2.89
C MSE A 241 -40.35 -21.81 -2.16
O MSE A 241 -40.30 -21.62 -0.94
CB MSE A 241 -39.61 -23.64 -3.79
CG MSE A 241 -38.49 -24.18 -4.66
SE MSE A 241 -38.99 -25.58 -5.91
CE MSE A 241 -39.56 -26.94 -4.63
N PRO A 242 -41.42 -21.45 -2.89
CA PRO A 242 -41.63 -21.69 -4.33
C PRO A 242 -40.61 -20.97 -5.22
N ASP A 243 -40.23 -19.76 -4.87
CA ASP A 243 -39.39 -18.93 -5.75
C ASP A 243 -38.08 -18.51 -5.10
N ASP A 244 -37.04 -18.43 -5.91
CA ASP A 244 -35.73 -17.96 -5.45
C ASP A 244 -35.84 -16.53 -4.94
N ILE A 245 -35.01 -16.19 -3.96
CA ILE A 245 -35.06 -14.87 -3.36
C ILE A 245 -33.70 -14.18 -3.39
N ALA A 246 -33.69 -12.94 -3.85
CA ALA A 246 -32.46 -12.15 -3.90
C ALA A 246 -32.77 -10.68 -3.70
N LEU A 247 -31.89 -9.98 -3.00
CA LEU A 247 -32.10 -8.56 -2.73
C LEU A 247 -30.81 -7.76 -2.85
N LEU A 248 -30.92 -6.59 -3.47
CA LEU A 248 -29.79 -5.67 -3.59
C LEU A 248 -30.07 -4.40 -2.80
N VAL A 249 -29.13 -4.02 -1.95
CA VAL A 249 -29.33 -2.85 -1.09
C VAL A 249 -28.23 -1.82 -1.29
N LEU A 250 -28.61 -0.63 -1.76
CA LEU A 250 -27.67 0.47 -1.96
C LEU A 250 -27.91 1.55 -0.92
N SER A 251 -26.91 1.78 -0.07
CA SER A 251 -27.05 2.72 1.05
C SER A 251 -26.00 3.84 1.03
N ARG A 252 -26.36 4.97 1.63
CA ARG A 252 -25.52 6.15 1.61
C ARG A 252 -25.84 7.08 2.77
N ASN A 253 -24.86 7.32 3.64
CA ASN A 253 -25.05 8.25 4.75
C ASN A 253 -23.74 8.59 5.46
N ALA B 8 -40.17 -36.67 -3.44
CA ALA B 8 -38.83 -37.23 -3.30
C ALA B 8 -37.75 -36.17 -3.50
N SER B 9 -36.74 -36.19 -2.65
CA SER B 9 -35.65 -35.22 -2.74
C SER B 9 -34.96 -35.32 -4.09
N LEU B 10 -34.60 -36.54 -4.49
CA LEU B 10 -33.95 -36.77 -5.77
C LEU B 10 -34.87 -36.34 -6.91
N ASN B 11 -36.16 -36.58 -6.73
CA ASN B 11 -37.17 -36.24 -7.72
C ASN B 11 -37.07 -34.78 -8.17
N LEU B 12 -37.03 -33.86 -7.20
CA LEU B 12 -37.04 -32.43 -7.49
C LEU B 12 -35.80 -31.95 -8.25
N LEU B 13 -34.63 -32.40 -7.83
CA LEU B 13 -33.40 -32.01 -8.48
C LEU B 13 -33.32 -32.59 -9.89
N GLN B 14 -33.88 -33.78 -10.07
CA GLN B 14 -33.93 -34.39 -11.39
C GLN B 14 -34.90 -33.63 -12.29
N GLU B 15 -35.90 -33.01 -11.67
CA GLU B 15 -36.82 -32.14 -12.40
C GLU B 15 -36.09 -30.85 -12.77
N ASP B 16 -35.18 -30.43 -11.91
CA ASP B 16 -34.42 -29.20 -12.11
C ASP B 16 -33.41 -29.40 -13.23
N GLN B 17 -32.87 -30.61 -13.32
CA GLN B 17 -31.90 -30.97 -14.34
C GLN B 17 -32.55 -31.10 -15.72
N ASN B 18 -33.71 -31.74 -15.76
CA ASN B 18 -34.42 -31.93 -17.02
C ASN B 18 -35.00 -30.62 -17.56
N ALA B 19 -35.06 -29.60 -16.71
CA ALA B 19 -35.47 -28.27 -17.14
C ALA B 19 -34.33 -27.60 -17.89
N GLY B 20 -33.11 -27.99 -17.54
CA GLY B 20 -31.93 -27.49 -18.23
C GLY B 20 -31.67 -28.24 -19.52
N ARG B 21 -32.04 -29.52 -19.56
CA ARG B 21 -31.88 -30.30 -20.78
C ARG B 21 -32.96 -29.90 -21.77
N GLN B 22 -34.19 -29.73 -21.30
CA GLN B 22 -35.29 -29.30 -22.15
C GLN B 22 -34.98 -27.96 -22.81
N VAL B 23 -34.21 -27.13 -22.11
CA VAL B 23 -33.92 -25.78 -22.57
C VAL B 23 -32.86 -25.75 -23.66
N GLN B 24 -31.97 -26.74 -23.64
CA GLN B 24 -30.92 -26.84 -24.65
C GLN B 24 -31.46 -27.43 -25.95
N MSE B 25 -32.50 -28.25 -25.84
CA MSE B 25 -33.11 -28.89 -26.99
C MSE B 25 -33.69 -27.86 -27.95
O MSE B 25 -33.63 -28.03 -29.17
CB MSE B 25 -34.20 -29.87 -26.56
CG MSE B 25 -33.79 -30.84 -25.46
SE MSE B 25 -32.31 -32.01 -25.93
CE MSE B 25 -32.72 -33.49 -24.75
N ASN B 26 -34.23 -26.79 -27.39
CA ASN B 26 -34.79 -25.70 -28.17
C ASN B 26 -33.69 -24.86 -28.81
N MSE B 27 -32.54 -24.83 -28.14
CA MSE B 27 -31.43 -23.99 -28.56
C MSE B 27 -30.74 -24.54 -29.81
O MSE B 27 -30.24 -23.78 -30.64
CB MSE B 27 -30.42 -23.86 -27.43
CG MSE B 27 -29.59 -22.59 -27.47
SE MSE B 27 -28.56 -22.34 -25.83
CE MSE B 27 -28.28 -20.41 -25.93
N LEU B 28 -30.73 -25.86 -29.93
CA LEU B 28 -30.12 -26.52 -31.09
C LEU B 28 -31.10 -26.63 -32.26
N PRO B 29 -30.60 -26.45 -33.48
CA PRO B 29 -31.41 -26.54 -34.71
C PRO B 29 -32.03 -27.92 -34.91
N VAL B 30 -32.88 -28.05 -35.92
CA VAL B 30 -33.58 -29.32 -36.19
C VAL B 30 -32.83 -30.17 -37.19
N THR B 31 -33.08 -31.49 -37.16
CA THR B 31 -32.47 -32.42 -38.09
C THR B 31 -33.45 -33.48 -38.57
N PRO B 32 -33.28 -33.96 -39.80
CA PRO B 32 -32.24 -33.46 -40.73
C PRO B 32 -32.67 -32.17 -41.42
N TRP B 33 -31.74 -31.23 -41.53
CA TRP B 33 -32.02 -29.95 -42.17
C TRP B 33 -31.16 -29.78 -43.43
N SER B 34 -31.81 -29.80 -44.58
CA SER B 34 -31.09 -29.78 -45.85
C SER B 34 -31.33 -28.49 -46.64
N ILE B 35 -30.26 -27.92 -47.17
CA ILE B 35 -30.36 -26.72 -47.99
C ILE B 35 -29.35 -26.74 -49.15
N GLU B 36 -29.82 -26.40 -50.34
CA GLU B 36 -28.98 -26.34 -51.53
C GLU B 36 -28.22 -27.64 -51.80
N GLY B 37 -28.74 -28.75 -51.29
CA GLY B 37 -28.13 -30.04 -51.52
C GLY B 37 -27.35 -30.55 -50.32
N LEU B 38 -27.05 -29.65 -49.39
CA LEU B 38 -26.33 -30.01 -48.16
C LEU B 38 -27.29 -30.41 -47.04
N GLU B 39 -27.08 -31.59 -46.48
CA GLU B 39 -27.91 -32.08 -45.39
C GLU B 39 -27.18 -32.03 -44.06
N PHE B 40 -27.70 -31.24 -43.13
CA PHE B 40 -27.10 -31.13 -41.81
C PHE B 40 -27.85 -31.98 -40.79
N SER B 41 -27.12 -32.87 -40.12
CA SER B 41 -27.70 -33.77 -39.14
C SER B 41 -26.77 -33.94 -37.94
N HIS B 42 -27.31 -33.76 -36.74
CA HIS B 42 -26.52 -33.86 -35.52
C HIS B 42 -27.12 -34.84 -34.53
N ARG B 43 -26.29 -35.37 -33.66
CA ARG B 43 -26.75 -36.28 -32.61
C ARG B 43 -25.94 -36.11 -31.33
N ILE B 44 -26.49 -35.35 -30.39
CA ILE B 44 -25.85 -35.14 -29.10
C ILE B 44 -26.44 -36.07 -28.04
N ILE B 45 -25.58 -36.82 -27.37
CA ILE B 45 -26.02 -37.75 -26.35
C ILE B 45 -25.44 -37.36 -24.99
N PRO B 46 -26.21 -36.58 -24.21
CA PRO B 46 -25.77 -36.15 -22.87
C PRO B 46 -25.57 -37.32 -21.93
N LEU B 48 -25.09 -36.73 -18.27
CA LEU B 48 -25.93 -36.43 -17.12
C LEU B 48 -26.89 -35.27 -17.40
N TYR B 49 -27.72 -35.45 -18.42
CA TYR B 49 -28.73 -34.47 -18.78
C TYR B 49 -28.13 -33.21 -19.43
N LEU B 50 -27.43 -32.41 -18.63
CA LEU B 50 -26.78 -31.21 -19.14
C LEU B 50 -25.46 -31.55 -19.83
N SER B 51 -25.34 -31.19 -21.10
CA SER B 51 -24.15 -31.52 -21.88
C SER B 51 -23.24 -30.32 -22.10
N GLY B 52 -21.96 -30.62 -22.35
CA GLY B 52 -20.99 -29.59 -22.68
C GLY B 52 -20.77 -29.54 -24.19
N ASP B 53 -21.31 -30.53 -24.88
CA ASP B 53 -21.19 -30.61 -26.33
C ASP B 53 -22.39 -29.94 -27.01
N PHE B 54 -22.10 -28.99 -27.90
CA PHE B 54 -23.16 -28.29 -28.61
C PHE B 54 -22.80 -28.05 -30.08
N VAL B 55 -23.73 -28.41 -30.95
CA VAL B 55 -23.55 -28.20 -32.39
C VAL B 55 -24.54 -27.16 -32.90
N ASP B 56 -24.05 -26.28 -33.76
CA ASP B 56 -24.89 -25.23 -34.33
C ASP B 56 -24.54 -24.93 -35.77
N TYR B 57 -25.56 -24.76 -36.61
CA TYR B 57 -25.38 -24.45 -38.01
C TYR B 57 -26.47 -23.50 -38.49
N PHE B 58 -26.05 -22.38 -39.08
CA PHE B 58 -26.98 -21.34 -39.49
C PHE B 58 -26.71 -20.84 -40.91
N ARG B 59 -27.75 -20.30 -41.54
CA ARG B 59 -27.64 -19.80 -42.90
C ARG B 59 -27.17 -18.34 -42.90
N VAL B 60 -26.32 -18.01 -43.87
CA VAL B 60 -25.80 -16.66 -44.00
C VAL B 60 -25.97 -16.17 -45.43
N ASP B 61 -26.84 -15.18 -45.62
CA ASP B 61 -27.12 -14.59 -46.93
C ASP B 61 -27.28 -15.58 -48.08
N GLU B 62 -27.67 -16.81 -47.76
CA GLU B 62 -27.97 -17.83 -48.77
C GLU B 62 -26.77 -18.15 -49.66
N ARG B 63 -25.61 -17.62 -49.31
CA ARG B 63 -24.39 -17.82 -50.08
C ARG B 63 -23.35 -18.55 -49.25
N ARG B 64 -23.34 -18.27 -47.95
CA ARG B 64 -22.37 -18.84 -47.03
C ARG B 64 -23.08 -19.63 -45.94
N VAL B 65 -22.59 -20.83 -45.68
CA VAL B 65 -23.15 -21.69 -44.65
C VAL B 65 -22.11 -22.00 -43.58
N ALA B 66 -22.45 -21.72 -42.32
CA ALA B 66 -21.52 -21.96 -41.23
C ALA B 66 -22.03 -23.03 -40.29
N PHE B 67 -21.11 -23.83 -39.74
CA PHE B 67 -21.45 -24.81 -38.73
C PHE B 67 -20.23 -25.19 -37.88
N TYR B 68 -20.49 -25.62 -36.65
CA TYR B 68 -19.43 -25.96 -35.72
C TYR B 68 -19.87 -27.02 -34.71
N LEU B 69 -18.91 -27.75 -34.18
CA LEU B 69 -19.14 -28.68 -33.08
C LEU B 69 -18.19 -28.37 -31.94
N ALA B 70 -18.75 -27.94 -30.81
CA ALA B 70 -17.94 -27.52 -29.67
C ALA B 70 -18.11 -28.40 -28.44
N ASP B 71 -17.02 -28.62 -27.72
CA ASP B 71 -17.05 -29.38 -26.47
C ASP B 71 -16.34 -28.61 -25.36
N VAL B 72 -17.10 -28.18 -24.36
CA VAL B 72 -16.55 -27.46 -23.23
C VAL B 72 -15.82 -28.41 -22.28
N SER B 73 -14.85 -27.89 -21.54
CA SER B 73 -14.07 -28.68 -20.61
C SER B 73 -14.96 -29.47 -19.65
N GLY B 74 -14.82 -30.79 -19.66
CA GLY B 74 -15.59 -31.66 -18.78
C GLY B 74 -17.02 -31.83 -19.25
N HIS B 75 -17.94 -31.96 -18.30
CA HIS B 75 -19.34 -32.15 -18.61
C HIS B 75 -20.24 -31.73 -17.45
N GLY B 76 -21.55 -31.77 -17.67
CA GLY B 76 -22.52 -31.44 -16.64
C GLY B 76 -23.01 -30.01 -16.71
N ALA B 77 -23.56 -29.54 -15.60
CA ALA B 77 -24.10 -28.18 -15.52
C ALA B 77 -23.02 -27.13 -15.73
N SER B 78 -21.92 -27.29 -15.00
CA SER B 78 -20.80 -26.34 -15.07
C SER B 78 -20.46 -25.93 -16.49
N SER B 79 -20.33 -26.93 -17.38
CA SER B 79 -19.96 -26.66 -18.76
C SER B 79 -21.16 -26.36 -19.64
N ALA B 80 -22.35 -26.65 -19.13
CA ALA B 80 -23.58 -26.44 -19.89
C ALA B 80 -23.90 -24.95 -20.07
N PHE B 81 -23.37 -24.13 -19.16
CA PHE B 81 -23.59 -22.69 -19.24
C PHE B 81 -22.79 -22.04 -20.36
N VAL B 82 -21.63 -22.62 -20.67
CA VAL B 82 -20.77 -22.08 -21.72
C VAL B 82 -21.38 -22.26 -23.10
N THR B 83 -22.07 -23.39 -23.31
CA THR B 83 -22.73 -23.64 -24.58
C THR B 83 -23.79 -22.57 -24.85
N VAL B 84 -24.37 -22.05 -23.78
CA VAL B 84 -25.34 -20.97 -23.88
C VAL B 84 -24.67 -19.71 -24.39
N LEU B 85 -23.45 -19.47 -23.90
CA LEU B 85 -22.69 -18.30 -24.30
C LEU B 85 -22.34 -18.34 -25.78
N LEU B 86 -21.84 -19.49 -26.23
CA LEU B 86 -21.43 -19.66 -27.63
C LEU B 86 -22.59 -19.37 -28.59
N LYS B 87 -23.77 -19.92 -28.29
CA LYS B 87 -24.93 -19.70 -29.16
C LYS B 87 -25.31 -18.23 -29.22
N PHE B 88 -25.07 -17.52 -28.13
CA PHE B 88 -25.33 -16.09 -28.06
C PHE B 88 -24.35 -15.30 -28.94
N MSE B 89 -23.06 -15.53 -28.70
CA MSE B 89 -22.02 -14.84 -29.45
C MSE B 89 -22.16 -15.03 -30.95
O MSE B 89 -22.04 -14.08 -31.73
CB MSE B 89 -20.63 -15.31 -28.99
CG MSE B 89 -20.38 -15.07 -27.51
SE MSE B 89 -18.51 -15.32 -27.01
CE MSE B 89 -17.71 -14.18 -28.38
N THR B 90 -22.44 -16.26 -31.37
CA THR B 90 -22.55 -16.59 -32.79
C THR B 90 -23.68 -15.82 -33.48
N THR B 91 -24.91 -16.06 -33.03
CA THR B 91 -26.08 -15.40 -33.60
C THR B 91 -25.94 -13.89 -33.50
N ARG B 92 -25.29 -13.44 -32.43
CA ARG B 92 -25.10 -12.00 -32.23
C ARG B 92 -24.18 -11.41 -33.29
N LEU B 93 -23.13 -12.14 -33.65
CA LEU B 93 -22.16 -11.64 -34.62
C LEU B 93 -22.84 -11.36 -35.95
N LEU B 94 -23.76 -12.24 -36.35
CA LEU B 94 -24.50 -12.07 -37.59
C LEU B 94 -25.23 -10.73 -37.60
N TYR B 95 -25.99 -10.47 -36.54
CA TYR B 95 -26.72 -9.22 -36.39
C TYR B 95 -25.72 -8.07 -36.29
N GLU B 96 -24.56 -8.36 -35.71
CA GLU B 96 -23.51 -7.37 -35.51
C GLU B 96 -22.91 -6.93 -36.84
N SER B 97 -23.06 -7.77 -37.86
CA SER B 97 -22.59 -7.41 -39.20
C SER B 97 -23.46 -6.28 -39.74
N ARG B 98 -24.52 -5.97 -38.99
CA ARG B 98 -25.45 -4.88 -39.33
C ARG B 98 -26.30 -5.25 -40.55
N ARG B 99 -27.39 -4.53 -40.73
CA ARG B 99 -28.33 -4.83 -41.81
C ARG B 99 -27.77 -4.49 -43.19
N ASN B 100 -26.78 -3.58 -43.22
CA ASN B 100 -26.19 -3.13 -44.48
C ASN B 100 -27.23 -2.83 -45.56
N PHE B 106 -15.85 -13.86 -44.53
CA PHE B 106 -15.09 -13.78 -43.29
C PHE B 106 -14.36 -15.08 -43.03
N LYS B 107 -13.06 -14.99 -42.79
CA LYS B 107 -12.32 -16.16 -42.34
C LYS B 107 -12.93 -16.58 -41.01
N PRO B 108 -13.17 -17.88 -40.83
CA PRO B 108 -13.71 -18.32 -39.54
C PRO B 108 -12.74 -18.00 -38.42
N SER B 109 -11.45 -18.20 -38.67
CA SER B 109 -10.43 -17.91 -37.67
C SER B 109 -10.84 -16.73 -36.82
N GLU B 110 -11.30 -15.67 -37.48
CA GLU B 110 -11.67 -14.43 -36.80
C GLU B 110 -12.87 -14.62 -35.88
N VAL B 111 -13.69 -15.62 -36.16
CA VAL B 111 -14.83 -15.95 -35.31
C VAL B 111 -14.38 -16.67 -34.06
N LEU B 112 -13.53 -17.67 -34.23
CA LEU B 112 -12.97 -18.41 -33.10
C LEU B 112 -12.21 -17.44 -32.19
N ALA B 113 -11.69 -16.38 -32.78
CA ALA B 113 -10.98 -15.35 -32.04
C ALA B 113 -11.94 -14.56 -31.15
N HIS B 114 -13.08 -14.17 -31.73
CA HIS B 114 -14.10 -13.47 -30.96
C HIS B 114 -14.63 -14.38 -29.87
N ILE B 115 -14.87 -15.64 -30.22
CA ILE B 115 -15.27 -16.64 -29.24
C ILE B 115 -14.23 -16.69 -28.12
N ASN B 116 -12.96 -16.58 -28.50
CA ASN B 116 -11.86 -16.63 -27.55
C ASN B 116 -11.88 -15.45 -26.57
N ARG B 117 -11.94 -14.25 -27.10
CA ARG B 117 -11.93 -13.03 -26.28
C ARG B 117 -13.00 -13.07 -25.19
N GLY B 118 -14.19 -13.55 -25.55
CA GLY B 118 -15.29 -13.61 -24.61
C GLY B 118 -15.04 -14.55 -23.45
N LEU B 119 -14.36 -15.66 -23.72
CA LEU B 119 -14.06 -16.67 -22.71
C LEU B 119 -13.00 -16.19 -21.70
N ILE B 120 -12.05 -15.39 -22.19
CA ILE B 120 -10.87 -15.02 -21.42
C ILE B 120 -11.16 -14.13 -20.20
N ASN B 121 -12.17 -13.28 -20.31
CA ASN B 121 -12.48 -12.32 -19.24
C ASN B 121 -13.07 -12.96 -18.00
N THR B 122 -12.30 -13.83 -17.35
CA THR B 122 -12.72 -14.52 -16.14
C THR B 122 -14.13 -15.09 -16.27
N LYS B 123 -14.42 -15.63 -17.45
CA LYS B 123 -15.73 -16.22 -17.70
C LYS B 123 -15.77 -17.68 -17.31
N LEU B 124 -15.85 -17.93 -16.01
CA LEU B 124 -16.00 -19.27 -15.46
C LEU B 124 -14.73 -20.11 -15.63
N GLY B 125 -13.71 -19.53 -16.24
CA GLY B 125 -12.44 -20.21 -16.44
C GLY B 125 -12.59 -21.49 -17.23
N LYS B 126 -13.59 -21.52 -18.10
CA LYS B 126 -13.84 -22.70 -18.92
C LYS B 126 -13.35 -22.47 -20.35
N HIS B 127 -12.73 -23.49 -20.93
CA HIS B 127 -12.26 -23.40 -22.30
C HIS B 127 -13.03 -24.39 -23.18
N VAL B 128 -13.34 -23.97 -24.40
CA VAL B 128 -14.11 -24.82 -25.31
C VAL B 128 -13.28 -25.21 -26.51
N THR B 129 -13.35 -26.49 -26.88
CA THR B 129 -12.69 -27.00 -28.07
C THR B 129 -13.72 -27.20 -29.16
N MSE B 130 -13.52 -26.56 -30.30
CA MSE B 130 -14.53 -26.60 -31.37
C MSE B 130 -13.91 -26.72 -32.76
O MSE B 130 -12.76 -26.34 -32.98
CB MSE B 130 -15.44 -25.37 -31.28
CG MSE B 130 -14.71 -24.04 -31.33
SE MSE B 130 -15.84 -22.53 -30.85
CE MSE B 130 -17.26 -22.77 -32.17
N LEU B 131 -14.70 -27.25 -33.69
CA LEU B 131 -14.30 -27.26 -35.09
C LEU B 131 -15.25 -26.38 -35.91
N GLY B 132 -14.72 -25.28 -36.43
CA GLY B 132 -15.52 -24.34 -37.18
C GLY B 132 -15.37 -24.56 -38.67
N GLY B 133 -16.49 -24.47 -39.39
CA GLY B 133 -16.49 -24.65 -40.83
C GLY B 133 -17.46 -23.73 -41.53
N VAL B 134 -16.97 -22.99 -42.51
CA VAL B 134 -17.82 -22.12 -43.31
C VAL B 134 -17.77 -22.54 -44.78
N ILE B 135 -18.94 -22.77 -45.36
CA ILE B 135 -19.04 -23.28 -46.72
C ILE B 135 -19.71 -22.28 -47.65
N ASP B 136 -19.08 -22.01 -48.79
CA ASP B 136 -19.68 -21.19 -49.82
C ASP B 136 -20.41 -22.08 -50.82
N LEU B 137 -21.73 -21.99 -50.82
CA LEU B 137 -22.58 -22.87 -51.64
C LEU B 137 -22.37 -22.68 -53.14
N GLU B 138 -22.13 -21.43 -53.55
CA GLU B 138 -22.02 -21.11 -54.98
C GLU B 138 -20.71 -21.59 -55.61
N LYS B 139 -19.66 -21.68 -54.83
CA LYS B 139 -18.37 -22.11 -55.36
C LYS B 139 -17.86 -23.39 -54.70
N ASN B 140 -18.77 -24.13 -54.07
CA ASN B 140 -18.42 -25.37 -53.37
C ASN B 140 -17.10 -25.31 -52.61
N SER B 141 -16.90 -24.25 -51.84
CA SER B 141 -15.69 -24.09 -51.05
C SER B 141 -15.97 -24.29 -49.56
N LEU B 142 -15.14 -25.10 -48.92
CA LEU B 142 -15.28 -25.36 -47.49
C LEU B 142 -14.05 -24.85 -46.74
N THR B 143 -14.23 -23.81 -45.94
CA THR B 143 -13.15 -23.26 -45.14
C THR B 143 -13.33 -23.64 -43.67
N TYR B 144 -12.51 -24.58 -43.20
CA TYR B 144 -12.62 -25.07 -41.83
C TYR B 144 -11.49 -24.53 -40.96
N SER B 145 -11.79 -24.36 -39.67
CA SER B 145 -10.81 -23.88 -38.70
C SER B 145 -10.97 -24.64 -37.39
N ILE B 146 -9.98 -25.47 -37.06
CA ILE B 146 -10.00 -26.22 -35.82
C ILE B 146 -9.16 -25.53 -34.74
N GLY B 147 -9.75 -25.36 -33.57
CA GLY B 147 -9.08 -24.68 -32.48
C GLY B 147 -8.80 -25.61 -31.30
N GLY B 148 -9.47 -26.75 -31.29
CA GLY B 148 -9.26 -27.71 -30.23
C GLY B 148 -8.47 -28.93 -30.68
N HIS B 149 -8.10 -29.76 -29.71
CA HIS B 149 -7.33 -30.96 -29.99
C HIS B 149 -8.24 -32.17 -30.19
N LEU B 150 -9.55 -31.92 -30.18
CA LEU B 150 -10.55 -32.96 -30.37
C LEU B 150 -10.35 -33.68 -31.71
N PRO B 151 -10.89 -34.91 -31.83
CA PRO B 151 -10.76 -35.72 -33.04
C PRO B 151 -11.15 -34.98 -34.32
N LEU B 152 -10.21 -34.90 -35.26
CA LEU B 152 -10.39 -34.19 -36.52
C LEU B 152 -11.65 -34.64 -37.27
N PRO B 153 -12.13 -33.80 -38.20
CA PRO B 153 -13.29 -34.15 -39.02
C PRO B 153 -13.00 -35.27 -40.02
N VAL B 154 -13.99 -36.11 -40.29
CA VAL B 154 -13.83 -37.21 -41.24
C VAL B 154 -14.77 -37.02 -42.43
N LEU B 155 -14.22 -36.61 -43.56
CA LEU B 155 -15.02 -36.46 -44.78
C LEU B 155 -15.02 -37.75 -45.58
N PHE B 156 -16.13 -38.06 -46.22
CA PHE B 156 -16.31 -39.35 -46.88
C PHE B 156 -16.56 -39.21 -48.38
N VAL B 157 -15.81 -39.96 -49.17
CA VAL B 157 -16.02 -40.02 -50.62
C VAL B 157 -15.84 -41.44 -51.16
N GLU B 158 -16.92 -41.98 -51.71
CA GLU B 158 -16.88 -43.24 -52.46
C GLU B 158 -16.26 -44.42 -51.70
N GLY B 159 -16.61 -44.57 -50.43
CA GLY B 159 -16.18 -45.73 -49.67
C GLY B 159 -14.85 -45.56 -48.94
N GLN B 160 -14.27 -44.36 -49.05
CA GLN B 160 -13.03 -44.06 -48.34
C GLN B 160 -13.15 -42.73 -47.60
N ALA B 161 -12.47 -42.63 -46.46
CA ALA B 161 -12.51 -41.41 -45.65
C ALA B 161 -11.18 -41.11 -44.98
N GLY B 162 -10.96 -39.84 -44.65
CA GLY B 162 -9.73 -39.42 -44.00
C GLY B 162 -9.88 -38.15 -43.20
N TYR B 163 -8.86 -37.81 -42.41
CA TYR B 163 -8.89 -36.63 -41.56
C TYR B 163 -8.42 -35.37 -42.26
N LEU B 164 -9.15 -34.28 -42.05
CA LEU B 164 -8.74 -32.96 -42.52
C LEU B 164 -7.85 -32.34 -41.46
N GLU B 165 -6.55 -32.56 -41.56
CA GLU B 165 -5.69 -32.22 -40.45
C GLU B 165 -5.31 -30.75 -40.36
N GLY B 166 -5.04 -30.33 -39.12
CA GLY B 166 -4.74 -28.96 -38.79
C GLY B 166 -4.34 -28.88 -37.34
N ARG B 167 -3.60 -27.85 -36.99
CA ARG B 167 -3.08 -27.74 -35.64
C ARG B 167 -3.61 -26.49 -34.95
N GLY B 168 -4.12 -26.68 -33.72
CA GLY B 168 -4.65 -25.59 -32.94
C GLY B 168 -5.52 -24.64 -33.73
N PRO B 170 -5.05 -23.85 -29.38
CA PRO B 170 -5.19 -22.95 -28.24
C PRO B 170 -6.55 -23.11 -27.55
N VAL B 171 -7.53 -23.61 -28.29
CA VAL B 171 -8.86 -23.90 -27.76
C VAL B 171 -9.56 -22.68 -27.11
N GLY B 172 -8.90 -21.52 -27.17
CA GLY B 172 -9.49 -20.30 -26.66
C GLY B 172 -9.34 -20.08 -25.17
N LEU B 173 -8.11 -20.21 -24.67
CA LEU B 173 -7.83 -19.90 -23.27
C LEU B 173 -6.65 -18.93 -23.15
N PHE B 174 -6.09 -18.54 -24.28
CA PHE B 174 -5.03 -17.55 -24.32
C PHE B 174 -5.54 -16.26 -24.95
N ASP B 175 -4.97 -15.13 -24.56
CA ASP B 175 -5.42 -13.83 -25.06
C ASP B 175 -4.94 -13.56 -26.48
N ASP B 176 -3.86 -14.23 -26.87
CA ASP B 176 -3.35 -14.12 -28.24
C ASP B 176 -3.88 -15.26 -29.11
N ALA B 177 -4.61 -14.90 -30.16
CA ALA B 177 -5.27 -15.88 -31.01
C ALA B 177 -4.33 -16.92 -31.61
N THR B 178 -3.50 -16.49 -32.56
CA THR B 178 -2.60 -17.38 -33.28
C THR B 178 -3.37 -18.51 -33.97
N TYR B 179 -4.54 -18.17 -34.52
CA TYR B 179 -5.38 -19.16 -35.19
C TYR B 179 -5.13 -19.17 -36.71
N ASP B 180 -5.08 -20.38 -37.27
CA ASP B 180 -4.93 -20.55 -38.71
C ASP B 180 -6.02 -21.46 -39.26
N ASP B 181 -6.62 -21.07 -40.38
CA ASP B 181 -7.66 -21.87 -41.00
C ASP B 181 -7.31 -22.24 -42.44
N ARG B 182 -7.86 -23.36 -42.90
CA ARG B 182 -7.56 -23.87 -44.23
C ARG B 182 -8.81 -23.99 -45.09
N VAL B 183 -8.64 -23.85 -46.40
CA VAL B 183 -9.75 -23.96 -47.33
C VAL B 183 -9.66 -25.26 -48.12
N MSE B 184 -10.82 -25.78 -48.52
CA MSE B 184 -10.87 -27.04 -49.25
C MSE B 184 -12.12 -27.08 -50.12
O MSE B 184 -13.19 -26.65 -49.70
CB MSE B 184 -10.89 -28.20 -48.25
CG MSE B 184 -10.73 -29.57 -48.89
SE MSE B 184 -11.42 -30.97 -47.74
CE MSE B 184 -13.31 -30.56 -47.86
N GLU B 185 -11.98 -27.61 -51.33
CA GLU B 185 -13.10 -27.69 -52.25
C GLU B 185 -13.88 -28.99 -52.07
N LEU B 186 -15.14 -28.98 -52.49
CA LEU B 186 -16.03 -30.11 -52.27
C LEU B 186 -16.41 -30.84 -53.55
N PRO B 187 -16.32 -32.17 -53.54
CA PRO B 187 -16.76 -33.04 -54.64
C PRO B 187 -18.28 -32.97 -54.79
N PRO B 188 -18.81 -33.52 -55.90
CA PRO B 188 -20.27 -33.56 -56.06
C PRO B 188 -20.91 -34.43 -54.99
N SER B 189 -20.18 -35.45 -54.54
CA SER B 189 -20.66 -36.34 -53.49
C SER B 189 -19.68 -36.39 -52.32
N PHE B 190 -20.02 -35.70 -51.24
CA PHE B 190 -19.14 -35.64 -50.07
C PHE B 190 -19.91 -35.84 -48.77
N SER B 191 -19.20 -36.25 -47.72
CA SER B 191 -19.82 -36.47 -46.42
C SER B 191 -18.85 -36.21 -45.26
N LEU B 192 -18.79 -34.95 -44.84
CA LEU B 192 -17.94 -34.57 -43.72
C LEU B 192 -18.59 -34.95 -42.39
N SER B 193 -17.79 -35.40 -41.44
CA SER B 193 -18.30 -35.80 -40.13
C SER B 193 -17.47 -35.24 -38.98
N LEU B 194 -18.16 -34.60 -38.04
CA LEU B 194 -17.50 -33.94 -36.92
C LEU B 194 -17.80 -34.68 -35.62
N PHE B 195 -16.77 -34.91 -34.80
CA PHE B 195 -16.92 -35.72 -33.60
C PHE B 195 -16.50 -35.00 -32.32
N SER B 196 -16.96 -35.53 -31.19
CA SER B 196 -16.61 -35.00 -29.88
C SER B 196 -15.52 -35.85 -29.23
N ASP B 197 -15.30 -35.63 -27.93
CA ASP B 197 -14.25 -36.35 -27.21
C ASP B 197 -14.51 -37.86 -27.15
N GLY B 198 -15.78 -38.24 -27.11
CA GLY B 198 -16.16 -39.65 -27.08
C GLY B 198 -15.83 -40.34 -28.39
N ILE B 199 -15.29 -41.55 -28.30
CA ILE B 199 -14.81 -42.27 -29.47
C ILE B 199 -15.26 -43.73 -29.45
N LEU B 200 -15.52 -44.25 -28.26
CA LEU B 200 -15.93 -45.65 -28.09
C LEU B 200 -17.17 -45.98 -28.92
N ASP B 201 -18.14 -45.07 -28.88
CA ASP B 201 -19.39 -45.21 -29.64
C ASP B 201 -19.70 -46.66 -30.03
N LEU B 208 -3.40 -46.75 -25.84
CA LEU B 208 -3.64 -46.49 -27.25
C LEU B 208 -4.52 -45.27 -27.48
N LYS B 209 -3.95 -44.08 -27.25
CA LYS B 209 -4.65 -42.84 -27.54
C LYS B 209 -4.73 -42.66 -29.05
N GLU B 210 -3.63 -42.95 -29.73
CA GLU B 210 -3.49 -42.60 -31.14
C GLU B 210 -3.81 -43.78 -32.07
N LYS B 211 -3.95 -44.96 -31.48
CA LYS B 211 -4.37 -46.15 -32.23
C LYS B 211 -5.89 -46.18 -32.22
N GLU B 212 -6.47 -45.26 -31.47
CA GLU B 212 -7.90 -45.08 -31.42
C GLU B 212 -8.32 -43.92 -32.31
N ALA B 213 -7.31 -43.22 -32.83
CA ALA B 213 -7.56 -42.10 -33.73
C ALA B 213 -7.73 -42.61 -35.15
N SER B 214 -7.21 -43.81 -35.39
CA SER B 214 -7.31 -44.43 -36.71
C SER B 214 -8.62 -45.18 -36.86
N LEU B 215 -9.30 -45.49 -35.75
CA LEU B 215 -10.56 -46.21 -35.82
C LEU B 215 -11.66 -45.42 -36.54
N PRO B 216 -11.93 -44.19 -36.08
CA PRO B 216 -12.99 -43.33 -36.64
C PRO B 216 -12.87 -43.13 -38.14
N GLU B 217 -11.65 -42.99 -38.66
CA GLU B 217 -11.47 -42.80 -40.10
C GLU B 217 -11.88 -44.05 -40.88
N GLN B 218 -11.66 -45.23 -40.31
CA GLN B 218 -11.93 -46.50 -40.99
C GLN B 218 -13.35 -46.96 -40.68
N VAL B 219 -13.79 -46.71 -39.46
CA VAL B 219 -15.12 -47.11 -39.01
C VAL B 219 -16.22 -46.30 -39.68
N ALA B 220 -15.97 -45.01 -39.86
CA ALA B 220 -16.92 -44.12 -40.51
C ALA B 220 -17.12 -44.53 -41.97
N ALA B 221 -16.04 -44.96 -42.61
CA ALA B 221 -16.11 -45.41 -44.00
C ALA B 221 -16.93 -46.68 -44.10
N ALA B 222 -16.39 -47.77 -43.55
CA ALA B 222 -17.05 -49.08 -43.60
C ALA B 222 -18.52 -48.99 -43.19
N GLY B 223 -18.84 -48.00 -42.36
CA GLY B 223 -20.21 -47.83 -41.90
C GLY B 223 -20.98 -46.78 -42.68
N GLY B 224 -22.31 -46.85 -42.58
CA GLY B 224 -23.17 -45.88 -43.23
C GLY B 224 -22.84 -44.47 -42.80
N THR B 225 -22.41 -43.66 -43.75
CA THR B 225 -21.97 -42.30 -43.46
C THR B 225 -23.12 -41.40 -43.06
N LEU B 226 -24.34 -41.90 -43.21
CA LEU B 226 -25.54 -41.14 -42.84
C LEU B 226 -25.71 -41.13 -41.32
N ASP B 227 -26.47 -40.14 -40.83
CA ASP B 227 -26.78 -40.06 -39.41
C ASP B 227 -27.62 -41.26 -38.98
N GLY B 228 -28.30 -41.86 -39.95
CA GLY B 228 -29.12 -43.04 -39.69
C GLY B 228 -28.34 -44.11 -38.96
N LEU B 229 -27.05 -44.22 -39.27
CA LEU B 229 -26.17 -45.15 -38.59
C LEU B 229 -25.86 -44.69 -37.17
N ARG B 230 -25.74 -43.37 -36.99
CA ARG B 230 -25.41 -42.80 -35.70
C ARG B 230 -26.59 -42.85 -34.72
N GLN B 231 -27.80 -42.78 -35.26
CA GLN B 231 -28.99 -42.85 -34.43
C GLN B 231 -29.14 -44.21 -33.77
N VAL B 232 -28.61 -45.24 -34.42
CA VAL B 232 -28.76 -46.61 -33.94
C VAL B 232 -28.29 -46.77 -32.49
N PHE B 233 -27.48 -45.83 -32.02
CA PHE B 233 -27.02 -45.86 -30.64
C PHE B 233 -27.92 -45.05 -29.72
N GLY B 234 -28.55 -45.72 -28.77
CA GLY B 234 -29.45 -45.06 -27.84
C GLY B 234 -29.60 -45.84 -26.54
N ALA B 239 -26.04 -46.53 -18.03
CA ALA B 239 -25.34 -46.90 -19.25
C ALA B 239 -24.81 -45.67 -19.98
N GLU B 240 -24.87 -44.52 -19.31
CA GLU B 240 -24.41 -43.26 -19.90
C GLU B 240 -22.91 -43.29 -20.19
N MSE B 241 -22.44 -42.27 -20.89
CA MSE B 241 -21.03 -42.20 -21.29
C MSE B 241 -20.23 -41.28 -20.36
O MSE B 241 -20.71 -40.25 -19.92
CB MSE B 241 -20.91 -41.73 -22.74
CG MSE B 241 -21.18 -42.81 -23.75
SE MSE B 241 -19.88 -44.27 -23.60
CE MSE B 241 -18.27 -43.27 -24.02
N PRO B 242 -18.97 -41.68 -20.08
CA PRO B 242 -18.05 -40.92 -19.23
C PRO B 242 -17.95 -39.47 -19.68
N ASP B 243 -17.79 -39.27 -20.97
CA ASP B 243 -17.74 -37.95 -21.56
C ASP B 243 -18.90 -37.79 -22.53
N ASP B 244 -19.44 -36.58 -22.61
CA ASP B 244 -20.52 -36.30 -23.56
C ASP B 244 -20.10 -36.64 -24.97
N ILE B 245 -21.02 -37.16 -25.76
CA ILE B 245 -20.74 -37.49 -27.14
C ILE B 245 -21.70 -36.77 -28.08
N ALA B 246 -21.14 -36.16 -29.13
CA ALA B 246 -21.93 -35.40 -30.09
C ALA B 246 -21.26 -35.39 -31.46
N LEU B 247 -22.04 -35.63 -32.52
CA LEU B 247 -21.51 -35.62 -33.86
C LEU B 247 -22.37 -34.81 -34.83
N LEU B 248 -21.72 -34.21 -35.82
CA LEU B 248 -22.42 -33.51 -36.88
C LEU B 248 -21.95 -34.01 -38.23
N VAL B 249 -22.88 -34.43 -39.07
CA VAL B 249 -22.56 -34.97 -40.38
C VAL B 249 -23.13 -34.13 -41.51
N LEU B 250 -22.26 -33.60 -42.36
CA LEU B 250 -22.66 -32.83 -43.53
C LEU B 250 -22.43 -33.65 -44.79
N SER B 251 -23.49 -33.90 -45.55
CA SER B 251 -23.36 -34.69 -46.77
C SER B 251 -24.17 -34.13 -47.93
N ARG B 252 -23.64 -34.29 -49.14
CA ARG B 252 -24.33 -33.87 -50.35
C ARG B 252 -24.04 -34.84 -51.49
N ASN B 253 -25.09 -35.32 -52.15
CA ASN B 253 -24.95 -36.18 -53.32
C ASN B 253 -26.29 -36.47 -53.97
N ALA C 8 36.72 -4.90 -3.07
CA ALA C 8 36.95 -6.33 -3.29
C ALA C 8 35.64 -7.11 -3.33
N SER C 9 35.74 -8.40 -3.65
CA SER C 9 34.58 -9.29 -3.65
C SER C 9 33.93 -9.33 -2.28
N LEU C 10 34.76 -9.53 -1.26
CA LEU C 10 34.27 -9.64 0.11
C LEU C 10 33.70 -8.32 0.61
N ASN C 11 34.30 -7.21 0.20
CA ASN C 11 33.84 -5.90 0.63
C ASN C 11 32.33 -5.76 0.56
N LEU C 12 31.74 -6.20 -0.54
CA LEU C 12 30.30 -6.12 -0.74
C LEU C 12 29.55 -7.19 0.06
N LEU C 13 30.22 -8.32 0.28
CA LEU C 13 29.67 -9.39 1.11
C LEU C 13 29.64 -8.92 2.56
N GLN C 14 30.57 -8.03 2.90
CA GLN C 14 30.64 -7.43 4.22
C GLN C 14 29.52 -6.41 4.33
N GLU C 15 29.14 -5.85 3.20
CA GLU C 15 28.08 -4.85 3.12
C GLU C 15 26.70 -5.49 3.20
N ASP C 16 26.61 -6.75 2.79
CA ASP C 16 25.33 -7.46 2.82
C ASP C 16 25.02 -7.98 4.22
N GLN C 17 26.06 -8.42 4.93
CA GLN C 17 25.90 -8.81 6.33
C GLN C 17 25.73 -7.54 7.16
N ASN C 18 26.27 -6.44 6.64
CA ASN C 18 26.12 -5.13 7.25
C ASN C 18 24.65 -4.73 7.34
N ALA C 19 23.88 -5.12 6.33
CA ALA C 19 22.46 -4.79 6.27
C ALA C 19 21.61 -5.72 7.12
N GLY C 20 22.01 -6.99 7.20
CA GLY C 20 21.29 -7.97 7.99
C GLY C 20 21.35 -7.61 9.46
N ARG C 21 22.47 -7.01 9.86
CA ARG C 21 22.63 -6.54 11.22
C ARG C 21 21.78 -5.30 11.46
N GLN C 22 21.63 -4.49 10.40
CA GLN C 22 20.87 -3.25 10.48
C GLN C 22 19.40 -3.50 10.79
N VAL C 23 18.82 -4.50 10.13
CA VAL C 23 17.41 -4.81 10.31
C VAL C 23 17.10 -5.32 11.71
N GLN C 24 18.07 -5.97 12.33
CA GLN C 24 17.89 -6.48 13.69
C GLN C 24 18.13 -5.41 14.74
N MSE C 25 18.78 -4.32 14.34
CA MSE C 25 19.03 -3.20 15.24
C MSE C 25 17.74 -2.47 15.58
O MSE C 25 17.53 -2.06 16.73
CB MSE C 25 20.04 -2.23 14.62
CG MSE C 25 21.38 -2.86 14.30
SE MSE C 25 22.20 -3.59 15.89
CE MSE C 25 23.92 -4.12 15.16
N ASN C 26 16.86 -2.32 14.59
CA ASN C 26 15.58 -1.68 14.81
C ASN C 26 14.53 -2.69 15.24
N MSE C 27 14.83 -3.97 15.01
CA MSE C 27 13.91 -5.05 15.32
C MSE C 27 13.81 -5.25 16.83
O MSE C 27 12.83 -5.79 17.34
CB MSE C 27 14.35 -6.35 14.64
CG MSE C 27 13.22 -7.28 14.26
SE MSE C 27 13.82 -8.88 13.35
CE MSE C 27 12.10 -9.54 12.73
N LEU C 28 14.85 -4.81 17.54
CA LEU C 28 14.88 -4.91 19.01
C LEU C 28 14.45 -3.60 19.67
N PRO C 29 13.82 -3.70 20.85
CA PRO C 29 13.30 -2.53 21.58
C PRO C 29 14.38 -1.51 21.92
N VAL C 30 13.96 -0.36 22.46
CA VAL C 30 14.90 0.69 22.83
C VAL C 30 15.33 0.56 24.30
N THR C 31 16.53 1.07 24.60
CA THR C 31 17.08 0.98 25.95
C THR C 31 17.79 2.26 26.36
N PRO C 32 17.65 2.64 27.64
CA PRO C 32 16.83 1.94 28.63
C PRO C 32 15.36 2.36 28.53
N TRP C 33 14.45 1.41 28.66
CA TRP C 33 13.01 1.70 28.59
C TRP C 33 12.33 1.33 29.90
N SER C 34 11.79 2.33 30.59
CA SER C 34 11.16 2.11 31.89
C SER C 34 9.66 2.36 31.86
N ILE C 35 8.92 1.58 32.63
CA ILE C 35 7.47 1.71 32.74
C ILE C 35 6.99 1.23 34.11
N GLU C 36 6.23 2.09 34.80
CA GLU C 36 5.66 1.75 36.10
C GLU C 36 6.71 1.38 37.14
N GLY C 37 7.89 1.95 37.03
CA GLY C 37 8.96 1.69 37.97
C GLY C 37 9.93 0.62 37.49
N LEU C 38 9.50 -0.14 36.49
CA LEU C 38 10.32 -1.20 35.91
C LEU C 38 11.19 -0.69 34.77
N GLU C 39 12.49 -0.89 34.88
CA GLU C 39 13.42 -0.45 33.85
C GLU C 39 14.03 -1.62 33.09
N PHE C 40 13.69 -1.73 31.81
CA PHE C 40 14.21 -2.80 30.97
C PHE C 40 15.35 -2.32 30.09
N SER C 41 16.47 -3.05 30.13
CA SER C 41 17.65 -2.69 29.36
C SER C 41 18.39 -3.93 28.88
N HIS C 42 18.67 -3.99 27.57
CA HIS C 42 19.36 -5.14 27.00
C HIS C 42 20.72 -4.74 26.42
N ARG C 43 21.56 -5.74 26.18
CA ARG C 43 22.89 -5.52 25.63
C ARG C 43 23.36 -6.75 24.86
N ILE C 44 23.05 -6.78 23.57
CA ILE C 44 23.46 -7.90 22.72
C ILE C 44 24.71 -7.56 21.91
N ILE C 45 25.75 -8.37 22.08
CA ILE C 45 26.99 -8.17 21.35
C ILE C 45 27.23 -9.30 20.36
N PRO C 46 26.94 -9.05 19.07
CA PRO C 46 27.10 -10.04 18.01
C PRO C 46 28.57 -10.39 17.77
N SER C 47 28.83 -11.62 17.37
CA SER C 47 30.19 -12.05 17.06
C SER C 47 30.51 -11.87 15.58
N LEU C 48 29.60 -12.35 14.73
CA LEU C 48 29.79 -12.23 13.28
C LEU C 48 28.68 -11.37 12.67
N TYR C 49 28.45 -10.21 13.29
CA TYR C 49 27.46 -9.26 12.82
C TYR C 49 26.01 -9.75 12.99
N LEU C 50 25.68 -10.90 12.41
CA LEU C 50 24.38 -11.52 12.63
C LEU C 50 24.43 -12.44 13.85
N SER C 51 23.53 -12.22 14.80
CA SER C 51 23.53 -12.99 16.04
C SER C 51 22.29 -13.88 16.16
N GLY C 52 22.41 -14.92 16.98
CA GLY C 52 21.30 -15.82 17.24
C GLY C 52 20.57 -15.44 18.52
N ASP C 53 21.17 -14.52 19.27
CA ASP C 53 20.59 -14.08 20.54
C ASP C 53 19.64 -12.90 20.33
N PHE C 54 18.39 -13.07 20.76
CA PHE C 54 17.36 -12.05 20.56
C PHE C 54 16.56 -11.77 21.83
N VAL C 55 16.54 -10.50 22.23
CA VAL C 55 15.80 -10.08 23.42
C VAL C 55 14.63 -9.18 23.02
N ASP C 56 13.47 -9.41 23.64
CA ASP C 56 12.27 -8.65 23.32
C ASP C 56 11.37 -8.50 24.55
N TYR C 57 10.85 -7.30 24.77
CA TYR C 57 9.91 -7.04 25.85
C TYR C 57 8.87 -6.01 25.43
N PHE C 58 7.59 -6.32 25.67
CA PHE C 58 6.50 -5.45 25.22
C PHE C 58 5.37 -5.30 26.24
N ARG C 59 4.60 -4.23 26.07
CA ARG C 59 3.46 -3.90 26.93
C ARG C 59 2.22 -4.71 26.56
N VAL C 60 1.43 -5.09 27.56
CA VAL C 60 0.21 -5.84 27.31
C VAL C 60 -1.01 -5.28 28.05
N ASP C 61 -1.55 -4.18 27.53
CA ASP C 61 -2.77 -3.59 28.06
C ASP C 61 -2.52 -2.74 29.29
N GLU C 62 -1.27 -2.73 29.75
CA GLU C 62 -0.91 -2.03 30.98
C GLU C 62 -1.16 -2.96 32.15
N ARG C 63 -0.38 -2.84 33.21
CA ARG C 63 -0.58 -3.66 34.40
C ARG C 63 -0.04 -5.07 34.16
N ARG C 64 0.51 -5.30 32.98
CA ARG C 64 1.16 -6.56 32.65
C ARG C 64 2.33 -6.30 31.72
N VAL C 65 3.29 -7.21 31.70
CA VAL C 65 4.45 -7.07 30.84
C VAL C 65 5.06 -8.43 30.52
N ALA C 66 5.37 -8.65 29.25
CA ALA C 66 6.03 -9.88 28.83
C ALA C 66 7.44 -9.57 28.33
N PHE C 67 8.38 -10.45 28.65
CA PHE C 67 9.77 -10.28 28.26
C PHE C 67 10.44 -11.63 28.10
N TYR C 68 11.47 -11.69 27.26
CA TYR C 68 12.21 -12.93 27.07
C TYR C 68 13.61 -12.71 26.51
N LEU C 69 14.51 -13.66 26.82
CA LEU C 69 15.85 -13.67 26.23
C LEU C 69 16.08 -15.00 25.53
N ALA C 70 16.29 -14.95 24.22
CA ALA C 70 16.43 -16.17 23.43
C ALA C 70 17.82 -16.33 22.83
N ASP C 71 18.25 -17.58 22.70
CA ASP C 71 19.52 -17.90 22.05
C ASP C 71 19.33 -19.06 21.06
N VAL C 72 19.28 -18.72 19.78
CA VAL C 72 19.15 -19.71 18.73
C VAL C 72 20.45 -20.50 18.58
N SER C 73 20.34 -21.75 18.14
CA SER C 73 21.49 -22.63 18.04
C SER C 73 22.65 -21.97 17.29
N GLY C 74 23.84 -22.11 17.85
CA GLY C 74 25.03 -21.53 17.26
C GLY C 74 24.90 -20.04 17.05
N HIS C 75 25.43 -19.56 15.93
CA HIS C 75 25.39 -18.13 15.63
C HIS C 75 25.46 -17.86 14.13
N GLY C 76 25.35 -16.59 13.77
CA GLY C 76 25.46 -16.17 12.39
C GLY C 76 24.13 -16.06 11.67
N ALA C 77 24.20 -15.99 10.34
CA ALA C 77 23.01 -15.89 9.51
C ALA C 77 22.04 -17.02 9.79
N SER C 78 22.50 -18.26 9.61
CA SER C 78 21.65 -19.43 9.79
C SER C 78 20.73 -19.31 11.00
N SER C 79 21.26 -18.81 12.10
CA SER C 79 20.49 -18.66 13.33
C SER C 79 19.75 -17.32 13.38
N ALA C 80 20.23 -16.35 12.60
CA ALA C 80 19.63 -15.02 12.57
C ALA C 80 18.23 -15.04 11.96
N PHE C 81 17.97 -16.00 11.08
CA PHE C 81 16.67 -16.11 10.44
C PHE C 81 15.61 -16.58 11.42
N VAL C 82 16.04 -17.29 12.45
CA VAL C 82 15.11 -17.82 13.44
C VAL C 82 14.63 -16.73 14.39
N THR C 83 15.53 -15.79 14.71
CA THR C 83 15.20 -14.70 15.63
C THR C 83 14.14 -13.78 15.03
N VAL C 84 14.13 -13.67 13.71
CA VAL C 84 13.16 -12.84 13.00
C VAL C 84 11.80 -13.52 13.01
N LEU C 85 11.82 -14.85 13.14
CA LEU C 85 10.61 -15.64 13.25
C LEU C 85 10.00 -15.45 14.64
N LEU C 86 10.85 -15.57 15.65
CA LEU C 86 10.40 -15.48 17.03
C LEU C 86 9.73 -14.14 17.29
N LYS C 87 10.40 -13.06 16.92
CA LYS C 87 9.88 -11.71 17.17
C LYS C 87 8.52 -11.49 16.51
N PHE C 88 8.30 -12.15 15.39
CA PHE C 88 7.05 -11.98 14.64
C PHE C 88 5.88 -12.73 15.26
N MSE C 89 6.11 -13.98 15.66
CA MSE C 89 5.07 -14.80 16.24
C MSE C 89 4.50 -14.15 17.50
O MSE C 89 3.29 -14.01 17.65
CB MSE C 89 5.61 -16.19 16.60
CG MSE C 89 6.23 -16.93 15.44
SE MSE C 89 6.68 -18.76 15.98
CE MSE C 89 4.87 -19.41 16.31
N THR C 90 5.40 -13.78 18.40
CA THR C 90 5.01 -13.24 19.69
C THR C 90 4.16 -11.97 19.57
N THR C 91 4.56 -11.06 18.68
CA THR C 91 3.83 -9.81 18.50
C THR C 91 2.54 -10.01 17.70
N ARG C 92 2.37 -11.22 17.15
CA ARG C 92 1.16 -11.56 16.44
C ARG C 92 0.14 -12.21 17.37
N LEU C 93 0.63 -13.02 18.30
CA LEU C 93 -0.24 -13.66 19.28
C LEU C 93 -0.97 -12.62 20.11
N LEU C 94 -0.35 -11.47 20.29
CA LEU C 94 -0.95 -10.37 21.02
C LEU C 94 -2.19 -9.85 20.30
N TYR C 95 -2.03 -9.56 19.01
CA TYR C 95 -3.12 -9.02 18.23
C TYR C 95 -4.17 -10.08 17.91
N GLU C 96 -3.79 -11.34 18.11
CA GLU C 96 -4.72 -12.45 17.88
C GLU C 96 -5.27 -12.97 19.20
N PRO C 104 -7.16 -13.26 27.46
CA PRO C 104 -7.79 -13.87 28.64
C PRO C 104 -6.76 -14.48 29.58
N GLU C 105 -6.88 -15.79 29.82
CA GLU C 105 -5.95 -16.50 30.68
C GLU C 105 -4.63 -16.76 29.97
N PHE C 106 -3.52 -16.56 30.70
CA PHE C 106 -2.20 -16.64 30.08
C PHE C 106 -1.16 -17.35 30.96
N LYS C 107 -0.30 -18.13 30.31
CA LYS C 107 0.85 -18.75 30.97
C LYS C 107 2.04 -18.70 30.02
N PRO C 108 3.20 -18.27 30.52
CA PRO C 108 4.40 -18.23 29.68
C PRO C 108 4.63 -19.56 28.98
N SER C 109 4.40 -20.66 29.70
CA SER C 109 4.59 -21.99 29.13
C SER C 109 3.75 -22.21 27.87
N GLU C 110 2.55 -21.64 27.87
CA GLU C 110 1.63 -21.78 26.74
C GLU C 110 2.14 -21.04 25.50
N VAL C 111 2.88 -19.96 25.72
CA VAL C 111 3.47 -19.21 24.62
C VAL C 111 4.69 -19.93 24.06
N LEU C 112 5.56 -20.41 24.94
CA LEU C 112 6.72 -21.18 24.52
C LEU C 112 6.27 -22.43 23.77
N ALA C 113 5.01 -22.82 23.98
CA ALA C 113 4.45 -23.98 23.31
C ALA C 113 4.04 -23.63 21.88
N HIS C 114 3.53 -22.42 21.69
CA HIS C 114 3.17 -21.94 20.37
C HIS C 114 4.43 -21.68 19.55
N ILE C 115 5.44 -21.12 20.21
CA ILE C 115 6.75 -20.92 19.60
C ILE C 115 7.35 -22.28 19.28
N ASN C 116 7.06 -23.23 20.17
CA ASN C 116 7.50 -24.60 19.98
C ASN C 116 7.00 -25.06 18.63
N ARG C 117 5.67 -25.16 18.47
CA ARG C 117 5.08 -25.78 17.27
C ARG C 117 5.59 -25.22 15.96
N GLY C 118 5.75 -23.91 15.90
CA GLY C 118 6.22 -23.24 14.70
C GLY C 118 7.59 -23.70 14.25
N LEU C 119 8.54 -23.72 15.17
CA LEU C 119 9.87 -24.23 14.87
C LEU C 119 9.76 -25.72 14.57
N ILE C 120 8.90 -26.38 15.35
CA ILE C 120 8.64 -27.81 15.18
C ILE C 120 8.01 -28.03 13.82
N ASN C 121 7.11 -27.13 13.45
CA ASN C 121 6.56 -27.15 12.11
C ASN C 121 7.76 -26.97 11.20
N THR C 122 7.71 -27.56 10.02
CA THR C 122 8.92 -27.78 9.24
C THR C 122 9.55 -26.52 8.64
N LYS C 123 9.88 -25.57 9.50
CA LYS C 123 10.72 -24.46 9.09
C LYS C 123 12.12 -24.98 8.84
N LEU C 124 12.53 -25.97 9.64
CA LEU C 124 13.90 -26.49 9.61
C LEU C 124 14.78 -25.54 10.40
N GLY C 125 14.16 -24.49 10.94
CA GLY C 125 14.90 -23.48 11.68
C GLY C 125 15.51 -24.00 12.96
N LYS C 126 16.61 -23.38 13.39
CA LYS C 126 17.33 -23.81 14.57
C LYS C 126 16.55 -23.66 15.88
N HIS C 127 16.64 -24.70 16.70
CA HIS C 127 16.04 -24.74 18.03
C HIS C 127 16.44 -23.52 18.84
N VAL C 128 15.47 -22.96 19.56
CA VAL C 128 15.72 -21.75 20.33
C VAL C 128 15.63 -21.99 21.84
N THR C 129 16.59 -21.43 22.55
CA THR C 129 16.64 -21.48 24.01
C THR C 129 16.13 -20.16 24.55
N MSE C 130 15.17 -20.20 25.47
CA MSE C 130 14.54 -18.97 25.94
C MSE C 130 14.39 -18.86 27.45
O MSE C 130 14.27 -19.86 28.16
CB MSE C 130 13.15 -18.81 25.31
CG MSE C 130 13.17 -18.52 23.81
SE MSE C 130 11.40 -18.01 23.18
CE MSE C 130 11.81 -17.75 21.29
N LEU C 131 14.40 -17.62 27.93
CA LEU C 131 14.05 -17.30 29.31
C LEU C 131 12.81 -16.41 29.28
N GLY C 132 11.64 -17.04 29.24
CA GLY C 132 10.39 -16.29 29.15
C GLY C 132 9.87 -15.83 30.49
N GLY C 133 9.17 -14.70 30.48
CA GLY C 133 8.60 -14.17 31.70
C GLY C 133 7.51 -13.14 31.45
N VAL C 134 6.38 -13.32 32.12
CA VAL C 134 5.33 -12.31 32.13
C VAL C 134 5.13 -11.82 33.55
N ILE C 135 4.93 -10.51 33.71
CA ILE C 135 4.86 -9.92 35.04
C ILE C 135 3.67 -8.98 35.19
N ASP C 136 2.90 -9.19 36.25
CA ASP C 136 1.70 -8.37 36.51
C ASP C 136 2.06 -7.20 37.42
N LEU C 137 1.94 -6.00 36.88
CA LEU C 137 2.25 -4.78 37.62
C LEU C 137 1.38 -4.61 38.85
N GLU C 138 0.07 -4.80 38.68
CA GLU C 138 -0.85 -4.71 39.80
C GLU C 138 -0.50 -5.78 40.82
N LYS C 139 -0.18 -6.97 40.32
CA LYS C 139 0.17 -8.10 41.17
C LYS C 139 1.50 -7.91 41.88
N ASN C 140 2.45 -7.25 41.21
CA ASN C 140 3.83 -7.23 41.67
C ASN C 140 4.35 -8.64 41.51
N SER C 141 3.73 -9.39 40.60
CA SER C 141 4.01 -10.80 40.41
C SER C 141 4.76 -11.05 39.11
N LEU C 142 5.81 -11.86 39.19
CA LEU C 142 6.61 -12.19 38.03
C LEU C 142 6.51 -13.68 37.74
N THR C 143 5.93 -14.03 36.60
CA THR C 143 5.84 -15.42 36.18
C THR C 143 6.82 -15.70 35.05
N TYR C 144 7.76 -16.60 35.32
CA TYR C 144 8.85 -16.90 34.41
C TYR C 144 8.80 -18.37 34.02
N SER C 145 9.20 -18.68 32.79
CA SER C 145 9.34 -20.07 32.35
C SER C 145 10.63 -20.25 31.56
N ILE C 146 11.45 -21.18 32.01
CA ILE C 146 12.71 -21.48 31.35
C ILE C 146 12.56 -22.69 30.45
N GLY C 147 12.76 -22.49 29.15
CA GLY C 147 12.60 -23.56 28.18
C GLY C 147 13.92 -24.13 27.71
N GLY C 148 15.02 -23.46 28.02
CA GLY C 148 16.33 -23.92 27.58
C GLY C 148 17.25 -24.34 28.72
N HIS C 149 18.48 -24.70 28.37
CA HIS C 149 19.49 -25.06 29.37
C HIS C 149 20.36 -23.86 29.73
N LEU C 150 20.23 -22.80 28.96
CA LEU C 150 21.04 -21.59 29.16
C LEU C 150 21.02 -21.12 30.62
N PRO C 151 22.07 -20.39 31.04
CA PRO C 151 22.21 -19.91 32.43
C PRO C 151 20.95 -19.21 32.94
N LEU C 152 20.40 -19.72 34.05
CA LEU C 152 19.17 -19.19 34.63
C LEU C 152 19.32 -17.71 35.01
N PRO C 153 18.18 -17.02 35.19
CA PRO C 153 18.17 -15.59 35.53
C PRO C 153 18.74 -15.31 36.92
N VAL C 154 19.58 -14.29 37.03
CA VAL C 154 20.19 -13.91 38.30
C VAL C 154 19.60 -12.58 38.78
N LEU C 155 19.02 -12.60 39.98
CA LEU C 155 18.44 -11.38 40.54
C LEU C 155 19.20 -10.92 41.79
N PHE C 156 19.36 -9.60 41.92
CA PHE C 156 20.16 -9.04 43.02
C PHE C 156 19.31 -8.29 44.04
N VAL C 157 19.41 -8.71 45.29
CA VAL C 157 18.75 -8.06 46.41
C VAL C 157 19.66 -8.06 47.63
N GLU C 158 20.11 -6.88 48.04
CA GLU C 158 20.95 -6.73 49.23
C GLU C 158 22.27 -7.48 49.10
N GLY C 159 23.02 -7.17 48.04
CA GLY C 159 24.31 -7.80 47.82
C GLY C 159 24.18 -9.29 47.61
N GLN C 160 22.95 -9.76 47.47
CA GLN C 160 22.70 -11.18 47.26
C GLN C 160 22.12 -11.42 45.86
N ALA C 161 22.69 -12.38 45.15
CA ALA C 161 22.18 -12.78 43.86
C ALA C 161 21.99 -14.29 43.81
N GLY C 162 20.95 -14.75 43.14
CA GLY C 162 20.64 -16.17 43.11
C GLY C 162 19.88 -16.65 41.90
N TYR C 163 20.14 -17.89 41.51
CA TYR C 163 19.43 -18.53 40.41
C TYR C 163 17.98 -18.77 40.79
N LEU C 164 17.10 -18.80 39.79
CA LEU C 164 15.71 -19.13 40.03
C LEU C 164 15.39 -20.55 39.56
N GLU C 165 14.89 -21.38 40.48
CA GLU C 165 14.57 -22.77 40.19
C GLU C 165 13.83 -22.92 38.87
N GLY C 166 14.27 -23.86 38.04
CA GLY C 166 13.61 -24.08 36.76
C GLY C 166 14.13 -25.23 35.92
N ARG C 167 13.21 -26.07 35.47
CA ARG C 167 13.51 -27.12 34.50
C ARG C 167 12.37 -27.19 33.49
N GLY C 168 12.25 -28.31 32.80
CA GLY C 168 11.17 -28.49 31.84
C GLY C 168 11.42 -27.81 30.51
N VAL C 171 14.96 -27.82 24.15
CA VAL C 171 13.74 -28.37 24.72
C VAL C 171 12.55 -28.11 23.81
N GLY C 172 12.64 -27.03 23.03
CA GLY C 172 11.59 -26.69 22.10
C GLY C 172 11.48 -27.65 20.93
N LEU C 173 12.54 -28.42 20.71
CA LEU C 173 12.60 -29.32 19.55
C LEU C 173 11.53 -30.41 19.57
N PHE C 174 11.00 -30.71 20.76
CA PHE C 174 10.02 -31.76 20.91
C PHE C 174 8.60 -31.20 20.79
N ASP C 175 7.78 -31.82 19.94
CA ASP C 175 6.43 -31.32 19.71
C ASP C 175 5.63 -31.30 21.02
N ASP C 176 5.88 -32.28 21.87
CA ASP C 176 5.26 -32.31 23.20
C ASP C 176 5.77 -31.12 23.99
N ALA C 177 4.84 -30.30 24.49
CA ALA C 177 5.19 -29.08 25.21
C ALA C 177 6.32 -29.31 26.21
N THR C 178 6.03 -30.09 27.25
CA THR C 178 7.01 -30.37 28.29
C THR C 178 7.46 -29.10 28.97
N TYR C 179 6.51 -28.22 29.27
CA TYR C 179 6.80 -26.92 29.86
C TYR C 179 6.14 -26.72 31.22
N ASP C 180 6.90 -26.16 32.16
CA ASP C 180 6.39 -25.82 33.48
C ASP C 180 6.78 -24.40 33.86
N ASP C 181 5.79 -23.61 34.24
CA ASP C 181 6.04 -22.22 34.62
C ASP C 181 5.78 -21.99 36.11
N ARG C 182 6.62 -21.16 36.72
CA ARG C 182 6.46 -20.80 38.13
C ARG C 182 6.34 -19.30 38.31
N VAL C 183 5.60 -18.88 39.31
CA VAL C 183 5.45 -17.46 39.64
C VAL C 183 6.52 -17.04 40.63
N MSE C 184 6.61 -15.75 40.89
CA MSE C 184 7.61 -15.20 41.81
C MSE C 184 7.16 -13.87 42.38
O MSE C 184 6.77 -12.97 41.66
CB MSE C 184 8.95 -15.03 41.11
CG MSE C 184 10.03 -14.40 41.97
SE MSE C 184 10.71 -15.62 43.33
CE MSE C 184 11.33 -17.05 42.17
N GLU C 185 7.22 -13.75 43.71
CA GLU C 185 6.90 -12.52 44.41
C GLU C 185 7.94 -11.45 44.09
N LEU C 186 7.55 -10.18 44.20
CA LEU C 186 8.45 -9.08 43.87
C LEU C 186 8.63 -8.06 45.00
N PRO C 187 9.89 -7.84 45.39
CA PRO C 187 10.29 -6.85 46.41
C PRO C 187 10.25 -5.42 45.87
N PRO C 188 10.32 -4.43 46.76
CA PRO C 188 10.36 -3.03 46.36
C PRO C 188 11.58 -2.73 45.49
N SER C 189 12.72 -3.31 45.84
CA SER C 189 13.96 -3.13 45.09
C SER C 189 14.43 -4.46 44.49
N PHE C 190 14.48 -4.51 43.16
CA PHE C 190 14.78 -5.76 42.46
C PHE C 190 15.70 -5.51 41.27
N SER C 191 16.42 -6.55 40.86
CA SER C 191 17.26 -6.47 39.67
C SER C 191 17.53 -7.86 39.06
N LEU C 192 16.55 -8.37 38.31
CA LEU C 192 16.70 -9.66 37.65
C LEU C 192 17.56 -9.54 36.39
N SER C 193 18.38 -10.55 36.14
CA SER C 193 19.30 -10.52 35.01
C SER C 193 19.24 -11.79 34.17
N LEU C 194 18.90 -11.65 32.90
CA LEU C 194 18.89 -12.77 31.97
C LEU C 194 20.22 -12.80 31.23
N PHE C 195 20.77 -14.00 31.05
CA PHE C 195 22.05 -14.14 30.35
C PHE C 195 22.01 -15.15 29.22
N SER C 196 22.97 -15.03 28.30
CA SER C 196 23.03 -15.90 27.14
C SER C 196 24.03 -17.04 27.37
N ASP C 197 24.24 -17.85 26.35
CA ASP C 197 25.16 -18.98 26.44
C ASP C 197 26.59 -18.52 26.69
N GLY C 198 26.94 -17.36 26.14
CA GLY C 198 28.27 -16.80 26.31
C GLY C 198 28.69 -16.67 27.77
N ILE C 199 29.61 -17.54 28.18
CA ILE C 199 30.16 -17.52 29.52
C ILE C 199 31.53 -16.81 29.50
N LEU C 200 32.15 -16.73 30.68
CA LEU C 200 33.56 -16.34 30.81
C LEU C 200 33.94 -15.09 30.02
N ASP C 201 33.01 -14.16 29.90
CA ASP C 201 33.27 -12.92 29.17
C ASP C 201 34.07 -11.93 30.01
N VAL C 202 33.86 -11.97 31.33
CA VAL C 202 34.58 -11.08 32.24
C VAL C 202 35.84 -11.74 32.78
N LEU C 203 35.91 -13.06 32.66
CA LEU C 203 37.03 -13.80 33.24
C LEU C 203 37.89 -14.52 32.20
N PRO C 204 39.22 -14.43 32.37
CA PRO C 204 40.20 -15.13 31.52
C PRO C 204 39.98 -16.64 31.56
N GLY C 205 39.70 -17.16 32.75
CA GLY C 205 39.46 -18.58 32.92
C GLY C 205 38.25 -19.04 32.12
N ALA C 206 38.41 -20.18 31.45
CA ALA C 206 37.33 -20.75 30.65
C ALA C 206 36.39 -21.59 31.51
N LEU C 208 34.52 -27.33 33.02
CA LEU C 208 34.35 -26.30 34.05
C LEU C 208 33.01 -25.58 33.93
N LYS C 209 31.99 -26.30 33.47
CA LYS C 209 30.67 -25.74 33.30
C LYS C 209 30.07 -25.29 34.62
N GLU C 210 30.24 -26.13 35.65
CA GLU C 210 29.57 -25.91 36.93
C GLU C 210 30.24 -24.84 37.79
N LYS C 211 31.55 -24.71 37.66
CA LYS C 211 32.30 -23.70 38.39
C LYS C 211 31.99 -22.30 37.85
N GLU C 212 31.72 -22.23 36.55
CA GLU C 212 31.33 -20.97 35.93
C GLU C 212 29.83 -20.76 36.07
N ALA C 213 29.17 -21.73 36.69
CA ALA C 213 27.73 -21.69 36.90
C ALA C 213 27.39 -20.95 38.19
N SER C 214 28.28 -21.06 39.16
CA SER C 214 28.09 -20.40 40.46
C SER C 214 28.66 -18.99 40.43
N LEU C 215 29.43 -18.70 39.39
CA LEU C 215 30.14 -17.42 39.29
C LEU C 215 29.26 -16.23 38.90
N PRO C 216 28.33 -16.42 37.94
CA PRO C 216 27.49 -15.32 37.48
C PRO C 216 26.73 -14.66 38.63
N GLU C 217 26.23 -15.47 39.56
CA GLU C 217 25.53 -14.96 40.72
C GLU C 217 26.47 -14.12 41.58
N GLN C 218 27.72 -14.57 41.71
CA GLN C 218 28.70 -13.91 42.57
C GLN C 218 29.18 -12.59 41.96
N VAL C 219 29.50 -12.62 40.67
CA VAL C 219 29.99 -11.44 39.97
C VAL C 219 28.87 -10.43 39.74
N ALA C 220 27.66 -10.93 39.53
CA ALA C 220 26.51 -10.05 39.30
C ALA C 220 26.23 -9.19 40.53
N ALA C 221 26.39 -9.77 41.72
CA ALA C 221 26.16 -9.03 42.96
C ALA C 221 27.32 -8.10 43.28
N ALA C 222 28.55 -8.61 43.16
CA ALA C 222 29.73 -7.82 43.44
C ALA C 222 29.81 -6.60 42.52
N GLY C 223 29.28 -6.74 41.31
CA GLY C 223 29.29 -5.67 40.34
C GLY C 223 27.96 -4.93 40.24
N GLY C 224 28.00 -3.75 39.63
CA GLY C 224 26.80 -2.95 39.46
C GLY C 224 25.71 -3.70 38.74
N THR C 225 24.54 -3.78 39.38
CA THR C 225 23.41 -4.55 38.84
C THR C 225 22.79 -3.90 37.61
N LEU C 226 23.13 -2.64 37.37
CA LEU C 226 22.57 -1.90 36.24
C LEU C 226 23.39 -2.11 34.98
N ASP C 227 22.77 -1.86 33.83
CA ASP C 227 23.41 -2.13 32.54
C ASP C 227 24.73 -1.41 32.35
N GLY C 228 24.94 -0.35 33.13
CA GLY C 228 26.16 0.43 33.05
C GLY C 228 27.41 -0.44 32.95
N LEU C 229 27.45 -1.49 33.76
CA LEU C 229 28.57 -2.43 33.76
C LEU C 229 28.72 -3.17 32.45
N ARG C 230 27.60 -3.61 31.89
CA ARG C 230 27.62 -4.38 30.64
C ARG C 230 28.10 -3.50 29.49
N GLN C 231 27.88 -2.20 29.61
CA GLN C 231 28.40 -1.26 28.63
C GLN C 231 29.92 -1.26 28.74
N VAL C 232 30.40 -1.42 29.98
CA VAL C 232 31.82 -1.54 30.24
C VAL C 232 32.36 -2.81 29.59
N PHE C 233 31.56 -3.87 29.64
CA PHE C 233 31.90 -5.15 29.02
C PHE C 233 32.56 -4.96 27.65
N GLY C 234 31.98 -4.08 26.84
CA GLY C 234 32.48 -3.81 25.51
C GLY C 234 32.87 -2.36 25.30
N PRO C 242 33.28 -15.32 19.45
CA PRO C 242 32.91 -16.68 19.85
C PRO C 242 31.41 -16.91 19.73
N ASP C 243 30.77 -17.30 20.83
CA ASP C 243 29.32 -17.43 20.85
C ASP C 243 28.69 -16.07 21.13
N ASP C 244 27.47 -15.87 20.66
CA ASP C 244 26.74 -14.63 20.88
C ASP C 244 26.56 -14.37 22.37
N ILE C 245 26.72 -13.12 22.78
CA ILE C 245 26.41 -12.71 24.15
C ILE C 245 25.25 -11.72 24.16
N ALA C 246 24.23 -12.03 24.97
CA ALA C 246 23.07 -11.16 25.07
C ALA C 246 22.52 -11.18 26.50
N LEU C 247 22.29 -10.01 27.07
CA LEU C 247 21.76 -9.92 28.42
C LEU C 247 20.57 -8.96 28.53
N LEU C 248 19.57 -9.36 29.29
CA LEU C 248 18.44 -8.49 29.61
C LEU C 248 18.42 -8.28 31.11
N VAL C 249 18.34 -7.02 31.53
CA VAL C 249 18.29 -6.72 32.96
C VAL C 249 17.06 -5.87 33.30
N LEU C 250 16.20 -6.40 34.16
CA LEU C 250 15.04 -5.67 34.63
C LEU C 250 15.19 -5.29 36.09
N SER C 251 14.91 -4.04 36.42
CA SER C 251 15.14 -3.55 37.77
C SER C 251 14.01 -2.63 38.25
N ARG C 252 13.85 -2.55 39.57
CA ARG C 252 12.81 -1.72 40.17
C ARG C 252 13.24 -1.17 41.53
N ASN C 253 13.07 0.13 41.72
CA ASN C 253 13.28 0.79 43.01
C ASN C 253 13.52 2.30 42.85
N LEU D 10 35.58 -13.17 6.26
CA LEU D 10 36.12 -13.62 4.99
C LEU D 10 35.59 -15.01 4.66
N ASN D 11 36.38 -16.03 4.97
CA ASN D 11 35.90 -17.39 4.89
C ASN D 11 34.92 -17.60 6.03
N LEU D 12 35.09 -16.82 7.09
CA LEU D 12 34.18 -16.86 8.22
C LEU D 12 32.87 -16.15 7.87
N LEU D 13 32.97 -15.10 7.06
CA LEU D 13 31.80 -14.41 6.55
C LEU D 13 31.12 -15.29 5.50
N GLN D 14 31.93 -15.97 4.71
CA GLN D 14 31.44 -16.88 3.69
C GLN D 14 30.79 -18.09 4.35
N GLU D 15 31.38 -18.55 5.44
CA GLU D 15 30.88 -19.71 6.18
C GLU D 15 29.56 -19.38 6.88
N ASP D 16 29.43 -18.14 7.33
CA ASP D 16 28.22 -17.70 8.01
C ASP D 16 27.06 -17.54 7.04
N GLN D 17 27.35 -16.97 5.87
CA GLN D 17 26.32 -16.75 4.86
C GLN D 17 25.88 -18.07 4.22
N ASN D 18 26.80 -19.03 4.17
CA ASN D 18 26.47 -20.36 3.68
C ASN D 18 25.61 -21.12 4.69
N ALA D 19 25.75 -20.76 5.96
CA ALA D 19 24.92 -21.34 7.01
C ALA D 19 23.47 -20.93 6.77
N GLY D 20 23.29 -19.73 6.20
CA GLY D 20 21.97 -19.21 5.89
C GLY D 20 21.42 -19.73 4.58
N ARG D 21 22.31 -20.07 3.65
CA ARG D 21 21.89 -20.63 2.37
C ARG D 21 21.48 -22.08 2.54
N GLN D 22 22.18 -22.79 3.41
CA GLN D 22 21.91 -24.20 3.65
C GLN D 22 20.76 -24.43 4.62
N VAL D 23 20.30 -23.35 5.26
CA VAL D 23 19.12 -23.44 6.12
C VAL D 23 17.86 -23.22 5.28
N GLN D 24 17.98 -22.44 4.22
CA GLN D 24 16.90 -22.27 3.26
C GLN D 24 16.76 -23.51 2.41
N MSE D 25 17.87 -24.21 2.20
CA MSE D 25 17.89 -25.42 1.40
C MSE D 25 16.79 -26.40 1.79
O MSE D 25 16.09 -26.94 0.93
CB MSE D 25 19.26 -26.11 1.51
CG MSE D 25 20.38 -25.41 0.76
SE MSE D 25 20.35 -25.79 -1.15
CE MSE D 25 21.98 -24.86 -1.66
N ASN D 26 16.64 -26.65 3.10
CA ASN D 26 15.66 -27.61 3.57
C ASN D 26 14.32 -26.97 3.96
N MSE D 27 14.25 -25.65 3.84
CA MSE D 27 12.99 -24.95 4.01
C MSE D 27 12.09 -25.29 2.83
O MSE D 27 10.87 -25.45 2.99
CB MSE D 27 13.22 -23.44 4.10
CG MSE D 27 11.99 -22.63 4.50
SE MSE D 27 12.44 -20.94 5.36
CE MSE D 27 12.89 -21.62 7.14
N LEU D 28 12.71 -25.44 1.66
CA LEU D 28 12.01 -25.71 0.41
C LEU D 28 11.61 -27.18 0.29
N PRO D 29 10.53 -27.45 -0.45
CA PRO D 29 10.11 -28.81 -0.77
C PRO D 29 11.04 -29.52 -1.77
N VAL D 30 11.00 -30.85 -1.77
CA VAL D 30 11.84 -31.66 -2.65
C VAL D 30 11.37 -31.63 -4.09
N THR D 31 12.30 -31.87 -5.02
CA THR D 31 12.00 -31.87 -6.45
C THR D 31 12.72 -33.00 -7.17
N PRO D 32 12.05 -33.62 -8.16
CA PRO D 32 10.67 -33.34 -8.54
C PRO D 32 9.68 -34.07 -7.64
N TRP D 33 8.58 -33.40 -7.28
CA TRP D 33 7.57 -34.01 -6.42
C TRP D 33 6.24 -34.14 -7.14
N SER D 34 5.84 -35.38 -7.42
CA SER D 34 4.62 -35.63 -8.18
C SER D 34 3.50 -36.19 -7.31
N ILE D 35 2.28 -35.70 -7.54
CA ILE D 35 1.09 -36.19 -6.85
C ILE D 35 -0.16 -36.12 -7.71
N GLU D 36 -0.85 -37.26 -7.79
CA GLU D 36 -2.09 -37.37 -8.54
C GLU D 36 -1.90 -36.98 -9.99
N GLY D 37 -0.74 -37.22 -10.57
CA GLY D 37 -0.49 -36.88 -11.96
C GLY D 37 0.19 -35.54 -12.14
N LEU D 38 0.25 -34.78 -11.05
CA LEU D 38 0.83 -33.45 -11.07
C LEU D 38 2.25 -33.45 -10.51
N GLU D 39 3.20 -32.97 -11.30
CA GLU D 39 4.59 -32.91 -10.88
C GLU D 39 5.04 -31.48 -10.60
N PHE D 40 5.50 -31.24 -9.39
CA PHE D 40 6.02 -29.92 -9.01
C PHE D 40 7.54 -29.97 -8.96
N SER D 41 8.17 -28.99 -9.62
CA SER D 41 9.62 -28.92 -9.67
C SER D 41 10.07 -27.47 -9.73
N HIS D 42 10.99 -27.10 -8.84
CA HIS D 42 11.45 -25.73 -8.76
C HIS D 42 12.96 -25.60 -8.84
N ARG D 43 13.43 -24.46 -9.32
CA ARG D 43 14.86 -24.19 -9.44
C ARG D 43 15.22 -22.78 -9.00
N ILE D 44 15.73 -22.67 -7.78
CA ILE D 44 16.11 -21.38 -7.20
C ILE D 44 17.60 -21.16 -7.29
N ILE D 45 18.01 -20.14 -8.04
CA ILE D 45 19.43 -19.84 -8.23
C ILE D 45 19.83 -18.56 -7.50
N PRO D 46 20.37 -18.69 -6.29
CA PRO D 46 20.83 -17.54 -5.49
C PRO D 46 22.00 -16.83 -6.16
N SER D 47 22.05 -15.51 -6.01
CA SER D 47 23.15 -14.73 -6.57
C SER D 47 24.24 -14.50 -5.53
N LEU D 48 23.83 -14.20 -4.31
CA LEU D 48 24.77 -14.00 -3.21
C LEU D 48 24.40 -14.87 -2.01
N TYR D 49 24.41 -16.18 -2.23
CA TYR D 49 24.09 -17.15 -1.19
C TYR D 49 22.62 -17.08 -0.77
N LEU D 50 22.27 -16.02 -0.05
CA LEU D 50 20.90 -15.81 0.39
C LEU D 50 20.05 -15.19 -0.72
N SER D 51 18.89 -15.79 -0.97
CA SER D 51 18.01 -15.31 -2.02
C SER D 51 16.66 -14.88 -1.45
N GLY D 52 16.05 -13.87 -2.08
CA GLY D 52 14.75 -13.39 -1.68
C GLY D 52 13.64 -14.15 -2.40
N ASP D 53 14.02 -14.95 -3.38
CA ASP D 53 13.08 -15.75 -4.14
C ASP D 53 12.82 -17.09 -3.46
N PHE D 54 11.57 -17.33 -3.06
CA PHE D 54 11.22 -18.52 -2.31
C PHE D 54 9.98 -19.19 -2.90
N VAL D 55 10.11 -20.48 -3.22
CA VAL D 55 8.99 -21.26 -3.76
C VAL D 55 8.56 -22.34 -2.79
N ASP D 56 7.25 -22.49 -2.62
CA ASP D 56 6.70 -23.46 -1.68
C ASP D 56 5.38 -24.05 -2.17
N TYR D 57 5.24 -25.36 -2.03
CA TYR D 57 4.00 -26.05 -2.41
C TYR D 57 3.72 -27.22 -1.46
N PHE D 58 2.49 -27.27 -0.95
CA PHE D 58 2.13 -28.26 0.05
C PHE D 58 0.71 -28.81 -0.15
N ARG D 59 0.52 -30.08 0.19
CA ARG D 59 -0.78 -30.73 0.02
C ARG D 59 -1.76 -30.29 1.10
N VAL D 60 -3.04 -30.30 0.74
CA VAL D 60 -4.10 -29.97 1.70
C VAL D 60 -5.29 -30.92 1.55
N ARG D 63 -7.36 -33.10 -1.62
CA ARG D 63 -8.26 -32.69 -2.69
C ARG D 63 -7.81 -31.37 -3.32
N ARG D 64 -7.17 -30.53 -2.52
CA ARG D 64 -6.67 -29.24 -2.99
C ARG D 64 -5.17 -29.08 -2.77
N VAL D 65 -4.47 -28.60 -3.79
CA VAL D 65 -3.03 -28.38 -3.69
C VAL D 65 -2.71 -26.89 -3.87
N ALA D 66 -1.89 -26.35 -2.98
CA ALA D 66 -1.53 -24.94 -3.03
C ALA D 66 -0.05 -24.75 -3.36
N PHE D 67 0.25 -23.78 -4.22
CA PHE D 67 1.62 -23.48 -4.59
C PHE D 67 1.78 -21.98 -4.83
N TYR D 68 3.01 -21.48 -4.69
CA TYR D 68 3.28 -20.08 -4.95
C TYR D 68 4.76 -19.82 -5.22
N LEU D 69 5.04 -18.74 -5.92
CA LEU D 69 6.42 -18.30 -6.17
C LEU D 69 6.56 -16.84 -5.75
N ALA D 70 7.38 -16.58 -4.75
CA ALA D 70 7.51 -15.23 -4.21
C ALA D 70 8.88 -14.61 -4.50
N ASP D 71 8.92 -13.28 -4.51
CA ASP D 71 10.17 -12.55 -4.68
C ASP D 71 10.18 -11.31 -3.78
N VAL D 72 10.97 -11.38 -2.71
CA VAL D 72 11.10 -10.26 -1.79
C VAL D 72 11.88 -9.13 -2.48
N SER D 73 11.52 -7.90 -2.16
CA SER D 73 12.19 -6.73 -2.73
C SER D 73 13.70 -6.85 -2.59
N GLY D 74 14.41 -6.63 -3.70
CA GLY D 74 15.86 -6.73 -3.70
C GLY D 74 16.34 -8.15 -3.49
N HIS D 75 17.52 -8.32 -2.91
CA HIS D 75 18.07 -9.64 -2.64
C HIS D 75 19.08 -9.63 -1.50
N GLY D 76 19.59 -10.80 -1.15
CA GLY D 76 20.57 -10.92 -0.09
C GLY D 76 19.97 -11.31 1.25
N ALA D 77 20.72 -11.08 2.32
CA ALA D 77 20.28 -11.40 3.66
C ALA D 77 19.02 -10.63 4.04
N SER D 78 19.04 -9.33 3.81
CA SER D 78 17.92 -8.45 4.17
C SER D 78 16.58 -9.01 3.71
N SER D 79 16.56 -9.55 2.50
CA SER D 79 15.33 -10.11 1.94
C SER D 79 15.15 -11.58 2.29
N ALA D 80 16.25 -12.23 2.66
CA ALA D 80 16.24 -13.65 2.99
C ALA D 80 15.51 -13.91 4.31
N PHE D 81 15.35 -12.86 5.12
CA PHE D 81 14.61 -12.98 6.37
C PHE D 81 13.12 -13.05 6.10
N VAL D 82 12.68 -12.39 5.04
CA VAL D 82 11.26 -12.33 4.70
C VAL D 82 10.75 -13.66 4.20
N THR D 83 11.61 -14.42 3.53
CA THR D 83 11.25 -15.73 3.02
C THR D 83 10.89 -16.67 4.18
N VAL D 84 11.59 -16.51 5.30
CA VAL D 84 11.33 -17.31 6.48
C VAL D 84 9.94 -17.00 7.04
N LEU D 85 9.56 -15.73 6.98
CA LEU D 85 8.26 -15.31 7.48
C LEU D 85 7.12 -15.91 6.65
N LEU D 86 7.26 -15.88 5.33
CA LEU D 86 6.24 -16.43 4.44
C LEU D 86 6.03 -17.92 4.65
N LYS D 87 7.13 -18.67 4.70
CA LYS D 87 7.06 -20.12 4.90
C LYS D 87 6.37 -20.46 6.21
N PHE D 88 6.53 -19.57 7.19
CA PHE D 88 5.85 -19.74 8.47
C PHE D 88 4.36 -19.46 8.36
N MSE D 89 4.02 -18.32 7.76
CA MSE D 89 2.62 -17.89 7.66
C MSE D 89 1.74 -18.94 6.98
O MSE D 89 0.63 -19.20 7.41
CB MSE D 89 2.52 -16.55 6.93
CG MSE D 89 3.32 -15.42 7.57
SE MSE D 89 2.77 -13.64 6.99
CE MSE D 89 0.95 -13.65 7.65
N THR D 90 2.26 -19.54 5.90
CA THR D 90 1.48 -20.51 5.14
C THR D 90 1.23 -21.79 5.92
N THR D 91 2.28 -22.31 6.55
CA THR D 91 2.17 -23.54 7.33
C THR D 91 1.29 -23.35 8.56
N ARG D 92 1.26 -22.12 9.08
CA ARG D 92 0.45 -21.82 10.26
C ARG D 92 -1.03 -21.78 9.90
N LEU D 93 -1.35 -21.19 8.77
CA LEU D 93 -2.74 -21.09 8.33
C LEU D 93 -3.40 -22.46 8.22
N LEU D 94 -2.66 -23.42 7.67
CA LEU D 94 -3.16 -24.78 7.52
C LEU D 94 -3.56 -25.37 8.87
N TYR D 95 -2.65 -25.31 9.83
CA TYR D 95 -2.90 -25.85 11.17
C TYR D 95 -3.99 -25.06 11.89
N GLU D 96 -4.15 -23.80 11.48
CA GLU D 96 -5.18 -22.95 12.06
C GLU D 96 -6.54 -23.22 11.43
N SER D 97 -6.51 -23.90 10.28
CA SER D 97 -7.74 -24.25 9.58
C SER D 97 -8.49 -25.36 10.30
N ARG D 98 -7.76 -26.38 10.73
CA ARG D 98 -8.36 -27.55 11.35
C ARG D 98 -7.60 -27.95 12.62
N ARG D 99 -8.28 -28.67 13.51
CA ARG D 99 -7.64 -29.16 14.73
C ARG D 99 -6.83 -30.42 14.46
N GLU D 105 -7.60 -22.79 0.73
CA GLU D 105 -7.70 -21.33 0.71
C GLU D 105 -8.90 -20.87 1.54
N PHE D 106 -8.64 -20.22 2.65
CA PHE D 106 -9.73 -19.63 3.43
C PHE D 106 -10.36 -18.61 2.51
N LYS D 107 -9.50 -17.86 1.85
CA LYS D 107 -9.88 -17.03 0.73
C LYS D 107 -8.81 -17.16 -0.33
N PRO D 108 -9.21 -17.19 -1.58
CA PRO D 108 -8.22 -17.32 -2.66
C PRO D 108 -7.25 -16.15 -2.59
N SER D 109 -7.79 -14.96 -2.34
CA SER D 109 -6.98 -13.76 -2.22
C SER D 109 -6.76 -13.41 -0.76
N GLU D 110 -7.49 -14.09 0.13
CA GLU D 110 -7.40 -13.84 1.56
C GLU D 110 -6.20 -14.50 2.19
N VAL D 111 -5.58 -15.41 1.45
CA VAL D 111 -4.27 -15.89 1.86
C VAL D 111 -3.27 -14.77 1.63
N LEU D 112 -3.26 -14.27 0.40
CA LEU D 112 -2.43 -13.12 0.05
C LEU D 112 -2.73 -11.98 1.01
N ALA D 113 -3.98 -11.93 1.49
CA ALA D 113 -4.40 -10.90 2.43
C ALA D 113 -3.78 -11.11 3.81
N HIS D 114 -3.77 -12.37 4.27
CA HIS D 114 -3.13 -12.69 5.54
C HIS D 114 -1.65 -12.41 5.48
N ILE D 115 -1.01 -12.84 4.39
CA ILE D 115 0.39 -12.53 4.15
C ILE D 115 0.60 -11.03 4.19
N ASN D 116 -0.33 -10.29 3.60
CA ASN D 116 -0.29 -8.84 3.54
C ASN D 116 -0.28 -8.19 4.91
N ARG D 117 -1.22 -8.61 5.76
CA ARG D 117 -1.39 -8.04 7.09
C ARG D 117 -0.16 -8.26 7.98
N GLY D 118 0.50 -9.38 7.79
CA GLY D 118 1.68 -9.70 8.58
C GLY D 118 2.88 -8.83 8.22
N LEU D 119 3.00 -8.50 6.95
CA LEU D 119 4.12 -7.70 6.46
C LEU D 119 3.92 -6.22 6.76
N ILE D 120 2.66 -5.80 6.81
CA ILE D 120 2.34 -4.39 7.00
C ILE D 120 2.70 -3.89 8.39
N ASN D 121 2.92 -4.82 9.32
CA ASN D 121 3.23 -4.46 10.70
C ASN D 121 4.69 -4.69 11.08
N THR D 122 5.47 -3.61 11.08
CA THR D 122 6.88 -3.65 11.46
C THR D 122 7.61 -4.82 10.82
N LYS D 123 7.75 -4.78 9.50
CA LYS D 123 8.46 -5.83 8.78
C LYS D 123 9.56 -5.24 7.91
N LEU D 124 10.30 -4.27 8.46
CA LEU D 124 11.38 -3.61 7.74
C LEU D 124 10.82 -2.74 6.62
N GLY D 125 9.54 -2.93 6.31
CA GLY D 125 8.91 -2.21 5.22
C GLY D 125 9.02 -3.01 3.93
N LYS D 126 9.65 -4.17 4.04
CA LYS D 126 9.80 -5.07 2.91
C LYS D 126 8.44 -5.47 2.37
N HIS D 127 8.33 -5.60 1.05
CA HIS D 127 7.11 -6.05 0.42
C HIS D 127 7.39 -7.23 -0.50
N VAL D 128 6.44 -8.16 -0.57
CA VAL D 128 6.65 -9.40 -1.31
C VAL D 128 5.77 -9.50 -2.56
N THR D 129 6.38 -9.95 -3.65
CA THR D 129 5.66 -10.16 -4.90
C THR D 129 5.56 -11.66 -5.18
N MSE D 130 4.35 -12.17 -5.39
CA MSE D 130 4.18 -13.61 -5.49
C MSE D 130 3.04 -14.07 -6.41
O MSE D 130 2.04 -13.39 -6.59
CB MSE D 130 3.99 -14.22 -4.10
CG MSE D 130 2.70 -13.79 -3.43
SE MSE D 130 2.67 -14.28 -1.55
CE MSE D 130 0.90 -13.61 -1.10
N LEU D 131 3.22 -15.27 -6.96
CA LEU D 131 2.22 -15.92 -7.79
C LEU D 131 1.51 -17.00 -6.99
N GLY D 132 0.31 -16.70 -6.49
CA GLY D 132 -0.44 -17.66 -5.71
C GLY D 132 -1.32 -18.55 -6.56
N GLY D 133 -1.38 -19.83 -6.20
CA GLY D 133 -2.20 -20.78 -6.95
C GLY D 133 -2.69 -21.95 -6.12
N VAL D 134 -4.00 -22.10 -6.02
CA VAL D 134 -4.59 -23.25 -5.34
C VAL D 134 -5.40 -24.08 -6.33
N ILE D 135 -5.13 -25.38 -6.38
CA ILE D 135 -5.70 -26.24 -7.41
C ILE D 135 -6.53 -27.40 -6.83
N ASP D 136 -7.72 -27.58 -7.39
CA ASP D 136 -8.61 -28.66 -7.00
C ASP D 136 -8.39 -29.86 -7.92
N LEU D 137 -7.83 -30.94 -7.39
CA LEU D 137 -7.48 -32.10 -8.20
C LEU D 137 -8.70 -32.93 -8.60
N GLU D 138 -9.70 -32.98 -7.73
CA GLU D 138 -10.91 -33.76 -7.99
C GLU D 138 -11.79 -33.09 -9.04
N LYS D 139 -11.77 -31.77 -9.07
CA LYS D 139 -12.61 -31.01 -9.97
C LYS D 139 -11.84 -30.44 -11.16
N ASN D 140 -10.52 -30.58 -11.12
CA ASN D 140 -9.68 -30.18 -12.25
C ASN D 140 -9.54 -28.67 -12.40
N SER D 141 -9.63 -27.94 -11.29
CA SER D 141 -9.63 -26.47 -11.34
C SER D 141 -8.36 -25.85 -10.75
N LEU D 142 -7.86 -24.81 -11.40
CA LEU D 142 -6.76 -24.01 -10.87
C LEU D 142 -7.23 -22.59 -10.57
N THR D 143 -7.21 -22.21 -9.30
CA THR D 143 -7.51 -20.84 -8.92
C THR D 143 -6.23 -20.08 -8.61
N TYR D 144 -5.88 -19.16 -9.51
CA TYR D 144 -4.65 -18.39 -9.38
C TYR D 144 -4.94 -17.00 -8.83
N SER D 145 -3.98 -16.45 -8.09
CA SER D 145 -4.08 -15.09 -7.58
C SER D 145 -2.71 -14.42 -7.64
N ILE D 146 -2.60 -13.37 -8.46
CA ILE D 146 -1.34 -12.64 -8.58
C ILE D 146 -1.41 -11.31 -7.83
N GLY D 147 -0.41 -11.08 -6.99
CA GLY D 147 -0.35 -9.86 -6.21
C GLY D 147 0.78 -8.94 -6.64
N GLY D 148 1.80 -9.53 -7.26
CA GLY D 148 2.96 -8.78 -7.67
C GLY D 148 2.99 -8.44 -9.15
N HIS D 149 3.94 -7.60 -9.53
CA HIS D 149 4.09 -7.16 -10.92
C HIS D 149 5.02 -8.08 -11.69
N LEU D 150 5.53 -9.10 -11.01
CA LEU D 150 6.45 -10.05 -11.63
C LEU D 150 5.83 -10.72 -12.85
N PRO D 151 6.67 -11.24 -13.75
CA PRO D 151 6.23 -11.87 -15.00
C PRO D 151 5.17 -12.95 -14.79
N LEU D 152 4.01 -12.76 -15.42
CA LEU D 152 2.90 -13.69 -15.28
C LEU D 152 3.34 -15.13 -15.52
N PRO D 153 2.54 -16.09 -15.03
CA PRO D 153 2.79 -17.52 -15.24
C PRO D 153 2.60 -17.91 -16.70
N VAL D 154 3.45 -18.81 -17.19
CA VAL D 154 3.37 -19.26 -18.57
C VAL D 154 2.98 -20.73 -18.64
N LEU D 155 1.71 -21.00 -18.93
CA LEU D 155 1.26 -22.38 -19.10
C LEU D 155 1.40 -22.79 -20.56
N PHE D 156 1.92 -23.99 -20.78
CA PHE D 156 2.22 -24.45 -22.13
C PHE D 156 1.41 -25.70 -22.49
N VAL D 157 0.58 -25.59 -23.52
CA VAL D 157 -0.23 -26.71 -23.98
C VAL D 157 -0.24 -26.82 -25.50
N GLU D 158 0.14 -28.00 -26.00
CA GLU D 158 0.16 -28.27 -27.42
C GLU D 158 0.88 -27.17 -28.21
N GLY D 159 2.14 -26.95 -27.87
CA GLY D 159 2.97 -25.99 -28.58
C GLY D 159 2.50 -24.55 -28.48
N GLN D 160 1.67 -24.26 -27.48
CA GLN D 160 1.17 -22.91 -27.28
C GLN D 160 1.40 -22.44 -25.83
N ALA D 161 2.12 -21.34 -25.67
CA ALA D 161 2.36 -20.74 -24.36
C ALA D 161 1.86 -19.31 -24.32
N GLY D 162 1.33 -18.90 -23.18
CA GLY D 162 0.84 -17.55 -23.02
C GLY D 162 0.61 -17.17 -21.56
N TYR D 163 0.53 -15.87 -21.33
CA TYR D 163 0.35 -15.35 -19.98
C TYR D 163 -1.10 -15.49 -19.50
N LEU D 164 -1.26 -15.47 -18.19
CA LEU D 164 -2.58 -15.56 -17.58
C LEU D 164 -3.06 -14.20 -17.11
N GLU D 165 -4.11 -13.69 -17.74
CA GLU D 165 -4.65 -12.37 -17.44
C GLU D 165 -4.89 -12.18 -15.94
N GLY D 166 -4.28 -11.15 -15.36
CA GLY D 166 -4.43 -10.86 -13.95
C GLY D 166 -3.73 -9.60 -13.49
N ARG D 167 -4.35 -8.89 -12.55
CA ARG D 167 -3.77 -7.66 -12.02
C ARG D 167 -4.06 -7.52 -10.52
N VAL D 171 0.81 -4.45 -2.87
CA VAL D 171 0.83 -5.86 -2.49
C VAL D 171 0.84 -6.03 -0.98
N GLY D 172 2.03 -6.07 -0.40
CA GLY D 172 2.18 -6.24 1.04
C GLY D 172 2.48 -4.93 1.75
N LEU D 173 2.22 -3.82 1.07
CA LEU D 173 2.55 -2.51 1.59
C LEU D 173 1.28 -1.75 1.98
N PHE D 174 0.13 -2.39 1.84
CA PHE D 174 -1.14 -1.73 2.08
C PHE D 174 -1.89 -2.27 3.29
N ASP D 175 -2.75 -1.43 3.84
CA ASP D 175 -3.56 -1.79 5.00
C ASP D 175 -4.91 -2.31 4.49
N ASP D 176 -5.26 -1.91 3.27
CA ASP D 176 -6.50 -2.33 2.64
C ASP D 176 -6.36 -3.69 1.96
N ALA D 177 -7.49 -4.37 1.74
CA ALA D 177 -7.46 -5.67 1.07
C ALA D 177 -7.53 -5.49 -0.45
N THR D 178 -6.40 -5.74 -1.11
CA THR D 178 -6.31 -5.60 -2.56
C THR D 178 -5.96 -6.92 -3.23
N TYR D 179 -6.97 -7.70 -3.58
CA TYR D 179 -6.72 -9.01 -4.17
C TYR D 179 -7.82 -9.51 -5.11
N ASP D 180 -7.49 -9.59 -6.39
CA ASP D 180 -8.37 -10.17 -7.39
C ASP D 180 -7.82 -11.52 -7.87
N ASP D 181 -8.64 -12.56 -7.75
CA ASP D 181 -8.24 -13.90 -8.14
C ASP D 181 -9.21 -14.50 -9.16
N ARG D 182 -8.67 -15.33 -10.06
CA ARG D 182 -9.47 -15.95 -11.12
C ARG D 182 -9.33 -17.46 -11.14
N VAL D 183 -10.32 -18.14 -11.70
CA VAL D 183 -10.30 -19.59 -11.81
C VAL D 183 -10.09 -20.02 -13.26
N MSE D 184 -9.50 -21.20 -13.44
CA MSE D 184 -9.21 -21.70 -14.79
C MSE D 184 -9.22 -23.22 -14.81
O MSE D 184 -8.71 -23.87 -13.91
CB MSE D 184 -7.86 -21.18 -15.27
CG MSE D 184 -7.42 -21.75 -16.62
SE MSE D 184 -5.65 -21.13 -17.15
CE MSE D 184 -4.61 -21.85 -15.66
N GLU D 185 -9.83 -23.79 -15.86
CA GLU D 185 -9.88 -25.24 -16.00
C GLU D 185 -8.59 -25.77 -16.62
N LEU D 186 -8.27 -27.02 -16.31
CA LEU D 186 -7.02 -27.63 -16.77
C LEU D 186 -7.24 -28.78 -17.74
N PRO D 187 -6.51 -28.77 -18.86
CA PRO D 187 -6.60 -29.87 -19.83
C PRO D 187 -5.93 -31.13 -19.29
N PRO D 188 -6.04 -32.25 -20.01
CA PRO D 188 -5.35 -33.48 -19.58
C PRO D 188 -3.83 -33.29 -19.61
N SER D 189 -3.36 -32.49 -20.56
CA SER D 189 -1.94 -32.21 -20.70
C SER D 189 -1.64 -30.71 -20.59
N PHE D 190 -1.26 -30.27 -19.39
CA PHE D 190 -0.94 -28.87 -19.15
C PHE D 190 0.44 -28.72 -18.48
N SER D 191 1.01 -27.53 -18.59
CA SER D 191 2.33 -27.26 -18.02
C SER D 191 2.49 -25.79 -17.66
N LEU D 192 2.07 -25.43 -16.46
CA LEU D 192 2.22 -24.06 -15.97
C LEU D 192 3.63 -23.81 -15.45
N SER D 193 4.12 -22.58 -15.63
CA SER D 193 5.48 -22.23 -15.21
C SER D 193 5.54 -20.85 -14.59
N LEU D 194 6.06 -20.77 -13.36
CA LEU D 194 6.20 -19.50 -12.67
C LEU D 194 7.64 -19.00 -12.76
N PHE D 195 7.80 -17.70 -13.01
CA PHE D 195 9.12 -17.11 -13.16
C PHE D 195 9.31 -15.93 -12.22
N SER D 196 10.56 -15.60 -11.92
CA SER D 196 10.87 -14.49 -11.01
C SER D 196 11.28 -13.24 -11.78
N ASP D 197 11.77 -12.25 -11.05
CA ASP D 197 12.22 -10.99 -11.64
C ASP D 197 13.33 -11.21 -12.65
N GLY D 198 14.26 -12.11 -12.32
CA GLY D 198 15.37 -12.41 -13.19
C GLY D 198 14.90 -12.88 -14.56
N ILE D 199 14.87 -11.96 -15.50
CA ILE D 199 14.42 -12.27 -16.84
C ILE D 199 15.62 -12.53 -17.74
N LEU D 200 16.70 -12.97 -17.13
CA LEU D 200 17.90 -13.35 -17.88
C LEU D 200 18.34 -14.78 -17.53
N ASP D 201 18.45 -15.61 -18.54
CA ASP D 201 19.02 -16.94 -18.38
C ASP D 201 19.86 -17.30 -19.60
N VAL D 202 20.95 -18.03 -19.39
CA VAL D 202 21.83 -18.42 -20.49
C VAL D 202 21.05 -19.21 -21.52
N ALA D 206 16.38 -8.72 -27.07
CA ALA D 206 16.17 -8.50 -25.64
C ALA D 206 16.47 -7.07 -25.25
N THR D 207 16.35 -6.78 -23.96
CA THR D 207 16.69 -5.46 -23.40
C THR D 207 15.60 -4.40 -23.64
N LEU D 208 14.69 -4.69 -24.56
CA LEU D 208 13.50 -3.87 -24.71
C LEU D 208 12.42 -4.48 -23.81
N LYS D 209 12.22 -3.88 -22.64
CA LYS D 209 11.39 -4.48 -21.60
C LYS D 209 10.15 -5.22 -22.08
N GLU D 210 9.37 -4.57 -22.94
CA GLU D 210 8.14 -5.17 -23.45
C GLU D 210 8.47 -6.44 -24.22
N LYS D 211 9.55 -6.40 -24.99
CA LYS D 211 10.01 -7.55 -25.76
C LYS D 211 10.41 -8.67 -24.82
N GLU D 212 10.92 -8.31 -23.66
CA GLU D 212 11.42 -9.28 -22.69
C GLU D 212 10.26 -10.00 -22.00
N ALA D 213 9.06 -9.47 -22.20
CA ALA D 213 7.86 -10.09 -21.64
C ALA D 213 7.23 -11.02 -22.66
N SER D 214 7.40 -10.70 -23.93
CA SER D 214 6.82 -11.49 -25.00
C SER D 214 7.69 -12.69 -25.35
N LEU D 215 8.92 -12.71 -24.84
CA LEU D 215 9.87 -13.75 -25.20
C LEU D 215 9.73 -15.03 -24.37
N PRO D 216 9.56 -14.90 -23.04
CA PRO D 216 9.41 -16.10 -22.21
C PRO D 216 8.25 -16.99 -22.64
N GLU D 217 7.18 -16.39 -23.13
CA GLU D 217 6.04 -17.15 -23.62
C GLU D 217 6.40 -17.88 -24.92
N GLN D 218 7.41 -17.37 -25.62
CA GLN D 218 7.86 -17.98 -26.86
C GLN D 218 9.02 -18.95 -26.62
N VAL D 219 9.94 -18.58 -25.74
CA VAL D 219 11.13 -19.39 -25.50
C VAL D 219 10.82 -20.59 -24.58
N ALA D 220 9.82 -20.44 -23.73
CA ALA D 220 9.37 -21.55 -22.90
C ALA D 220 8.62 -22.54 -23.78
N ALA D 221 8.09 -22.02 -24.88
CA ALA D 221 7.38 -22.82 -25.87
C ALA D 221 8.33 -23.71 -26.64
N ALA D 222 9.16 -23.07 -27.47
CA ALA D 222 10.12 -23.75 -28.31
C ALA D 222 11.01 -24.68 -27.48
N GLY D 223 11.21 -24.33 -26.22
CA GLY D 223 12.03 -25.14 -25.33
C GLY D 223 11.19 -26.12 -24.53
N GLY D 224 11.78 -27.26 -24.21
CA GLY D 224 11.15 -28.24 -23.33
C GLY D 224 10.64 -27.62 -22.05
N THR D 225 9.33 -27.69 -21.87
CA THR D 225 8.68 -27.08 -20.70
C THR D 225 9.10 -27.78 -19.41
N LEU D 226 9.97 -28.78 -19.54
CA LEU D 226 10.45 -29.54 -18.39
C LEU D 226 11.45 -28.74 -17.56
N ASP D 227 11.43 -28.96 -16.24
CA ASP D 227 12.47 -28.38 -15.40
C ASP D 227 13.81 -28.86 -15.91
N GLY D 228 13.88 -30.08 -16.42
CA GLY D 228 15.11 -30.61 -16.96
C GLY D 228 15.79 -29.62 -17.89
N LEU D 229 15.13 -29.32 -18.99
CA LEU D 229 15.69 -28.42 -19.99
C LEU D 229 15.80 -26.99 -19.48
N ARG D 230 14.72 -26.51 -18.88
CA ARG D 230 14.73 -25.19 -18.30
C ARG D 230 15.81 -25.12 -17.21
N GLN D 231 15.85 -26.14 -16.36
CA GLN D 231 16.80 -26.19 -15.25
C GLN D 231 18.25 -26.21 -15.71
N VAL D 232 18.59 -27.15 -16.58
CA VAL D 232 19.96 -27.27 -17.07
C VAL D 232 20.37 -26.01 -17.83
N PHE D 233 19.43 -25.46 -18.58
CA PHE D 233 19.69 -24.37 -19.51
C PHE D 233 19.89 -23.03 -18.80
N GLY D 234 19.40 -22.92 -17.58
CA GLY D 234 19.47 -21.67 -16.83
C GLY D 234 20.88 -21.12 -16.75
N ASN D 237 23.81 -22.70 -15.43
CA ASN D 237 24.22 -22.29 -14.09
C ASN D 237 25.46 -21.40 -14.12
N LEU D 238 25.32 -20.19 -13.57
CA LEU D 238 26.46 -19.29 -13.43
C LEU D 238 26.44 -18.61 -12.07
N ALA D 239 27.60 -18.23 -11.56
CA ALA D 239 27.70 -17.67 -10.22
C ALA D 239 26.99 -16.32 -10.06
N GLU D 240 27.11 -15.44 -11.05
CA GLU D 240 26.67 -14.05 -10.86
C GLU D 240 25.55 -13.55 -11.79
N MSE D 241 24.49 -13.08 -11.17
CA MSE D 241 23.50 -12.22 -11.80
C MSE D 241 23.00 -11.22 -10.76
O MSE D 241 23.09 -11.49 -9.56
CB MSE D 241 22.32 -13.03 -12.37
CG MSE D 241 22.24 -13.04 -13.90
SE MSE D 241 21.82 -11.32 -14.74
CE MSE D 241 19.94 -11.12 -14.19
N PRO D 242 22.48 -10.07 -11.22
CA PRO D 242 22.09 -8.97 -10.33
C PRO D 242 20.97 -9.43 -9.41
N ASP D 243 19.89 -9.94 -9.99
CA ASP D 243 18.74 -10.38 -9.21
C ASP D 243 18.64 -11.90 -9.17
N ASP D 244 18.05 -12.42 -8.09
CA ASP D 244 17.84 -13.85 -7.95
C ASP D 244 16.83 -14.35 -8.97
N ILE D 245 17.01 -15.59 -9.42
CA ILE D 245 16.10 -16.20 -10.37
C ILE D 245 15.55 -17.52 -9.83
N ALA D 246 14.23 -17.63 -9.80
CA ALA D 246 13.57 -18.84 -9.31
C ALA D 246 12.43 -19.23 -10.23
N LEU D 247 12.33 -20.52 -10.54
CA LEU D 247 11.29 -21.01 -11.44
C LEU D 247 10.57 -22.21 -10.87
N LEU D 248 9.24 -22.23 -11.01
CA LEU D 248 8.44 -23.37 -10.62
C LEU D 248 7.58 -23.84 -11.80
N VAL D 249 7.62 -25.14 -12.09
CA VAL D 249 6.85 -25.68 -13.19
C VAL D 249 5.91 -26.78 -12.73
N LEU D 250 4.62 -26.60 -13.01
CA LEU D 250 3.59 -27.59 -12.68
C LEU D 250 3.06 -28.22 -13.96
N SER D 251 3.41 -29.47 -14.22
CA SER D 251 3.06 -30.11 -15.48
C SER D 251 2.24 -31.40 -15.32
N ARG D 252 1.10 -31.45 -16.00
CA ARG D 252 0.32 -32.67 -16.16
C ARG D 252 -0.28 -32.70 -17.55
N ASN D 253 -0.30 -33.86 -18.19
CA ASN D 253 0.30 -35.06 -17.65
C ASN D 253 1.80 -34.98 -17.72
N LEU D 254 2.32 -34.39 -18.80
CA LEU D 254 3.75 -34.32 -19.03
C LEU D 254 4.16 -32.92 -19.47
N ALA E 8 -2.80 54.49 -1.14
CA ALA E 8 -3.93 54.12 -0.30
C ALA E 8 -3.42 53.39 0.93
N SER E 9 -4.22 53.35 1.98
CA SER E 9 -3.83 52.61 3.17
C SER E 9 -3.68 51.14 2.81
N LEU E 10 -4.57 50.66 1.95
CA LEU E 10 -4.64 49.25 1.58
C LEU E 10 -3.47 48.74 0.74
N ASN E 11 -3.02 49.55 -0.21
CA ASN E 11 -2.03 49.08 -1.17
C ASN E 11 -0.67 48.84 -0.57
N LEU E 12 -0.22 49.73 0.32
CA LEU E 12 1.06 49.50 0.97
C LEU E 12 0.95 48.22 1.78
N LEU E 13 -0.13 48.09 2.54
CA LEU E 13 -0.38 46.88 3.30
C LEU E 13 -0.38 45.66 2.38
N GLN E 14 -0.88 45.84 1.16
CA GLN E 14 -0.87 44.78 0.15
C GLN E 14 0.53 44.60 -0.44
N GLU E 15 1.18 45.73 -0.70
CA GLU E 15 2.52 45.73 -1.30
C GLU E 15 3.55 45.30 -0.26
N ASP E 16 3.25 45.55 1.01
CA ASP E 16 4.09 45.12 2.11
C ASP E 16 3.90 43.63 2.30
N GLN E 17 2.70 43.16 1.98
CA GLN E 17 2.34 41.75 2.07
C GLN E 17 3.00 40.93 0.95
N ASN E 18 3.00 41.48 -0.25
CA ASN E 18 3.60 40.80 -1.41
C ASN E 18 5.10 40.64 -1.30
N ALA E 19 5.72 41.46 -0.46
CA ALA E 19 7.16 41.37 -0.21
C ALA E 19 7.48 40.10 0.56
N GLY E 20 6.65 39.78 1.53
CA GLY E 20 6.82 38.58 2.34
C GLY E 20 6.38 37.36 1.56
N ARG E 21 5.65 37.61 0.48
CA ARG E 21 5.23 36.54 -0.41
C ARG E 21 6.38 36.18 -1.33
N GLN E 22 7.16 37.19 -1.71
CA GLN E 22 8.31 36.98 -2.58
C GLN E 22 9.43 36.25 -1.87
N VAL E 23 9.63 36.56 -0.59
CA VAL E 23 10.68 35.90 0.18
C VAL E 23 10.46 34.38 0.16
N GLN E 24 9.23 33.96 0.39
CA GLN E 24 8.92 32.54 0.48
C GLN E 24 8.93 31.86 -0.87
N MSE E 25 8.69 32.60 -1.94
CA MSE E 25 8.72 32.02 -3.28
C MSE E 25 10.11 31.48 -3.63
O MSE E 25 10.24 30.41 -4.23
CB MSE E 25 8.26 33.04 -4.33
CG MSE E 25 6.83 33.53 -4.15
SE MSE E 25 5.57 32.09 -3.78
CE MSE E 25 3.90 33.08 -4.02
N ASN E 26 11.14 32.23 -3.25
CA ASN E 26 12.51 31.83 -3.49
C ASN E 26 12.96 30.77 -2.49
N MSE E 27 12.34 30.78 -1.31
CA MSE E 27 12.71 29.87 -0.24
C MSE E 27 12.37 28.42 -0.58
O MSE E 27 13.04 27.49 -0.11
CB MSE E 27 12.06 30.28 1.07
CG MSE E 27 12.87 29.93 2.30
SE MSE E 27 12.22 30.82 3.90
CE MSE E 27 13.70 30.40 5.10
N LEU E 28 11.35 28.23 -1.42
CA LEU E 28 11.00 26.89 -1.89
C LEU E 28 11.94 26.49 -3.01
N PRO E 29 12.22 25.18 -3.13
CA PRO E 29 13.02 24.68 -4.25
C PRO E 29 12.25 24.86 -5.56
N VAL E 30 12.84 24.46 -6.66
CA VAL E 30 12.20 24.58 -7.97
C VAL E 30 11.43 23.32 -8.31
N THR E 31 10.42 23.46 -9.16
CA THR E 31 9.58 22.33 -9.56
C THR E 31 9.26 22.38 -11.05
N PRO E 32 9.23 21.21 -11.71
CA PRO E 32 9.54 19.92 -11.08
C PRO E 32 11.04 19.66 -11.07
N TRP E 33 11.54 19.06 -9.99
CA TRP E 33 12.95 18.72 -9.89
C TRP E 33 13.13 17.21 -9.74
N SER E 34 13.84 16.61 -10.68
CA SER E 34 14.03 15.16 -10.69
C SER E 34 15.49 14.77 -10.51
N ILE E 35 15.72 13.75 -9.68
CA ILE E 35 17.06 13.21 -9.46
C ILE E 35 17.00 11.70 -9.22
N GLU E 36 17.91 10.97 -9.84
CA GLU E 36 17.98 9.52 -9.68
C GLU E 36 16.65 8.84 -10.01
N GLY E 37 15.87 9.45 -10.89
CA GLY E 37 14.59 8.90 -11.30
C GLY E 37 13.43 9.38 -10.45
N LEU E 38 13.74 10.14 -9.41
CA LEU E 38 12.72 10.67 -8.50
C LEU E 38 12.34 12.11 -8.83
N GLU E 39 11.06 12.34 -9.08
CA GLU E 39 10.58 13.69 -9.40
C GLU E 39 9.86 14.32 -8.22
N PHE E 40 10.40 15.44 -7.73
CA PHE E 40 9.78 16.19 -6.65
C PHE E 40 9.06 17.43 -7.19
N SER E 41 7.78 17.54 -6.87
CA SER E 41 6.97 18.66 -7.32
C SER E 41 6.01 19.10 -6.22
N HIS E 42 5.97 20.40 -5.97
CA HIS E 42 5.14 20.95 -4.91
C HIS E 42 4.17 21.99 -5.46
N ARG E 43 3.05 22.17 -4.78
CA ARG E 43 2.08 23.19 -5.16
C ARG E 43 1.48 23.83 -3.92
N ILE E 44 2.04 24.97 -3.51
CA ILE E 44 1.56 25.71 -2.35
C ILE E 44 0.69 26.89 -2.79
N ILE E 45 -0.57 26.88 -2.36
CA ILE E 45 -1.49 27.97 -2.69
C ILE E 45 -1.89 28.73 -1.42
N PRO E 46 -1.25 29.89 -1.20
CA PRO E 46 -1.53 30.75 -0.04
C PRO E 46 -2.94 31.31 -0.09
N SER E 47 -3.53 31.55 1.08
CA SER E 47 -4.86 32.14 1.16
C SER E 47 -4.78 33.65 1.25
N LEU E 48 -3.88 34.15 2.11
CA LEU E 48 -3.69 35.59 2.27
C LEU E 48 -2.22 35.97 2.11
N TYR E 49 -1.68 35.70 0.93
CA TYR E 49 -0.28 36.02 0.61
C TYR E 49 0.70 35.14 1.39
N LEU E 50 0.89 35.44 2.66
CA LEU E 50 1.78 34.68 3.52
C LEU E 50 1.11 33.40 4.00
N SER E 51 1.79 32.28 3.79
CA SER E 51 1.25 30.98 4.19
C SER E 51 2.06 30.38 5.35
N GLY E 52 1.43 29.47 6.08
CA GLY E 52 2.10 28.74 7.14
C GLY E 52 2.53 27.37 6.68
N ASP E 53 2.14 27.01 5.46
CA ASP E 53 2.48 25.72 4.89
C ASP E 53 3.73 25.83 4.02
N PHE E 54 4.71 24.96 4.30
CA PHE E 54 5.98 25.01 3.59
C PHE E 54 6.43 23.61 3.18
N VAL E 55 6.96 23.52 1.96
CA VAL E 55 7.50 22.27 1.45
C VAL E 55 8.99 22.43 1.19
N ASP E 56 9.77 21.44 1.56
CA ASP E 56 11.21 21.51 1.38
C ASP E 56 11.81 20.13 1.14
N TYR E 57 12.73 20.04 0.18
CA TYR E 57 13.38 18.79 -0.17
C TYR E 57 14.76 19.06 -0.74
N PHE E 58 15.77 18.46 -0.13
CA PHE E 58 17.16 18.77 -0.44
C PHE E 58 18.00 17.51 -0.53
N ARG E 59 18.88 17.46 -1.53
CA ARG E 59 19.73 16.30 -1.70
C ARG E 59 20.85 16.30 -0.67
N VAL E 60 21.17 15.12 -0.15
CA VAL E 60 22.17 14.98 0.90
C VAL E 60 23.17 13.88 0.54
N ASP E 61 24.34 14.29 0.06
CA ASP E 61 25.42 13.39 -0.36
C ASP E 61 25.04 12.36 -1.42
N GLU E 62 23.94 12.62 -2.13
CA GLU E 62 23.58 11.87 -3.34
C GLU E 62 23.20 10.41 -3.10
N ARG E 63 23.04 10.01 -1.85
CA ARG E 63 22.57 8.67 -1.55
C ARG E 63 21.30 8.76 -0.71
N ARG E 64 21.26 9.72 0.21
CA ARG E 64 20.07 9.99 1.00
C ARG E 64 19.42 11.28 0.52
N VAL E 65 18.08 11.31 0.53
CA VAL E 65 17.34 12.50 0.17
C VAL E 65 16.25 12.78 1.21
N ALA E 66 16.19 14.01 1.68
CA ALA E 66 15.21 14.40 2.69
C ALA E 66 14.12 15.29 2.11
N PHE E 67 12.89 15.04 2.52
CA PHE E 67 11.75 15.87 2.12
C PHE E 67 10.80 15.98 3.30
N TYR E 68 10.03 17.06 3.34
CA TYR E 68 9.04 17.23 4.39
C TYR E 68 7.95 18.21 3.97
N LEU E 69 6.76 18.05 4.55
CA LEU E 69 5.67 18.99 4.34
C LEU E 69 5.22 19.55 5.69
N ALA E 70 5.62 20.80 5.96
CA ALA E 70 5.30 21.42 7.24
C ALA E 70 4.05 22.30 7.15
N ASP E 71 3.41 22.50 8.30
CA ASP E 71 2.18 23.27 8.36
C ASP E 71 2.04 23.91 9.75
N VAL E 72 2.37 25.19 9.85
CA VAL E 72 2.32 25.88 11.13
C VAL E 72 0.89 26.20 11.54
N SER E 73 0.66 26.35 12.84
CA SER E 73 -0.68 26.63 13.36
C SER E 73 -1.29 27.88 12.75
N GLY E 74 -2.51 27.76 12.27
CA GLY E 74 -3.21 28.88 11.65
C GLY E 74 -2.61 29.28 10.33
N HIS E 75 -2.72 30.56 9.99
CA HIS E 75 -2.20 31.07 8.72
C HIS E 75 -1.88 32.56 8.82
N GLY E 76 -1.31 33.10 7.74
CA GLY E 76 -0.99 34.51 7.68
C GLY E 76 0.44 34.83 8.09
N ALA E 77 0.68 36.10 8.39
CA ALA E 77 2.01 36.57 8.78
C ALA E 77 2.55 35.80 9.98
N SER E 78 1.77 35.76 11.06
CA SER E 78 2.21 35.15 12.31
C SER E 78 2.74 33.73 12.12
N SER E 79 2.15 32.99 11.19
CA SER E 79 2.59 31.62 10.93
C SER E 79 3.70 31.56 9.89
N ALA E 80 3.79 32.60 9.07
CA ALA E 80 4.80 32.65 8.01
C ALA E 80 6.20 32.85 8.59
N PHE E 81 6.27 33.38 9.80
CA PHE E 81 7.55 33.56 10.48
C PHE E 81 8.20 32.21 10.76
N VAL E 82 7.39 31.25 11.18
CA VAL E 82 7.89 29.94 11.59
C VAL E 82 8.51 29.17 10.42
N THR E 83 7.89 29.28 9.25
CA THR E 83 8.38 28.59 8.06
C THR E 83 9.84 28.97 7.79
N VAL E 84 10.18 30.22 8.11
CA VAL E 84 11.53 30.71 7.93
C VAL E 84 12.51 29.99 8.86
N LEU E 85 12.10 29.77 10.10
CA LEU E 85 12.91 29.03 11.06
C LEU E 85 13.15 27.61 10.57
N LEU E 86 12.10 26.98 10.09
CA LEU E 86 12.17 25.59 9.62
C LEU E 86 13.26 25.44 8.56
N LYS E 87 13.11 26.16 7.45
CA LYS E 87 14.08 26.10 6.36
C LYS E 87 15.48 26.47 6.85
N PHE E 88 15.54 27.27 7.90
CA PHE E 88 16.80 27.65 8.51
C PHE E 88 17.45 26.47 9.23
N MSE E 89 16.75 25.92 10.22
CA MSE E 89 17.26 24.82 11.02
C MSE E 89 17.66 23.61 10.16
O MSE E 89 18.68 22.97 10.43
CB MSE E 89 16.21 24.39 12.06
CG MSE E 89 15.68 25.54 12.91
SE MSE E 89 14.43 24.99 14.31
CE MSE E 89 15.69 24.13 15.52
N THR E 90 16.86 23.32 9.14
CA THR E 90 17.09 22.15 8.30
C THR E 90 18.43 22.19 7.57
N THR E 91 18.63 23.20 6.73
CA THR E 91 19.86 23.33 5.97
C THR E 91 21.05 23.60 6.89
N ARG E 92 20.76 24.03 8.12
CA ARG E 92 21.80 24.26 9.10
C ARG E 92 22.36 22.95 9.63
N LEU E 93 21.46 22.01 9.93
CA LEU E 93 21.87 20.71 10.42
C LEU E 93 22.78 20.00 9.43
N LEU E 94 22.54 20.22 8.15
CA LEU E 94 23.32 19.57 7.09
C LEU E 94 24.78 20.04 7.11
N TYR E 95 24.97 21.36 7.24
CA TYR E 95 26.31 21.93 7.33
C TYR E 95 26.95 21.58 8.65
N GLU E 96 26.12 21.39 9.67
CA GLU E 96 26.60 21.03 11.01
C GLU E 96 26.89 19.54 11.09
N SER E 97 26.31 18.78 10.16
CA SER E 97 26.47 17.32 10.14
C SER E 97 27.77 16.90 9.48
N ARG E 98 28.22 15.69 9.82
CA ARG E 98 29.37 15.08 9.17
C ARG E 98 28.89 13.98 8.22
N ARG E 99 27.74 14.22 7.61
CA ARG E 99 27.10 13.26 6.72
C ARG E 99 26.50 12.08 7.49
N ASN E 100 25.91 12.41 8.64
CA ASN E 100 25.12 11.49 9.46
C ASN E 100 25.73 10.13 9.81
N GLY E 101 27.06 10.10 9.98
CA GLY E 101 27.71 8.89 10.42
C GLY E 101 27.44 8.59 11.88
N THR E 102 27.23 9.65 12.65
CA THR E 102 27.04 9.53 14.10
C THR E 102 25.68 8.96 14.47
N LEU E 103 25.63 8.29 15.62
CA LEU E 103 24.39 7.70 16.12
C LEU E 103 23.41 8.76 16.57
N PRO E 104 22.14 8.37 16.80
CA PRO E 104 21.08 9.30 17.22
C PRO E 104 21.60 10.43 18.10
N PHE E 106 21.60 8.19 12.04
CA PHE E 106 20.75 9.32 11.67
C PHE E 106 19.28 8.99 11.85
N LYS E 107 18.75 9.31 13.02
CA LYS E 107 17.33 9.09 13.28
C LYS E 107 16.48 10.17 12.64
N PRO E 108 15.57 9.79 11.75
CA PRO E 108 14.65 10.75 11.12
C PRO E 108 13.88 11.51 12.18
N SER E 109 13.47 10.83 13.24
CA SER E 109 12.75 11.46 14.34
C SER E 109 13.67 12.39 15.12
N GLU E 110 14.98 12.17 15.00
CA GLU E 110 15.95 13.00 15.69
C GLU E 110 16.00 14.40 15.09
N VAL E 111 15.58 14.52 13.83
CA VAL E 111 15.48 15.82 13.18
C VAL E 111 14.22 16.53 13.65
N LEU E 112 13.11 15.79 13.67
CA LEU E 112 11.85 16.33 14.19
C LEU E 112 12.05 16.75 15.64
N ALA E 113 13.00 16.12 16.32
CA ALA E 113 13.32 16.46 17.69
C ALA E 113 14.07 17.78 17.76
N HIS E 114 15.03 17.97 16.86
CA HIS E 114 15.77 19.23 16.80
C HIS E 114 14.83 20.38 16.46
N ILE E 115 14.01 20.18 15.43
CA ILE E 115 12.98 21.16 15.09
C ILE E 115 12.11 21.42 16.32
N ASN E 116 11.82 20.35 17.06
CA ASN E 116 11.00 20.46 18.26
C ASN E 116 11.62 21.36 19.32
N ARG E 117 12.89 21.11 19.63
CA ARG E 117 13.60 21.85 20.66
C ARG E 117 13.73 23.35 20.35
N GLY E 118 13.90 23.67 19.07
CA GLY E 118 13.99 25.06 18.65
C GLY E 118 12.68 25.78 18.90
N LEU E 119 11.58 25.10 18.64
CA LEU E 119 10.25 25.68 18.76
C LEU E 119 9.77 25.81 20.21
N ILE E 120 10.22 24.89 21.07
CA ILE E 120 9.71 24.78 22.43
C ILE E 120 10.06 25.96 23.35
N ASN E 121 11.08 26.73 23.00
CA ASN E 121 11.51 27.82 23.87
C ASN E 121 10.87 29.16 23.51
N THR E 122 9.58 29.28 23.79
CA THR E 122 8.81 30.52 23.60
C THR E 122 8.97 31.17 22.24
N LYS E 123 9.38 30.40 21.23
CA LYS E 123 9.46 30.92 19.88
C LYS E 123 8.06 31.14 19.31
N LEU E 124 7.37 32.12 19.88
CA LEU E 124 6.01 32.45 19.48
C LEU E 124 5.02 31.38 19.93
N GLY E 125 5.54 30.29 20.50
CA GLY E 125 4.72 29.20 20.95
C GLY E 125 4.07 28.42 19.81
N LYS E 126 4.23 28.95 18.59
CA LYS E 126 3.64 28.32 17.41
C LYS E 126 4.22 26.93 17.20
N HIS E 127 3.34 25.94 17.01
CA HIS E 127 3.77 24.57 16.79
C HIS E 127 3.54 24.13 15.35
N VAL E 128 4.49 23.37 14.81
CA VAL E 128 4.44 22.93 13.43
C VAL E 128 4.05 21.47 13.29
N THR E 129 3.17 21.18 12.35
CA THR E 129 2.83 19.80 12.02
C THR E 129 3.55 19.41 10.73
N MSE E 130 4.27 18.29 10.76
CA MSE E 130 5.15 17.92 9.67
C MSE E 130 4.91 16.51 9.13
O MSE E 130 4.36 15.65 9.82
CB MSE E 130 6.61 18.01 10.11
CG MSE E 130 7.18 19.42 10.15
SE MSE E 130 9.10 19.38 10.48
CE MSE E 130 9.50 21.27 10.27
N LEU E 131 5.35 16.29 7.89
CA LEU E 131 5.43 14.95 7.31
C LEU E 131 6.86 14.74 6.83
N GLY E 132 7.70 14.18 7.69
CA GLY E 132 9.10 13.99 7.38
C GLY E 132 9.38 12.69 6.65
N GLY E 133 10.43 12.68 5.84
CA GLY E 133 10.80 11.50 5.09
C GLY E 133 12.18 11.59 4.48
N VAL E 134 12.99 10.56 4.69
CA VAL E 134 14.29 10.47 4.07
C VAL E 134 14.43 9.16 3.32
N ILE E 135 14.73 9.26 2.02
CA ILE E 135 14.84 8.08 1.17
C ILE E 135 16.27 7.85 0.70
N ASP E 136 16.79 6.65 0.95
CA ASP E 136 18.12 6.31 0.46
C ASP E 136 18.02 5.81 -0.97
N LEU E 137 18.53 6.61 -1.89
CA LEU E 137 18.38 6.38 -3.32
C LEU E 137 19.04 5.09 -3.80
N GLU E 138 20.10 4.67 -3.11
CA GLU E 138 20.85 3.49 -3.52
C GLU E 138 20.24 2.17 -3.02
N LYS E 139 19.54 2.23 -1.90
CA LYS E 139 18.92 1.02 -1.35
C LYS E 139 17.42 0.99 -1.56
N ASN E 140 16.89 2.01 -2.22
CA ASN E 140 15.48 2.00 -2.62
C ASN E 140 14.53 2.01 -1.44
N SER E 141 14.90 2.69 -0.37
CA SER E 141 14.09 2.69 0.85
C SER E 141 13.66 4.08 1.31
N LEU E 142 12.43 4.18 1.78
CA LEU E 142 11.87 5.42 2.31
C LEU E 142 11.71 5.32 3.82
N THR E 143 12.27 6.29 4.54
CA THR E 143 12.12 6.35 5.98
C THR E 143 11.33 7.58 6.40
N TYR E 144 10.04 7.42 6.66
CA TYR E 144 9.17 8.53 6.98
C TYR E 144 8.86 8.64 8.47
N SER E 145 8.76 9.87 8.95
CA SER E 145 8.39 10.12 10.34
C SER E 145 7.36 11.24 10.42
N ILE E 146 6.18 10.92 10.97
CA ILE E 146 5.12 11.91 11.09
C ILE E 146 4.98 12.41 12.53
N GLY E 147 4.89 13.72 12.68
CA GLY E 147 4.79 14.33 14.00
C GLY E 147 3.51 15.11 14.21
N GLY E 148 2.69 15.19 13.18
CA GLY E 148 1.44 15.93 13.25
C GLY E 148 0.21 15.08 12.99
N HIS E 149 -0.96 15.65 13.27
CA HIS E 149 -2.22 14.95 13.08
C HIS E 149 -2.75 15.12 11.66
N LEU E 150 -2.06 15.94 10.88
CA LEU E 150 -2.45 16.21 9.50
C LEU E 150 -2.58 14.90 8.70
N PRO E 151 -3.30 14.95 7.56
CA PRO E 151 -3.60 13.76 6.76
C PRO E 151 -2.36 13.01 6.29
N LEU E 152 -2.27 11.73 6.65
CA LEU E 152 -1.14 10.89 6.28
C LEU E 152 -0.83 10.99 4.79
N PRO E 153 0.38 10.56 4.39
CA PRO E 153 0.80 10.58 2.99
C PRO E 153 0.12 9.51 2.15
N VAL E 154 -0.24 9.86 0.92
CA VAL E 154 -0.89 8.94 -0.01
C VAL E 154 0.11 8.38 -1.01
N LEU E 155 0.48 7.11 -0.86
CA LEU E 155 1.31 6.46 -1.85
C LEU E 155 0.44 5.71 -2.85
N PHE E 156 0.80 5.79 -4.13
CA PHE E 156 0.01 5.20 -5.20
C PHE E 156 0.79 4.17 -6.01
N VAL E 157 0.23 2.97 -6.11
CA VAL E 157 0.85 1.91 -6.90
C VAL E 157 -0.20 1.12 -7.69
N GLU E 158 -0.23 1.32 -9.00
CA GLU E 158 -1.11 0.59 -9.90
C GLU E 158 -2.57 0.56 -9.42
N GLY E 159 -3.20 1.74 -9.40
CA GLY E 159 -4.60 1.84 -9.05
C GLY E 159 -4.92 1.58 -7.60
N GLN E 160 -3.87 1.39 -6.79
CA GLN E 160 -4.06 1.11 -5.36
C GLN E 160 -3.36 2.15 -4.50
N ALA E 161 -4.16 2.95 -3.79
CA ALA E 161 -3.62 4.00 -2.92
C ALA E 161 -4.04 3.76 -1.47
N GLY E 162 -3.22 4.23 -0.55
CA GLY E 162 -3.50 4.07 0.87
C GLY E 162 -2.56 4.87 1.75
N TYR E 163 -3.02 5.24 2.94
CA TYR E 163 -2.19 6.00 3.87
C TYR E 163 -1.11 5.12 4.49
N LEU E 164 -0.08 5.77 5.01
CA LEU E 164 1.00 5.05 5.69
C LEU E 164 0.82 5.14 7.21
N GLU E 165 0.59 3.98 7.82
CA GLU E 165 0.35 3.91 9.26
C GLU E 165 1.43 4.61 10.07
N GLY E 166 1.02 5.52 10.93
CA GLY E 166 1.94 6.26 11.77
C GLY E 166 1.22 7.17 12.74
N ARG E 167 1.82 7.38 13.91
CA ARG E 167 1.20 8.22 14.93
C ARG E 167 2.25 8.98 15.73
N VAL E 171 4.44 16.65 18.27
CA VAL E 171 4.29 17.94 17.61
C VAL E 171 5.29 18.95 18.17
N GLY E 172 5.49 20.04 17.45
CA GLY E 172 6.50 21.03 17.81
C GLY E 172 6.39 21.65 19.19
N LEU E 173 5.21 21.62 19.80
CA LEU E 173 5.00 22.31 21.06
C LEU E 173 5.59 21.59 22.28
N PHE E 174 5.43 20.27 22.33
CA PHE E 174 5.91 19.47 23.45
C PHE E 174 7.44 19.49 23.57
N ASP E 175 7.94 19.34 24.79
CA ASP E 175 9.38 19.26 25.03
C ASP E 175 9.85 17.82 25.03
N ASP E 176 8.90 16.89 24.99
CA ASP E 176 9.21 15.47 24.97
C ASP E 176 8.99 14.87 23.59
N TYR E 179 9.18 10.93 18.57
CA TYR E 179 8.38 10.72 17.37
C TYR E 179 8.78 9.43 16.67
N ASP E 180 7.78 8.65 16.26
CA ASP E 180 8.03 7.36 15.63
C ASP E 180 8.64 7.50 14.24
N ASP E 181 9.62 6.65 13.95
CA ASP E 181 10.20 6.58 12.62
C ASP E 181 10.06 5.17 12.06
N ARG E 182 9.60 5.06 10.82
CA ARG E 182 9.41 3.76 10.19
C ARG E 182 10.03 3.70 8.79
N VAL E 183 10.74 2.62 8.51
CA VAL E 183 11.37 2.42 7.21
C VAL E 183 10.44 1.64 6.28
N MSE E 184 10.61 1.82 4.98
CA MSE E 184 9.78 1.12 4.01
C MSE E 184 10.44 1.03 2.63
O MSE E 184 11.08 1.97 2.18
CB MSE E 184 8.42 1.82 3.88
CG MSE E 184 7.43 1.07 3.00
SE MSE E 184 5.91 2.19 2.52
CE MSE E 184 6.88 3.58 1.55
N GLU E 185 10.29 -0.12 1.98
CA GLU E 185 10.84 -0.32 0.65
C GLU E 185 9.95 0.31 -0.42
N LEU E 186 10.53 0.55 -1.60
CA LEU E 186 9.79 1.18 -2.69
C LEU E 186 9.85 0.33 -3.95
N PRO E 187 8.70 0.22 -4.65
CA PRO E 187 8.63 -0.47 -5.94
C PRO E 187 9.23 0.38 -7.06
N PRO E 188 9.42 -0.21 -8.25
CA PRO E 188 9.96 0.52 -9.40
C PRO E 188 9.09 1.71 -9.78
N SER E 189 7.77 1.53 -9.74
CA SER E 189 6.83 2.60 -10.05
C SER E 189 6.06 3.01 -8.80
N PHE E 190 6.42 4.16 -8.24
CA PHE E 190 5.84 4.61 -6.97
C PHE E 190 5.51 6.11 -7.03
N SER E 191 4.50 6.52 -6.27
CA SER E 191 4.09 7.91 -6.25
C SER E 191 3.50 8.34 -4.90
N LEU E 192 4.34 8.86 -4.03
CA LEU E 192 3.90 9.34 -2.73
C LEU E 192 3.36 10.77 -2.82
N SER E 193 2.35 11.07 -2.00
CA SER E 193 1.71 12.39 -2.04
C SER E 193 1.47 12.96 -0.65
N LEU E 194 2.13 14.07 -0.33
CA LEU E 194 1.96 14.74 0.95
C LEU E 194 0.86 15.80 0.86
N PHE E 195 0.07 15.94 1.93
CA PHE E 195 -1.07 16.84 1.92
C PHE E 195 -1.10 17.78 3.14
N SER E 196 -1.74 18.94 2.98
CA SER E 196 -1.79 19.96 4.02
C SER E 196 -3.16 19.97 4.74
N ASP E 197 -3.41 21.00 5.53
CA ASP E 197 -4.65 21.11 6.29
C ASP E 197 -5.87 21.15 5.37
N GLY E 198 -5.78 21.92 4.30
CA GLY E 198 -6.90 22.13 3.39
C GLY E 198 -7.28 20.92 2.58
N ILE E 199 -8.58 20.62 2.56
CA ILE E 199 -9.10 19.48 1.81
C ILE E 199 -10.15 19.91 0.78
N LEU E 200 -10.05 19.35 -0.42
CA LEU E 200 -10.94 19.72 -1.52
C LEU E 200 -12.42 19.51 -1.19
N ASP E 201 -13.24 20.47 -1.58
CA ASP E 201 -14.68 20.47 -1.27
C ASP E 201 -15.34 19.10 -1.40
N VAL E 202 -15.31 18.57 -2.63
CA VAL E 202 -16.10 17.39 -2.98
C VAL E 202 -15.93 16.22 -2.00
N THR E 207 -19.48 16.64 4.26
CA THR E 207 -20.07 15.75 5.26
C THR E 207 -19.20 15.69 6.51
N LEU E 208 -18.93 14.47 6.96
CA LEU E 208 -18.07 14.24 8.11
C LEU E 208 -16.61 14.51 7.73
N LYS E 209 -15.77 14.80 8.72
CA LYS E 209 -14.36 15.02 8.47
C LYS E 209 -13.61 13.70 8.34
N GLU E 210 -14.21 12.63 8.85
CA GLU E 210 -13.66 11.29 8.75
C GLU E 210 -13.84 10.75 7.34
N LYS E 211 -14.99 11.06 6.74
CA LYS E 211 -15.29 10.63 5.38
C LYS E 211 -14.38 11.33 4.39
N GLU E 212 -13.98 12.55 4.72
CA GLU E 212 -13.12 13.34 3.85
C GLU E 212 -11.66 12.90 4.00
N ALA E 213 -11.41 12.02 4.97
CA ALA E 213 -10.07 11.51 5.23
C ALA E 213 -9.82 10.23 4.45
N SER E 214 -10.89 9.52 4.12
CA SER E 214 -10.80 8.31 3.32
C SER E 214 -11.05 8.64 1.85
N LEU E 215 -11.44 9.88 1.59
CA LEU E 215 -11.68 10.35 0.22
C LEU E 215 -10.40 10.57 -0.57
N PRO E 216 -9.39 11.19 0.05
CA PRO E 216 -8.20 11.60 -0.71
C PRO E 216 -7.48 10.41 -1.27
N GLU E 217 -7.38 9.33 -0.49
CA GLU E 217 -6.77 8.10 -0.97
C GLU E 217 -7.56 7.54 -2.15
N GLN E 218 -8.86 7.81 -2.17
CA GLN E 218 -9.73 7.39 -3.27
C GLN E 218 -9.61 8.31 -4.47
N VAL E 219 -9.58 9.62 -4.22
CA VAL E 219 -9.51 10.61 -5.29
C VAL E 219 -8.10 10.74 -5.86
N ALA E 220 -7.09 10.47 -5.04
CA ALA E 220 -5.71 10.50 -5.49
C ALA E 220 -5.49 9.42 -6.55
N ALA E 221 -6.05 8.24 -6.29
CA ALA E 221 -5.96 7.14 -7.23
C ALA E 221 -6.72 7.46 -8.51
N ALA E 222 -8.03 7.65 -8.39
CA ALA E 222 -8.89 7.93 -9.53
C ALA E 222 -8.30 9.01 -10.45
N GLY E 223 -7.68 10.01 -9.85
CA GLY E 223 -7.06 11.08 -10.61
C GLY E 223 -5.60 10.82 -10.89
N GLY E 224 -5.07 11.46 -11.93
CA GLY E 224 -3.65 11.35 -12.25
C GLY E 224 -2.80 11.80 -11.09
N THR E 225 -1.95 10.89 -10.60
CA THR E 225 -1.15 11.15 -9.41
C THR E 225 -0.21 12.35 -9.59
N LEU E 226 -0.06 12.80 -10.82
CA LEU E 226 0.81 13.92 -11.13
C LEU E 226 0.46 15.19 -10.37
N ASP E 227 1.46 16.02 -10.14
CA ASP E 227 1.24 17.38 -9.68
C ASP E 227 0.67 18.15 -10.87
N GLY E 228 0.93 17.66 -12.08
CA GLY E 228 0.41 18.27 -13.28
C GLY E 228 -1.10 18.37 -13.23
N LEU E 229 -1.72 17.34 -12.65
CA LEU E 229 -3.15 17.33 -12.47
C LEU E 229 -3.56 18.29 -11.36
N ARG E 230 -2.68 18.43 -10.38
CA ARG E 230 -2.98 19.27 -9.22
C ARG E 230 -2.65 20.73 -9.48
N GLN E 231 -1.56 20.99 -10.20
CA GLN E 231 -1.17 22.36 -10.49
C GLN E 231 -2.32 23.12 -11.16
N VAL E 232 -3.12 22.39 -11.94
CA VAL E 232 -4.20 23.01 -12.69
C VAL E 232 -5.32 23.51 -11.78
N PHE E 233 -5.62 22.77 -10.72
CA PHE E 233 -6.71 23.17 -9.84
C PHE E 233 -6.39 24.49 -9.15
N GLY E 234 -7.22 25.49 -9.43
CA GLY E 234 -7.04 26.81 -8.84
C GLY E 234 -8.38 27.47 -8.59
N LEU E 235 -8.78 27.53 -7.34
CA LEU E 235 -9.95 28.30 -6.93
C LEU E 235 -9.54 29.77 -6.86
N ALA E 236 -10.51 30.66 -6.94
CA ALA E 236 -10.23 32.09 -6.85
C ALA E 236 -9.37 32.36 -5.62
N ASN E 237 -8.23 33.03 -5.83
CA ASN E 237 -7.28 33.29 -4.74
C ASN E 237 -7.97 33.88 -3.51
N LEU E 238 -8.99 34.71 -3.75
CA LEU E 238 -9.76 35.31 -2.68
C LEU E 238 -10.38 34.24 -1.79
N ALA E 239 -10.91 33.19 -2.41
CA ALA E 239 -11.53 32.10 -1.67
C ALA E 239 -10.54 31.46 -0.70
N GLU E 240 -11.01 31.24 0.53
CA GLU E 240 -10.18 30.63 1.56
C GLU E 240 -10.92 29.50 2.26
N MSE E 241 -10.25 28.35 2.37
CA MSE E 241 -10.85 27.16 2.99
C MSE E 241 -10.99 27.21 4.53
O MSE E 241 -11.76 26.42 5.09
CB MSE E 241 -10.11 25.89 2.57
CG MSE E 241 -10.36 25.49 1.13
SE MSE E 241 -12.23 25.07 0.76
CE MSE E 241 -12.09 24.63 -1.14
N PRO E 242 -10.28 28.12 5.21
CA PRO E 242 -9.33 29.15 4.78
C PRO E 242 -7.90 28.64 4.83
N ASP E 243 -7.69 27.53 5.53
CA ASP E 243 -6.35 27.01 5.78
C ASP E 243 -5.54 26.92 4.49
N ASP E 244 -4.29 27.37 4.56
CA ASP E 244 -3.39 27.31 3.43
C ASP E 244 -3.39 25.90 2.86
N ILE E 245 -3.24 25.80 1.54
CA ILE E 245 -3.25 24.51 0.87
C ILE E 245 -1.92 24.23 0.17
N ALA E 246 -1.33 23.08 0.45
CA ALA E 246 -0.06 22.71 -0.16
C ALA E 246 0.07 21.19 -0.26
N LEU E 247 0.66 20.73 -1.36
CA LEU E 247 0.88 19.30 -1.55
C LEU E 247 2.22 19.02 -2.22
N LEU E 248 2.84 17.92 -1.79
CA LEU E 248 4.12 17.49 -2.34
C LEU E 248 3.95 16.11 -2.99
N VAL E 249 4.42 15.98 -4.21
CA VAL E 249 4.30 14.72 -4.94
C VAL E 249 5.65 14.16 -5.35
N LEU E 250 5.96 12.97 -4.86
CA LEU E 250 7.19 12.27 -5.20
C LEU E 250 6.86 11.06 -6.06
N SER E 251 7.34 11.05 -7.30
CA SER E 251 7.01 9.98 -8.24
C SER E 251 8.24 9.33 -8.87
N ARG E 252 8.09 8.08 -9.28
CA ARG E 252 9.18 7.33 -9.89
C ARG E 252 8.66 6.21 -10.78
N ASN E 253 9.14 6.18 -12.02
CA ASN E 253 8.82 5.12 -12.97
C ASN E 253 9.36 5.41 -14.36
N ALA F 8 -13.64 47.98 2.00
CA ALA F 8 -12.73 47.14 1.23
C ALA F 8 -12.11 46.06 2.10
N SER F 9 -11.36 45.15 1.48
CA SER F 9 -10.76 44.03 2.20
C SER F 9 -9.38 44.37 2.76
N LEU F 10 -9.13 45.66 2.97
CA LEU F 10 -7.91 46.09 3.63
C LEU F 10 -8.02 45.81 5.12
N ASN F 11 -9.19 46.08 5.69
CA ASN F 11 -9.42 45.91 7.12
C ASN F 11 -9.00 44.51 7.59
N LEU F 12 -9.25 43.51 6.75
CA LEU F 12 -8.84 42.15 7.04
C LEU F 12 -7.32 42.04 6.96
N LEU F 13 -6.74 42.77 6.02
CA LEU F 13 -5.28 42.85 5.88
C LEU F 13 -4.65 43.50 7.09
N GLN F 14 -5.36 44.44 7.69
CA GLN F 14 -4.87 45.15 8.87
C GLN F 14 -4.87 44.23 10.08
N GLU F 15 -5.85 43.33 10.12
CA GLU F 15 -5.96 42.37 11.21
C GLU F 15 -4.78 41.42 11.20
N ASP F 16 -4.37 41.02 10.00
CA ASP F 16 -3.29 40.05 9.86
C ASP F 16 -1.94 40.70 10.11
N GLN F 17 -1.86 42.01 9.85
CA GLN F 17 -0.63 42.75 10.10
C GLN F 17 -0.47 43.11 11.57
N ASN F 18 -1.57 43.36 12.25
CA ASN F 18 -1.55 43.64 13.69
C ASN F 18 -1.27 42.38 14.48
N ALA F 19 -1.39 41.23 13.82
CA ALA F 19 -1.09 39.95 14.45
C ALA F 19 0.42 39.76 14.57
N GLY F 20 1.14 40.10 13.49
CA GLY F 20 2.58 40.02 13.49
C GLY F 20 3.19 41.09 14.38
N ARG F 21 2.41 42.12 14.67
CA ARG F 21 2.86 43.22 15.52
C ARG F 21 2.80 42.83 17.00
N GLN F 22 1.67 42.29 17.42
CA GLN F 22 1.48 41.86 18.81
C GLN F 22 2.36 40.64 19.13
N VAL F 23 2.88 40.01 18.08
CA VAL F 23 3.74 38.85 18.25
C VAL F 23 5.18 39.27 18.47
N GLN F 24 5.53 40.43 17.92
CA GLN F 24 6.84 41.03 18.16
C GLN F 24 6.82 41.83 19.46
N MSE F 25 5.62 42.18 19.91
CA MSE F 25 5.45 42.91 21.16
C MSE F 25 6.09 42.14 22.32
O MSE F 25 6.85 42.71 23.10
CB MSE F 25 3.97 43.13 21.45
CG MSE F 25 3.27 44.14 20.56
SE MSE F 25 3.40 45.97 21.20
CE MSE F 25 2.03 46.78 20.07
N ASN F 26 5.77 40.86 22.43
CA ASN F 26 6.28 40.04 23.52
C ASN F 26 7.62 39.40 23.18
N MSE F 27 7.97 39.42 21.90
CA MSE F 27 9.23 38.86 21.44
C MSE F 27 10.40 39.65 22.00
O MSE F 27 11.49 39.11 22.21
CB MSE F 27 9.28 38.84 19.92
CG MSE F 27 10.23 37.82 19.35
SE MSE F 27 10.16 37.73 17.41
CE MSE F 27 11.26 36.15 17.19
N LEU F 28 10.17 40.94 22.25
CA LEU F 28 11.19 41.80 22.83
C LEU F 28 11.05 41.86 24.35
N PRO F 29 12.19 42.05 25.05
CA PRO F 29 12.23 42.11 26.51
C PRO F 29 11.43 43.29 27.07
N VAL F 30 11.33 43.37 28.39
CA VAL F 30 10.55 44.43 29.04
C VAL F 30 11.42 45.63 29.40
N THR F 31 10.78 46.79 29.51
CA THR F 31 11.49 48.02 29.83
C THR F 31 10.71 48.89 30.81
N PRO F 32 11.41 49.59 31.72
CA PRO F 32 12.87 49.52 31.87
C PRO F 32 13.28 48.28 32.68
N TRP F 33 14.37 47.65 32.28
CA TRP F 33 14.85 46.44 32.93
C TRP F 33 16.25 46.66 33.50
N SER F 34 16.35 46.68 34.83
CA SER F 34 17.61 46.98 35.49
C SER F 34 18.21 45.77 36.21
N ILE F 35 19.53 45.61 36.06
CA ILE F 35 20.27 44.56 36.74
C ILE F 35 21.67 45.02 37.13
N GLU F 36 22.05 44.79 38.38
CA GLU F 36 23.39 45.14 38.87
C GLU F 36 23.76 46.59 38.60
N GLY F 37 22.76 47.47 38.64
CA GLY F 37 22.99 48.89 38.42
C GLY F 37 22.86 49.30 36.97
N LEU F 38 22.75 48.32 36.08
CA LEU F 38 22.62 48.58 34.65
C LEU F 38 21.16 48.60 34.21
N GLU F 39 20.72 49.75 33.70
CA GLU F 39 19.34 49.89 33.24
C GLU F 39 19.23 49.74 31.73
N PHE F 40 18.47 48.74 31.30
CA PHE F 40 18.22 48.53 29.87
C PHE F 40 16.82 49.03 29.51
N SER F 41 16.76 49.93 28.53
CA SER F 41 15.48 50.46 28.06
C SER F 41 15.49 50.74 26.57
N HIS F 42 14.50 50.19 25.86
CA HIS F 42 14.42 50.38 24.41
C HIS F 42 13.10 51.01 23.97
N ARG F 43 13.07 51.52 22.75
CA ARG F 43 11.88 52.17 22.20
C ARG F 43 11.84 52.02 20.68
N ILE F 44 11.17 50.97 20.22
CA ILE F 44 11.05 50.70 18.79
C ILE F 44 9.73 51.25 18.23
N ILE F 45 9.85 52.14 17.24
CA ILE F 45 8.68 52.75 16.63
C ILE F 45 8.49 52.28 15.19
N PRO F 46 7.68 51.23 15.00
CA PRO F 46 7.41 50.65 13.67
C PRO F 46 6.74 51.66 12.74
N SER F 47 7.00 51.52 11.45
CA SER F 47 6.40 52.41 10.45
C SER F 47 5.11 51.82 9.91
N LEU F 48 5.16 50.55 9.51
CA LEU F 48 3.99 49.85 9.01
C LEU F 48 3.73 48.57 9.80
N TYR F 49 3.49 48.73 11.09
CA TYR F 49 3.19 47.60 11.97
C TYR F 49 4.41 46.70 12.18
N LEU F 50 4.79 45.95 11.15
CA LEU F 50 5.95 45.08 11.23
C LEU F 50 7.24 45.85 10.95
N SER F 51 8.17 45.80 11.89
CA SER F 51 9.44 46.52 11.75
C SER F 51 10.62 45.58 11.58
N GLY F 52 11.64 46.05 10.88
CA GLY F 52 12.85 45.28 10.67
C GLY F 52 13.88 45.56 11.75
N ASP F 53 13.61 46.58 12.56
CA ASP F 53 14.50 46.93 13.66
C ASP F 53 14.12 46.14 14.92
N PHE F 54 15.09 45.40 15.45
CA PHE F 54 14.84 44.58 16.63
C PHE F 54 15.98 44.70 17.63
N VAL F 55 15.62 44.91 18.90
CA VAL F 55 16.60 45.02 19.96
C VAL F 55 16.35 43.96 21.04
N ASP F 56 17.42 43.34 21.50
CA ASP F 56 17.32 42.29 22.51
C ASP F 56 18.51 42.31 23.46
N TYR F 57 18.23 42.05 24.74
CA TYR F 57 19.28 41.92 25.74
C TYR F 57 18.92 40.87 26.79
N PHE F 58 19.83 39.93 27.02
CA PHE F 58 19.59 38.84 27.95
C PHE F 58 20.79 38.59 28.87
N ARG F 59 20.51 38.09 30.07
CA ARG F 59 21.56 37.82 31.04
C ARG F 59 22.28 36.52 30.75
N VAL F 60 23.54 36.43 31.17
CA VAL F 60 24.34 35.23 30.97
C VAL F 60 25.29 35.00 32.14
N ASP F 61 24.96 34.01 32.98
CA ASP F 61 25.81 33.62 34.10
C ASP F 61 25.84 34.63 35.24
N GLU F 62 25.10 35.73 35.09
CA GLU F 62 25.08 36.77 36.11
C GLU F 62 26.42 37.52 36.14
N ARG F 63 27.32 37.17 35.22
CA ARG F 63 28.63 37.78 35.14
C ARG F 63 28.77 38.55 33.83
N ARG F 64 28.11 38.04 32.79
CA ARG F 64 28.20 38.62 31.45
C ARG F 64 26.81 38.99 30.92
N VAL F 65 26.69 40.22 30.41
CA VAL F 65 25.43 40.68 29.86
C VAL F 65 25.59 41.03 28.38
N ALA F 66 24.74 40.46 27.54
CA ALA F 66 24.79 40.72 26.11
C ALA F 66 23.61 41.57 25.65
N PHE F 67 23.84 42.38 24.63
CA PHE F 67 22.81 43.26 24.10
C PHE F 67 23.18 43.68 22.69
N TYR F 68 22.17 43.97 21.87
CA TYR F 68 22.40 44.40 20.51
C TYR F 68 21.21 45.13 19.90
N LEU F 69 21.48 45.92 18.87
CA LEU F 69 20.44 46.62 18.12
C LEU F 69 20.62 46.32 16.64
N ALA F 70 19.69 45.57 16.07
CA ALA F 70 19.80 45.17 14.68
C ALA F 70 18.75 45.84 13.80
N ASP F 71 19.13 46.11 12.54
CA ASP F 71 18.22 46.67 11.56
C ASP F 71 18.38 45.94 10.23
N VAL F 72 17.37 45.16 9.87
CA VAL F 72 17.40 44.40 8.64
C VAL F 72 17.08 45.30 7.44
N SER F 73 17.55 44.92 6.26
CA SER F 73 17.39 45.72 5.06
C SER F 73 15.94 46.08 4.77
N GLY F 74 15.67 47.38 4.64
CA GLY F 74 14.33 47.87 4.38
C GLY F 74 13.43 47.76 5.59
N HIS F 75 12.13 47.64 5.35
CA HIS F 75 11.17 47.45 6.44
C HIS F 75 9.92 46.71 6.00
N GLY F 76 8.99 46.54 6.92
CA GLY F 76 7.76 45.82 6.63
C GLY F 76 7.86 44.34 6.95
N ALA F 77 6.91 43.56 6.43
CA ALA F 77 6.87 42.13 6.68
C ALA F 77 8.13 41.43 6.16
N SER F 78 8.51 41.76 4.93
CA SER F 78 9.69 41.15 4.29
C SER F 78 10.88 41.08 5.23
N SER F 79 11.10 42.15 5.98
CA SER F 79 12.24 42.24 6.88
C SER F 79 11.89 41.77 8.29
N ALA F 80 10.60 41.69 8.59
CA ALA F 80 10.14 41.27 9.90
C ALA F 80 10.39 39.78 10.15
N PHE F 81 10.58 39.03 9.06
CA PHE F 81 10.84 37.60 9.15
C PHE F 81 12.26 37.32 9.64
N VAL F 82 13.17 38.24 9.33
CA VAL F 82 14.57 38.09 9.69
C VAL F 82 14.78 38.25 11.20
N THR F 83 14.06 39.19 11.80
CA THR F 83 14.21 39.49 13.22
C THR F 83 13.87 38.29 14.08
N VAL F 84 12.85 37.54 13.66
CA VAL F 84 12.46 36.33 14.36
C VAL F 84 13.62 35.34 14.39
N LEU F 85 14.35 35.28 13.28
CA LEU F 85 15.51 34.42 13.18
C LEU F 85 16.63 34.86 14.12
N LEU F 86 16.87 36.18 14.20
CA LEU F 86 17.92 36.70 15.06
C LEU F 86 17.64 36.36 16.52
N LYS F 87 16.40 36.60 16.95
CA LYS F 87 15.96 36.26 18.29
C LYS F 87 16.13 34.77 18.55
N PHE F 88 15.96 33.97 17.50
CA PHE F 88 16.07 32.54 17.60
C PHE F 88 17.52 32.10 17.75
N MSE F 89 18.38 32.55 16.84
CA MSE F 89 19.79 32.18 16.84
C MSE F 89 20.49 32.56 18.16
O MSE F 89 21.27 31.78 18.70
CB MSE F 89 20.52 32.80 15.65
CG MSE F 89 19.83 32.56 14.32
SE MSE F 89 20.61 33.57 12.83
CE MSE F 89 22.21 32.51 12.54
N THR F 90 20.21 33.76 18.65
CA THR F 90 20.84 34.26 19.88
C THR F 90 20.54 33.38 21.08
N THR F 91 19.25 33.24 21.40
CA THR F 91 18.81 32.47 22.56
C THR F 91 19.26 31.01 22.47
N ARG F 92 19.41 30.52 21.25
CA ARG F 92 19.82 29.12 21.05
C ARG F 92 21.30 28.92 21.35
N LEU F 93 22.14 29.85 20.93
CA LEU F 93 23.57 29.75 21.18
C LEU F 93 23.87 29.65 22.67
N LEU F 94 23.04 30.30 23.48
CA LEU F 94 23.16 30.24 24.93
C LEU F 94 22.96 28.82 25.43
N TYR F 95 21.85 28.21 25.03
CA TYR F 95 21.53 26.84 25.42
C TYR F 95 22.53 25.86 24.84
N GLU F 96 23.12 26.22 23.70
CA GLU F 96 24.15 25.41 23.07
C GLU F 96 25.41 25.39 23.94
N SER F 97 25.42 26.26 24.95
CA SER F 97 26.56 26.36 25.86
C SER F 97 26.14 26.08 27.30
N ARG F 98 27.08 25.57 28.10
CA ARG F 98 26.83 25.33 29.52
C ARG F 98 27.19 26.55 30.35
N ARG F 99 26.29 26.92 31.26
CA ARG F 99 26.45 28.12 32.06
C ARG F 99 27.76 28.12 32.85
N ASN F 100 28.14 26.96 33.37
CA ASN F 100 29.36 26.83 34.16
C ASN F 100 30.06 25.49 33.97
N GLY F 101 31.33 25.43 34.35
CA GLY F 101 32.11 24.22 34.23
C GLY F 101 31.79 23.21 35.32
N PRO F 104 34.42 29.43 27.34
CA PRO F 104 35.10 29.11 26.08
C PRO F 104 35.47 30.35 25.27
N GLU F 105 35.98 31.39 25.94
CA GLU F 105 36.48 32.57 25.26
C GLU F 105 35.46 33.18 24.31
N PHE F 106 34.31 33.59 24.84
CA PHE F 106 33.22 34.12 24.03
C PHE F 106 33.49 35.54 23.53
N LYS F 107 33.17 35.78 22.27
CA LYS F 107 33.31 37.09 21.66
C LYS F 107 32.01 37.52 20.99
N PRO F 108 31.79 38.84 20.87
CA PRO F 108 30.62 39.35 20.16
C PRO F 108 30.74 39.11 18.67
N SER F 109 31.92 39.34 18.12
CA SER F 109 32.17 39.15 16.70
C SER F 109 31.95 37.69 16.30
N GLU F 110 32.40 36.77 17.16
CA GLU F 110 32.19 35.35 16.93
C GLU F 110 30.69 35.06 16.86
N VAL F 111 29.92 35.84 17.61
CA VAL F 111 28.47 35.72 17.57
C VAL F 111 27.93 36.28 16.26
N LEU F 112 28.40 37.46 15.89
CA LEU F 112 28.03 38.05 14.60
C LEU F 112 28.44 37.13 13.45
N ALA F 113 29.38 36.24 13.73
CA ALA F 113 29.85 35.27 12.75
C ALA F 113 28.79 34.20 12.51
N HIS F 114 28.28 33.65 13.60
CA HIS F 114 27.23 32.63 13.52
C HIS F 114 25.96 33.23 12.91
N ILE F 115 25.62 34.45 13.34
CA ILE F 115 24.51 35.17 12.76
C ILE F 115 24.71 35.32 11.26
N ASN F 116 25.95 35.58 10.86
CA ASN F 116 26.28 35.78 9.46
C ASN F 116 26.13 34.50 8.63
N ARG F 117 26.65 33.39 9.14
CA ARG F 117 26.58 32.11 8.44
C ARG F 117 25.14 31.66 8.19
N GLY F 118 24.27 31.84 9.18
CA GLY F 118 22.89 31.44 9.06
C GLY F 118 22.15 32.27 8.02
N LEU F 119 22.45 33.56 8.00
CA LEU F 119 21.81 34.50 7.10
C LEU F 119 22.34 34.37 5.67
N ILE F 120 23.64 34.11 5.56
CA ILE F 120 24.33 34.12 4.28
C ILE F 120 23.74 33.13 3.28
N ASN F 121 23.34 31.97 3.76
CA ASN F 121 22.80 30.94 2.88
C ASN F 121 21.28 30.91 2.93
N THR F 122 20.65 31.09 1.77
CA THR F 122 19.21 30.90 1.59
C THR F 122 18.30 32.05 2.01
N LYS F 123 18.90 33.18 2.42
CA LYS F 123 18.11 34.35 2.79
C LYS F 123 17.50 34.99 1.55
N LEU F 124 16.38 35.69 1.73
CA LEU F 124 15.72 36.35 0.61
C LEU F 124 16.36 37.70 0.32
N GLY F 125 17.65 37.68 0.04
CA GLY F 125 18.40 38.89 -0.23
C GLY F 125 18.36 39.86 0.94
N LYS F 126 18.36 39.33 2.15
CA LYS F 126 18.25 40.18 3.34
C LYS F 126 19.50 40.11 4.21
N HIS F 127 20.06 41.28 4.49
CA HIS F 127 21.25 41.37 5.33
C HIS F 127 20.95 42.24 6.55
N VAL F 128 21.61 41.97 7.66
CA VAL F 128 21.32 42.65 8.91
C VAL F 128 22.43 43.60 9.35
N THR F 129 22.04 44.75 9.90
CA THR F 129 22.98 45.74 10.41
C THR F 129 22.86 45.81 11.93
N MSE F 130 23.93 45.40 12.63
CA MSE F 130 23.86 45.26 14.08
C MSE F 130 24.94 46.04 14.83
O MSE F 130 26.02 46.32 14.30
CB MSE F 130 23.97 43.80 14.48
CG MSE F 130 23.23 42.83 13.58
SE MSE F 130 23.68 40.98 14.00
CE MSE F 130 22.88 40.87 15.78
N LEU F 131 24.63 46.38 16.08
CA LEU F 131 25.60 46.91 17.03
C LEU F 131 25.62 45.97 18.25
N GLY F 132 26.58 45.05 18.27
CA GLY F 132 26.66 44.07 19.33
C GLY F 132 27.57 44.49 20.48
N GLY F 133 27.25 44.04 21.68
CA GLY F 133 28.06 44.35 22.84
C GLY F 133 27.87 43.36 23.97
N VAL F 134 28.98 42.84 24.49
CA VAL F 134 28.96 41.97 25.66
C VAL F 134 29.63 42.68 26.83
N ILE F 135 28.91 42.78 27.94
CA ILE F 135 29.35 43.56 29.08
C ILE F 135 29.61 42.65 30.28
N ASP F 136 30.76 42.83 30.93
CA ASP F 136 31.08 42.07 32.13
C ASP F 136 30.81 42.93 33.36
N LEU F 137 29.83 42.52 34.16
CA LEU F 137 29.37 43.32 35.28
C LEU F 137 30.39 43.46 36.42
N GLU F 138 31.14 42.39 36.67
CA GLU F 138 32.01 42.37 37.83
C GLU F 138 33.37 43.04 37.58
N LYS F 139 33.76 43.17 36.32
CA LYS F 139 35.00 43.87 35.99
C LYS F 139 34.76 45.13 35.16
N ASN F 140 33.50 45.56 35.10
CA ASN F 140 33.12 46.81 34.45
C ASN F 140 33.65 46.96 33.03
N SER F 141 33.71 45.87 32.28
CA SER F 141 34.21 45.91 30.92
C SER F 141 33.12 45.72 29.88
N LEU F 142 33.15 46.52 28.82
CA LEU F 142 32.20 46.43 27.74
C LEU F 142 32.90 46.18 26.42
N THR F 143 32.66 45.01 25.83
CA THR F 143 33.25 44.65 24.55
C THR F 143 32.20 44.70 23.45
N TYR F 144 32.29 45.72 22.59
CA TYR F 144 31.34 45.88 21.51
C TYR F 144 31.91 45.49 20.15
N SER F 145 31.07 44.94 19.30
CA SER F 145 31.45 44.62 17.93
C SER F 145 30.44 45.23 16.96
N ILE F 146 30.93 46.05 16.04
CA ILE F 146 30.08 46.75 15.10
C ILE F 146 30.12 46.09 13.73
N GLY F 147 28.96 45.63 13.26
CA GLY F 147 28.89 44.89 12.02
C GLY F 147 28.30 45.67 10.85
N GLY F 148 27.40 46.59 11.15
CA GLY F 148 26.75 47.37 10.12
C GLY F 148 27.28 48.78 10.00
N HIS F 149 26.73 49.54 9.05
CA HIS F 149 27.18 50.92 8.79
C HIS F 149 26.29 51.94 9.50
N LEU F 150 25.32 51.44 10.26
CA LEU F 150 24.37 52.30 10.97
C LEU F 150 25.10 53.21 11.98
N PRO F 151 24.40 54.24 12.49
CA PRO F 151 24.95 55.23 13.42
C PRO F 151 25.59 54.60 14.66
N LEU F 152 26.88 54.85 14.85
CA LEU F 152 27.63 54.31 15.98
C LEU F 152 26.95 54.59 17.32
N PRO F 153 27.33 53.84 18.36
CA PRO F 153 26.77 54.01 19.70
C PRO F 153 27.16 55.36 20.32
N VAL F 154 26.27 55.92 21.12
CA VAL F 154 26.51 57.21 21.76
C VAL F 154 26.75 57.05 23.26
N LEU F 155 28.00 57.25 23.68
CA LEU F 155 28.36 57.16 25.09
C LEU F 155 28.10 58.47 25.83
N PHE F 156 27.36 58.39 26.93
CA PHE F 156 27.02 59.58 27.71
C PHE F 156 27.60 59.52 29.12
N VAL F 157 28.51 60.43 29.43
CA VAL F 157 29.15 60.47 30.74
C VAL F 157 29.25 61.88 31.29
N GLU F 158 28.49 62.15 32.35
CA GLU F 158 28.55 63.44 33.05
C GLU F 158 28.54 64.63 32.09
N GLY F 159 27.53 64.68 31.23
CA GLY F 159 27.32 65.84 30.36
C GLY F 159 27.99 65.74 28.99
N GLN F 160 28.50 64.56 28.66
CA GLN F 160 29.15 64.37 27.37
C GLN F 160 28.49 63.26 26.56
N ALA F 161 28.79 63.25 25.25
CA ALA F 161 28.29 62.21 24.35
C ALA F 161 29.22 62.12 23.14
N GLY F 162 29.58 60.90 22.77
CA GLY F 162 30.50 60.69 21.66
C GLY F 162 30.42 59.29 21.08
N TYR F 163 30.81 59.15 19.82
CA TYR F 163 30.76 57.88 19.13
C TYR F 163 31.93 56.96 19.51
N LEU F 164 31.73 55.66 19.35
CA LEU F 164 32.77 54.69 19.61
C LEU F 164 33.33 54.18 18.28
N GLU F 165 34.58 54.50 18.02
CA GLU F 165 35.21 54.16 16.75
C GLU F 165 35.17 52.65 16.47
N GLY F 166 34.78 52.30 15.25
CA GLY F 166 34.70 50.92 14.85
C GLY F 166 34.25 50.75 13.42
N ARG F 167 34.57 49.60 12.83
CA ARG F 167 34.17 49.30 11.46
C ARG F 167 34.16 47.80 11.22
N PRO F 170 27.51 45.31 7.25
CA PRO F 170 27.01 44.32 6.29
C PRO F 170 27.06 42.91 6.86
N VAL F 171 25.91 42.33 7.15
CA VAL F 171 25.83 40.98 7.69
C VAL F 171 24.89 40.11 6.87
N GLY F 172 25.45 39.18 6.11
CA GLY F 172 24.64 38.25 5.34
C GLY F 172 24.67 38.46 3.85
N LEU F 173 25.49 39.40 3.38
CA LEU F 173 25.63 39.63 1.95
C LEU F 173 27.05 39.35 1.46
N PHE F 174 27.90 38.87 2.35
CA PHE F 174 29.24 38.41 1.99
C PHE F 174 29.48 37.04 2.60
N ASP F 175 30.36 36.25 1.99
CA ASP F 175 30.63 34.90 2.46
C ASP F 175 31.71 34.84 3.56
N ASP F 176 32.63 35.78 3.53
CA ASP F 176 33.70 35.82 4.53
C ASP F 176 33.46 36.92 5.57
N ALA F 177 33.41 36.54 6.84
CA ALA F 177 32.93 37.40 7.92
C ALA F 177 33.63 38.76 8.08
N THR F 178 34.88 38.73 8.53
CA THR F 178 35.66 39.95 8.81
C THR F 178 34.99 40.89 9.81
N TYR F 179 34.80 40.42 11.04
CA TYR F 179 34.16 41.21 12.08
C TYR F 179 35.14 41.65 13.18
N ASP F 180 35.26 42.96 13.36
CA ASP F 180 36.18 43.52 14.34
C ASP F 180 35.49 43.87 15.65
N ASP F 181 36.12 43.52 16.77
CA ASP F 181 35.56 43.80 18.10
C ASP F 181 36.54 44.56 19.00
N ARG F 182 36.01 45.46 19.81
CA ARG F 182 36.83 46.31 20.67
C ARG F 182 36.37 46.25 22.13
N VAL F 183 37.32 46.44 23.04
CA VAL F 183 37.03 46.47 24.48
C VAL F 183 37.03 47.90 24.99
N MSE F 184 36.25 48.16 26.04
CA MSE F 184 36.20 49.49 26.63
C MSE F 184 35.80 49.42 28.11
O MSE F 184 34.89 48.67 28.47
CB MSE F 184 35.22 50.38 25.87
CG MSE F 184 35.03 51.76 26.47
SE MSE F 184 33.64 52.80 25.58
CE MSE F 184 32.14 51.57 25.81
N GLU F 185 36.48 50.19 28.94
CA GLU F 185 36.14 50.24 30.37
C GLU F 185 34.93 51.11 30.61
N LEU F 186 34.30 50.96 31.77
CA LEU F 186 33.10 51.69 32.11
C LEU F 186 33.26 52.53 33.36
N PRO F 187 32.90 53.82 33.28
CA PRO F 187 32.90 54.73 34.43
C PRO F 187 31.80 54.35 35.41
N PRO F 188 31.84 54.92 36.62
CA PRO F 188 30.78 54.68 37.61
C PRO F 188 29.43 55.16 37.08
N SER F 189 29.45 56.26 36.32
CA SER F 189 28.22 56.81 35.75
C SER F 189 28.33 56.99 34.23
N PHE F 190 27.76 56.05 33.49
CA PHE F 190 27.77 56.12 32.03
C PHE F 190 26.40 55.83 31.45
N SER F 191 26.22 56.12 30.17
CA SER F 191 24.96 55.88 29.49
C SER F 191 25.16 55.74 27.98
N LEU F 192 25.26 54.50 27.52
CA LEU F 192 25.47 54.21 26.10
C LEU F 192 24.14 54.09 25.36
N SER F 193 24.08 54.60 24.14
CA SER F 193 22.84 54.61 23.36
C SER F 193 23.04 54.12 21.93
N LEU F 194 22.29 53.11 21.55
CA LEU F 194 22.33 52.59 20.19
C LEU F 194 21.13 53.12 19.42
N PHE F 195 21.35 53.50 18.16
CA PHE F 195 20.28 54.07 17.36
C PHE F 195 20.14 53.40 15.99
N SER F 196 18.97 53.54 15.40
CA SER F 196 18.70 52.94 14.09
C SER F 196 19.05 53.90 12.96
N ASP F 197 18.73 53.51 11.73
CA ASP F 197 19.09 54.30 10.56
C ASP F 197 18.50 55.71 10.56
N GLY F 198 17.32 55.88 11.12
CA GLY F 198 16.66 57.17 11.09
C GLY F 198 16.94 58.05 12.28
N ILE F 199 17.61 59.18 12.06
CA ILE F 199 17.74 60.18 13.12
C ILE F 199 16.43 60.96 13.20
N LEU F 200 15.97 61.44 12.05
CA LEU F 200 14.67 62.09 11.93
C LEU F 200 14.36 63.03 13.09
N ASP F 201 15.13 64.12 13.20
CA ASP F 201 14.87 65.14 14.20
C ASP F 201 13.97 66.23 13.64
N VAL F 202 13.09 66.77 14.48
CA VAL F 202 12.15 67.79 14.03
C VAL F 202 12.87 68.97 13.40
N LEU F 203 13.99 69.36 14.01
CA LEU F 203 14.88 70.35 13.41
C LEU F 203 15.52 69.70 12.18
N PRO F 204 15.51 70.43 11.05
CA PRO F 204 15.94 69.90 9.75
C PRO F 204 17.29 69.19 9.78
N GLY F 205 18.35 69.88 10.19
CA GLY F 205 19.69 69.34 10.05
C GLY F 205 19.85 68.90 8.61
N ALA F 206 19.23 69.66 7.72
CA ALA F 206 19.05 69.26 6.33
C ALA F 206 20.30 69.41 5.47
N THR F 207 20.34 68.62 4.40
CA THR F 207 21.36 68.74 3.35
C THR F 207 22.66 68.00 3.65
N LEU F 208 22.80 67.48 4.87
CA LEU F 208 24.06 66.85 5.25
C LEU F 208 23.88 65.52 5.98
N LYS F 209 24.32 64.44 5.33
CA LYS F 209 24.36 63.12 5.97
C LYS F 209 25.43 63.11 7.05
N GLU F 210 26.55 63.77 6.76
CA GLU F 210 27.67 63.84 7.69
C GLU F 210 27.36 64.72 8.88
N LYS F 211 26.67 65.84 8.63
CA LYS F 211 26.29 66.75 9.71
C LYS F 211 25.13 66.17 10.52
N GLU F 212 24.38 65.28 9.90
CA GLU F 212 23.32 64.56 10.60
C GLU F 212 23.93 63.39 11.36
N ALA F 213 25.21 63.14 11.12
CA ALA F 213 25.93 62.08 11.80
C ALA F 213 26.75 62.61 12.97
N SER F 214 26.91 63.94 13.02
CA SER F 214 27.61 64.58 14.12
C SER F 214 26.62 65.30 15.03
N LEU F 215 25.34 65.20 14.68
CA LEU F 215 24.27 65.84 15.44
C LEU F 215 23.76 64.98 16.59
N PRO F 216 23.53 63.68 16.33
CA PRO F 216 23.02 62.78 17.37
C PRO F 216 23.88 62.82 18.64
N GLU F 217 25.20 62.85 18.45
CA GLU F 217 26.12 62.94 19.58
C GLU F 217 25.90 64.24 20.35
N GLN F 218 25.54 65.30 19.63
CA GLN F 218 25.31 66.60 20.25
C GLN F 218 23.94 66.70 20.91
N VAL F 219 22.91 66.25 20.20
CA VAL F 219 21.54 66.31 20.71
C VAL F 219 21.30 65.30 21.82
N ALA F 220 22.09 64.24 21.85
CA ALA F 220 21.97 63.22 22.87
C ALA F 220 22.50 63.71 24.21
N ALA F 221 23.52 64.56 24.16
CA ALA F 221 24.11 65.13 25.37
C ALA F 221 23.20 66.21 25.95
N ALA F 222 22.92 67.24 25.14
CA ALA F 222 22.07 68.34 25.58
C ALA F 222 20.73 67.86 26.10
N GLY F 223 20.26 66.74 25.55
CA GLY F 223 18.99 66.17 25.96
C GLY F 223 19.14 65.11 27.02
N GLY F 224 18.03 64.76 27.67
CA GLY F 224 18.02 63.74 28.71
C GLY F 224 18.47 62.39 28.17
N THR F 225 19.56 61.87 28.75
CA THR F 225 20.13 60.62 28.30
C THR F 225 19.21 59.43 28.54
N LEU F 226 18.19 59.62 29.36
CA LEU F 226 17.27 58.53 29.69
C LEU F 226 16.21 58.34 28.62
N ASP F 227 15.56 57.18 28.64
CA ASP F 227 14.50 56.88 27.70
C ASP F 227 13.34 57.85 27.87
N GLY F 228 13.23 58.46 29.05
CA GLY F 228 12.18 59.42 29.32
C GLY F 228 12.02 60.40 28.18
N LEU F 229 13.14 60.94 27.71
CA LEU F 229 13.15 61.85 26.57
C LEU F 229 12.81 61.12 25.28
N ARG F 230 13.31 59.89 25.15
CA ARG F 230 13.08 59.09 23.96
C ARG F 230 11.62 58.68 23.82
N GLN F 231 10.98 58.36 24.94
CA GLN F 231 9.58 57.94 24.93
C GLN F 231 8.71 59.03 24.33
N VAL F 232 8.88 60.25 24.81
CA VAL F 232 8.03 61.37 24.40
C VAL F 232 8.14 61.70 22.92
N PHE F 233 9.37 61.89 22.45
CA PHE F 233 9.60 62.18 21.03
C PHE F 233 8.92 61.15 20.13
N PRO F 242 8.54 56.56 7.50
CA PRO F 242 9.62 56.39 6.52
C PRO F 242 10.36 55.08 6.73
N ASP F 243 11.45 55.13 7.50
CA ASP F 243 12.20 53.94 7.87
C ASP F 243 12.00 53.69 9.36
N ASP F 244 11.99 52.42 9.75
CA ASP F 244 11.81 52.05 11.15
C ASP F 244 12.83 52.72 12.05
N ILE F 245 12.39 53.13 13.24
CA ILE F 245 13.29 53.75 14.20
C ILE F 245 13.25 52.98 15.52
N ALA F 246 14.43 52.68 16.06
CA ALA F 246 14.54 51.96 17.32
C ALA F 246 15.84 52.31 18.03
N LEU F 247 15.79 52.43 19.35
CA LEU F 247 16.96 52.79 20.13
C LEU F 247 17.08 51.96 21.41
N LEU F 248 18.33 51.71 21.83
CA LEU F 248 18.60 51.03 23.08
C LEU F 248 19.54 51.87 23.92
N VAL F 249 19.14 52.15 25.16
CA VAL F 249 20.00 52.89 26.07
C VAL F 249 20.36 52.04 27.30
N LEU F 250 21.64 51.93 27.57
CA LEU F 250 22.14 51.23 28.75
C LEU F 250 22.87 52.23 29.65
N SER F 251 22.37 52.40 30.87
CA SER F 251 22.92 53.41 31.78
C SER F 251 23.30 52.86 33.16
N ARG F 252 23.89 53.72 33.99
CA ARG F 252 24.43 53.31 35.27
C ARG F 252 24.75 54.52 36.13
N ASN F 253 23.75 55.04 36.82
CA ASN F 253 23.94 56.22 37.63
C ASN F 253 23.27 56.03 38.99
N LEU F 254 23.53 56.92 39.94
CA LEU F 254 22.85 56.91 41.23
C LEU F 254 23.73 56.36 42.35
MG MG G . -15.84 -33.04 -22.70
MG MG H . 29.31 -21.37 24.45
MG MG I . 13.37 -8.35 -6.71
MG MG J . 14.87 -11.62 -4.52
MG MG K . -1.44 26.37 8.20
MG MG L . 16.01 49.58 7.27
MG MG M . 16.14 51.71 10.28
#